data_8IDP
#
_entry.id   8IDP
#
_cell.length_a   138.457
_cell.length_b   120.072
_cell.length_c   122.834
_cell.angle_alpha   90.00
_cell.angle_beta   90.00
_cell.angle_gamma   90.00
#
_symmetry.space_group_name_H-M   'P 21 21 2'
#
loop_
_entity.id
_entity.type
_entity.pdbx_description
1 polymer 'Reducing-end xylose-releasing exoxylanase Xyn30A'
2 branched alpha-D-mannopyranose-(1-2)-alpha-D-mannopyranose-(1-2)-alpha-D-mannopyranose-(1-3)-[alpha-D-mannopyranose-(1-2)-alpha-D-mannopyranose-(1-3)-[alpha-D-mannopyranose-(1-2)-alpha-D-mannopyranose-(1-6)]alpha-D-mannopyranose-(1-6)]beta-D-mannopyranose-(1-4)-2-acetamido-2-deoxy-beta-D-glucopyranose-(1-4)-2-acetamido-2-deoxy-beta-D-glucopyranose
3 branched alpha-D-mannopyranose-(1-3)-alpha-D-mannopyranose-(1-6)-[alpha-D-mannopyranose-(1-3)]beta-D-mannopyranose-(1-4)-2-acetamido-2-deoxy-beta-D-glucopyranose-(1-4)-2-acetamido-2-deoxy-beta-D-glucopyranose
4 branched 2-acetamido-2-deoxy-beta-D-glucopyranose-(1-4)-2-acetamido-2-deoxy-beta-D-glucopyranose
5 branched alpha-D-mannopyranose-(1-2)-alpha-D-mannopyranose-(1-6)-[alpha-D-mannopyranose-(1-3)]alpha-D-mannopyranose-(1-6)-[alpha-D-mannopyranose-(1-2)-alpha-D-mannopyranose-(1-3)]beta-D-mannopyranose-(1-4)-2-acetamido-2-deoxy-beta-D-glucopyranose-(1-4)-2-acetamido-2-deoxy-beta-D-glucopyranose
6 branched alpha-D-mannopyranose-(1-3)-[alpha-D-mannopyranose-(1-6)]beta-D-mannopyranose-(1-4)-2-acetamido-2-deoxy-beta-D-glucopyranose-(1-4)-2-acetamido-2-deoxy-beta-D-glucopyranose
7 branched alpha-D-mannopyranose-(1-2)-alpha-D-mannopyranose-(1-3)-[alpha-D-mannopyranose-(1-2)-alpha-D-mannopyranose-(1-6)]alpha-D-mannopyranose-(1-6)-[alpha-D-mannopyranose-(1-3)]beta-D-mannopyranose-(1-4)-2-acetamido-2-deoxy-beta-D-glucopyranose-(1-4)-2-acetamido-2-deoxy-beta-D-glucopyranose
8 non-polymer 2-acetamido-2-deoxy-beta-D-glucopyranose
9 non-polymer GLYCEROL
10 non-polymer 'TETRAETHYLENE GLYCOL'
11 non-polymer DI(HYDROXYETHYL)ETHER
12 water water
#
_entity_poly.entity_id   1
_entity_poly.type   'polypeptide(L)'
_entity_poly.pdbx_seq_one_letter_code
;MRHPIPILAVLGRASAWSYSQTLSANIQVNALQRYQEMIGGGCSGAFGWACQQFPTTGLTPENQEEVTKILFDENIGGLS
IVRNDIGSSPGSTILPTCPATPAGPFNYQWDGSDSCQFNLTKTALKYNPELYVYANAWSAPGCMKTVGTENDGGQICGVR
GTNCTYDWRQAYADYLVQYVKFYQAEGIDISLLGAWNEPDFNPVTYESMESDGFQAKDFLEILYPTVKKAFPNLDVSCCD
ATGARQERNILYEVQQAGGEHFFDVATWHNYQSSPERPFNVVGKPNIMTEWADGSGPWNTTWDVSGQLAEGLQWALYMHN
AFTNSDTSGYNHWWCAGGGADNVLISITGNSYEVSSRLWAFASYFRFARPGSVRIGATSSVENVYVSAYENKNGTVSIPV
INAAHFPYEVTIDLQGLKARKRVSTFLTDNSHNVTLMDQSELHGSVLKATVPPRAVQVFWLE
;
_entity_poly.pdbx_strand_id   A,C,B,D
#
loop_
_chem_comp.id
_chem_comp.type
_chem_comp.name
_chem_comp.formula
BMA D-saccharide, beta linking beta-D-mannopyranose 'C6 H12 O6'
GOL non-polymer GLYCEROL 'C3 H8 O3'
MAN D-saccharide, alpha linking alpha-D-mannopyranose 'C6 H12 O6'
NAG D-saccharide, beta linking 2-acetamido-2-deoxy-beta-D-glucopyranose 'C8 H15 N O6'
PEG non-polymer DI(HYDROXYETHYL)ETHER 'C4 H10 O3'
PG4 non-polymer 'TETRAETHYLENE GLYCOL' 'C8 H18 O5'
#
# COMPACT_ATOMS: atom_id res chain seq x y z
N TRP A 17 -22.51 -3.33 0.51
CA TRP A 17 -22.30 -1.92 0.26
C TRP A 17 -20.89 -1.70 -0.31
N SER A 18 -20.68 -0.57 -0.99
CA SER A 18 -19.37 -0.24 -1.53
C SER A 18 -19.22 1.27 -1.65
N TYR A 19 -18.00 1.72 -1.94
CA TYR A 19 -17.78 3.13 -2.20
C TYR A 19 -16.70 3.30 -3.27
N SER A 20 -16.46 4.54 -3.64
N SER A 20 -16.47 4.55 -3.63
CA SER A 20 -15.56 4.86 -4.73
CA SER A 20 -15.56 4.88 -4.73
C SER A 20 -14.15 5.04 -4.21
C SER A 20 -14.14 5.04 -4.20
N GLN A 21 -13.25 4.16 -4.67
CA GLN A 21 -11.85 4.15 -4.30
C GLN A 21 -11.28 3.03 -5.16
N THR A 22 -10.06 3.15 -5.67
CA THR A 22 -9.42 2.04 -6.36
C THR A 22 -8.02 1.83 -5.81
N LEU A 23 -7.69 0.58 -5.49
CA LEU A 23 -6.32 0.23 -5.16
C LEU A 23 -5.89 -0.92 -6.07
N SER A 24 -4.63 -1.33 -5.98
CA SER A 24 -4.11 -2.38 -6.85
C SER A 24 -3.63 -3.57 -6.03
N ALA A 25 -3.60 -4.72 -6.68
CA ALA A 25 -3.09 -5.95 -6.07
C ALA A 25 -2.27 -6.69 -7.12
N ASN A 26 -1.15 -7.27 -6.69
N ASN A 26 -1.13 -7.24 -6.69
CA ASN A 26 -0.29 -8.07 -7.55
CA ASN A 26 -0.31 -8.08 -7.53
C ASN A 26 -0.46 -9.54 -7.19
C ASN A 26 -0.55 -9.54 -7.17
N ILE A 27 -0.77 -10.37 -8.18
CA ILE A 27 -1.01 -11.79 -8.00
C ILE A 27 0.01 -12.57 -8.83
N GLN A 28 0.54 -13.63 -8.23
CA GLN A 28 1.44 -14.54 -8.94
C GLN A 28 0.86 -15.95 -8.89
N VAL A 29 0.76 -16.57 -10.05
CA VAL A 29 0.24 -17.92 -10.20
C VAL A 29 1.35 -18.78 -10.78
N ASN A 30 1.65 -19.91 -10.14
CA ASN A 30 2.78 -20.73 -10.53
C ASN A 30 2.34 -22.18 -10.58
N ALA A 31 2.25 -22.74 -11.78
CA ALA A 31 1.88 -24.14 -11.95
C ALA A 31 2.98 -25.11 -11.54
N LEU A 32 4.18 -24.62 -11.24
CA LEU A 32 5.23 -25.47 -10.73
C LEU A 32 5.04 -25.84 -9.25
N GLN A 33 4.31 -25.03 -8.50
CA GLN A 33 3.94 -25.37 -7.12
C GLN A 33 2.58 -26.05 -7.16
N ARG A 34 2.50 -27.25 -6.60
CA ARG A 34 1.34 -28.10 -6.78
C ARG A 34 0.91 -28.63 -5.41
N TYR A 35 -0.40 -28.61 -5.17
CA TYR A 35 -0.95 -29.03 -3.89
C TYR A 35 -1.94 -30.18 -4.09
N GLN A 36 -3.14 -30.06 -3.53
CA GLN A 36 -4.06 -31.19 -3.47
C GLN A 36 -4.76 -31.41 -4.80
N GLU A 37 -5.17 -32.65 -5.02
CA GLU A 37 -6.04 -33.00 -6.14
C GLU A 37 -7.48 -32.78 -5.70
N MET A 38 -8.22 -31.97 -6.46
CA MET A 38 -9.64 -31.68 -6.18
C MET A 38 -10.59 -32.82 -6.55
N ILE A 39 -11.63 -32.94 -5.74
CA ILE A 39 -12.68 -33.92 -5.94
C ILE A 39 -13.96 -33.24 -6.42
N GLY A 40 -14.39 -32.17 -5.75
CA GLY A 40 -15.51 -31.37 -6.20
C GLY A 40 -16.38 -30.90 -5.05
N GLY A 41 -17.55 -30.37 -5.42
CA GLY A 41 -18.52 -29.90 -4.43
C GLY A 41 -19.76 -30.77 -4.44
N GLY A 42 -20.59 -30.72 -3.41
CA GLY A 42 -21.81 -31.50 -3.47
C GLY A 42 -22.74 -31.26 -2.28
N CYS A 43 -23.62 -32.24 -2.05
CA CYS A 43 -24.68 -32.11 -1.07
C CYS A 43 -25.31 -33.49 -0.85
N SER A 44 -26.29 -33.55 0.05
CA SER A 44 -26.94 -34.79 0.46
C SER A 44 -28.46 -34.70 0.28
N GLY A 45 -29.10 -35.84 0.08
CA GLY A 45 -30.55 -35.90 0.14
C GLY A 45 -31.03 -36.82 1.24
N ALA A 46 -30.20 -36.98 2.28
CA ALA A 46 -30.51 -37.89 3.37
C ALA A 46 -31.78 -37.47 4.11
N PHE A 47 -32.34 -38.43 4.85
CA PHE A 47 -33.45 -38.20 5.76
C PHE A 47 -34.71 -37.72 5.03
N GLY A 48 -34.88 -38.20 3.80
CA GLY A 48 -36.07 -37.90 3.01
C GLY A 48 -35.97 -36.62 2.22
N TRP A 49 -34.87 -35.88 2.32
CA TRP A 49 -34.75 -34.68 1.50
C TRP A 49 -34.72 -35.02 0.02
N ALA A 50 -34.17 -36.19 -0.36
CA ALA A 50 -34.28 -36.56 -1.78
C ALA A 50 -35.73 -36.74 -2.19
N CYS A 51 -36.61 -37.14 -1.26
CA CYS A 51 -38.02 -37.25 -1.60
C CYS A 51 -38.72 -35.90 -1.68
N GLN A 52 -38.15 -34.87 -1.07
CA GLN A 52 -38.66 -33.51 -1.30
C GLN A 52 -38.20 -32.99 -2.65
N GLN A 53 -37.02 -33.42 -3.10
CA GLN A 53 -36.52 -33.04 -4.42
C GLN A 53 -37.23 -33.81 -5.52
N PHE A 54 -37.70 -35.03 -5.23
CA PHE A 54 -38.45 -35.86 -6.18
C PHE A 54 -39.77 -36.25 -5.55
N PRO A 55 -40.69 -35.31 -5.34
CA PRO A 55 -41.89 -35.60 -4.57
C PRO A 55 -42.99 -36.21 -5.43
N THR A 56 -43.95 -36.87 -4.76
CA THR A 56 -45.06 -37.48 -5.50
C THR A 56 -46.15 -36.48 -5.85
N THR A 57 -46.17 -35.31 -5.21
CA THR A 57 -47.04 -34.21 -5.57
C THR A 57 -46.25 -32.92 -5.43
N GLY A 58 -46.75 -31.86 -6.07
CA GLY A 58 -46.08 -30.58 -5.98
C GLY A 58 -45.16 -30.35 -7.15
N LEU A 59 -43.84 -30.41 -6.91
CA LEU A 59 -42.87 -30.16 -7.96
C LEU A 59 -43.05 -31.15 -9.11
N THR A 60 -43.24 -30.63 -10.33
CA THR A 60 -43.48 -31.51 -11.46
C THR A 60 -42.22 -32.30 -11.78
N PRO A 61 -42.34 -33.44 -12.47
CA PRO A 61 -41.13 -34.17 -12.90
C PRO A 61 -40.17 -33.31 -13.70
N GLU A 62 -40.67 -32.41 -14.55
CA GLU A 62 -39.77 -31.56 -15.33
C GLU A 62 -38.99 -30.60 -14.44
N ASN A 63 -39.62 -30.09 -13.38
CA ASN A 63 -38.92 -29.23 -12.44
C ASN A 63 -38.00 -30.02 -11.52
N GLN A 64 -38.34 -31.27 -11.22
CA GLN A 64 -37.40 -32.12 -10.49
C GLN A 64 -36.11 -32.27 -11.29
N GLU A 65 -36.24 -32.50 -12.60
CA GLU A 65 -35.03 -32.62 -13.43
C GLU A 65 -34.26 -31.31 -13.45
N GLU A 66 -34.98 -30.18 -13.57
CA GLU A 66 -34.31 -28.89 -13.67
C GLU A 66 -33.55 -28.55 -12.41
N VAL A 67 -34.13 -28.84 -11.23
CA VAL A 67 -33.42 -28.60 -9.97
C VAL A 67 -32.14 -29.42 -9.91
N THR A 68 -32.21 -30.69 -10.31
CA THR A 68 -31.04 -31.55 -10.27
C THR A 68 -29.98 -31.10 -11.26
N LYS A 69 -30.41 -30.65 -12.44
CA LYS A 69 -29.51 -30.12 -13.44
C LYS A 69 -28.83 -28.85 -12.95
N ILE A 70 -29.58 -27.94 -12.32
CA ILE A 70 -28.95 -26.74 -11.78
C ILE A 70 -27.84 -27.10 -10.82
N LEU A 71 -28.03 -28.13 -10.00
CA LEU A 71 -26.99 -28.55 -9.06
C LEU A 71 -25.79 -29.19 -9.77
N PHE A 72 -26.04 -30.20 -10.63
CA PHE A 72 -24.97 -31.10 -11.04
C PHE A 72 -24.49 -30.92 -12.48
N ASP A 73 -25.16 -30.08 -13.28
CA ASP A 73 -24.64 -29.72 -14.60
C ASP A 73 -23.32 -28.97 -14.44
N GLU A 74 -22.28 -29.40 -15.15
CA GLU A 74 -20.98 -28.75 -15.04
C GLU A 74 -21.09 -27.26 -15.39
N ASN A 75 -22.03 -26.90 -16.26
CA ASN A 75 -22.16 -25.51 -16.71
C ASN A 75 -22.96 -24.63 -15.76
N ILE A 76 -23.57 -25.19 -14.72
CA ILE A 76 -24.39 -24.38 -13.83
C ILE A 76 -23.82 -24.44 -12.42
N GLY A 77 -24.36 -25.30 -11.57
CA GLY A 77 -23.83 -25.41 -10.22
C GLY A 77 -22.45 -26.06 -10.17
N GLY A 78 -22.17 -26.97 -11.10
CA GLY A 78 -20.89 -27.65 -11.20
C GLY A 78 -20.59 -28.69 -10.13
N LEU A 79 -21.59 -29.14 -9.38
CA LEU A 79 -21.33 -30.05 -8.27
C LEU A 79 -21.06 -31.46 -8.79
N SER A 80 -20.35 -32.24 -7.96
CA SER A 80 -20.01 -33.61 -8.32
C SER A 80 -20.23 -34.64 -7.23
N ILE A 81 -20.36 -34.24 -5.98
CA ILE A 81 -20.49 -35.19 -4.87
C ILE A 81 -21.95 -35.32 -4.48
N VAL A 82 -22.44 -36.54 -4.43
CA VAL A 82 -23.70 -36.85 -3.80
C VAL A 82 -23.40 -37.69 -2.57
N ARG A 83 -23.86 -37.24 -1.43
CA ARG A 83 -23.61 -37.94 -0.17
C ARG A 83 -24.93 -38.57 0.29
N ASN A 84 -24.96 -39.89 0.32
CA ASN A 84 -26.16 -40.65 0.66
C ASN A 84 -26.03 -41.29 2.05
N ASP A 85 -27.12 -41.30 2.80
CA ASP A 85 -27.18 -41.96 4.11
C ASP A 85 -27.46 -43.45 3.91
N ILE A 86 -26.53 -44.30 4.35
CA ILE A 86 -26.82 -45.72 4.47
C ILE A 86 -27.74 -45.88 5.67
N GLY A 87 -29.05 -45.91 5.42
CA GLY A 87 -30.01 -45.75 6.48
C GLY A 87 -30.08 -46.94 7.43
N SER A 88 -30.53 -46.65 8.66
CA SER A 88 -30.59 -47.63 9.75
C SER A 88 -31.93 -47.58 10.47
N SER A 89 -32.88 -46.78 9.97
CA SER A 89 -34.17 -46.57 10.59
C SER A 89 -35.23 -47.45 9.93
N PRO A 90 -36.33 -47.72 10.63
CA PRO A 90 -37.42 -48.47 10.02
C PRO A 90 -37.84 -47.85 8.70
N GLY A 91 -37.86 -48.66 7.65
CA GLY A 91 -38.26 -48.21 6.34
C GLY A 91 -37.16 -47.63 5.48
N SER A 92 -35.99 -47.34 6.06
CA SER A 92 -34.89 -46.74 5.31
C SER A 92 -33.63 -47.60 5.26
N THR A 93 -33.67 -48.83 5.77
CA THR A 93 -32.47 -49.65 5.90
C THR A 93 -32.56 -50.88 5.00
N ILE A 94 -31.40 -51.33 4.49
CA ILE A 94 -31.38 -52.57 3.73
C ILE A 94 -31.45 -53.80 4.61
N LEU A 95 -31.49 -53.64 5.94
CA LEU A 95 -31.62 -54.77 6.85
C LEU A 95 -32.80 -54.48 7.77
N PRO A 96 -34.03 -54.62 7.26
CA PRO A 96 -35.21 -54.29 8.06
C PRO A 96 -35.33 -55.11 9.34
N THR A 97 -34.95 -56.39 9.28
CA THR A 97 -34.96 -57.29 10.42
C THR A 97 -33.57 -57.91 10.55
N CYS A 98 -33.03 -57.89 11.77
CA CYS A 98 -31.72 -58.44 12.10
C CYS A 98 -31.82 -59.92 12.48
N PRO A 99 -30.83 -60.72 12.11
CA PRO A 99 -30.68 -62.04 12.70
C PRO A 99 -30.32 -61.91 14.17
N ALA A 100 -30.48 -63.01 14.90
CA ALA A 100 -30.17 -62.97 16.32
C ALA A 100 -28.67 -62.84 16.58
N THR A 101 -27.84 -63.42 15.73
CA THR A 101 -26.40 -63.41 15.88
C THR A 101 -25.76 -62.98 14.57
N PRO A 102 -24.48 -62.61 14.60
CA PRO A 102 -23.80 -62.25 13.33
C PRO A 102 -23.66 -63.39 12.36
N ALA A 103 -24.02 -64.62 12.73
CA ALA A 103 -23.97 -65.70 11.75
C ALA A 103 -25.10 -65.61 10.74
N GLY A 104 -26.10 -64.76 10.96
CA GLY A 104 -27.20 -64.63 10.03
C GLY A 104 -28.23 -65.73 10.21
N PRO A 105 -29.06 -66.00 9.17
CA PRO A 105 -29.08 -65.39 7.82
C PRO A 105 -29.39 -63.91 7.84
N PHE A 106 -28.74 -63.14 6.97
CA PHE A 106 -29.09 -61.73 6.75
C PHE A 106 -30.05 -61.66 5.57
N ASN A 107 -31.25 -61.14 5.81
CA ASN A 107 -32.27 -61.00 4.77
C ASN A 107 -32.25 -59.54 4.33
N TYR A 108 -31.32 -59.23 3.42
CA TYR A 108 -31.18 -57.87 2.93
C TYR A 108 -32.33 -57.54 1.99
N GLN A 109 -32.74 -56.28 1.99
CA GLN A 109 -33.83 -55.82 1.13
C GLN A 109 -33.37 -54.60 0.34
N TRP A 110 -33.62 -54.61 -0.95
CA TRP A 110 -33.35 -53.46 -1.81
C TRP A 110 -34.66 -53.08 -2.48
N ASP A 111 -35.16 -51.89 -2.19
CA ASP A 111 -36.43 -51.47 -2.76
C ASP A 111 -36.29 -50.58 -3.99
N GLY A 112 -35.06 -50.33 -4.45
CA GLY A 112 -34.86 -49.51 -5.63
C GLY A 112 -35.18 -48.05 -5.43
N SER A 113 -35.40 -47.62 -4.19
CA SER A 113 -35.62 -46.21 -3.90
C SER A 113 -34.59 -45.65 -2.94
N ASP A 114 -34.35 -46.34 -1.83
CA ASP A 114 -33.37 -45.88 -0.84
C ASP A 114 -33.74 -44.48 -0.34
N SER A 115 -35.02 -44.31 0.02
CA SER A 115 -35.59 -43.04 0.46
C SER A 115 -35.34 -41.95 -0.59
N CYS A 116 -35.59 -42.31 -1.85
CA CYS A 116 -35.43 -41.49 -3.03
C CYS A 116 -33.96 -41.14 -3.31
N GLN A 117 -33.00 -41.62 -2.50
CA GLN A 117 -31.61 -41.29 -2.79
C GLN A 117 -31.14 -41.96 -4.06
N PHE A 118 -31.73 -43.09 -4.44
CA PHE A 118 -31.37 -43.69 -5.72
C PHE A 118 -31.75 -42.78 -6.87
N ASN A 119 -32.94 -42.19 -6.80
CA ASN A 119 -33.38 -41.26 -7.83
C ASN A 119 -32.49 -40.02 -7.89
N LEU A 120 -32.17 -39.46 -6.72
CA LEU A 120 -31.24 -38.34 -6.68
C LEU A 120 -29.91 -38.70 -7.35
N THR A 121 -29.37 -39.87 -6.99
CA THR A 121 -28.05 -40.26 -7.51
C THR A 121 -28.11 -40.54 -9.00
N LYS A 122 -29.13 -41.28 -9.45
CA LYS A 122 -29.23 -41.61 -10.86
C LYS A 122 -29.45 -40.37 -11.71
N THR A 123 -30.26 -39.42 -11.22
CA THR A 123 -30.50 -38.18 -11.96
C THR A 123 -29.26 -37.29 -11.94
N ALA A 124 -28.59 -37.20 -10.80
CA ALA A 124 -27.34 -36.44 -10.75
C ALA A 124 -26.31 -37.00 -11.73
N LEU A 125 -26.19 -38.34 -11.80
CA LEU A 125 -25.25 -38.97 -12.73
C LEU A 125 -25.59 -38.63 -14.17
N LYS A 126 -26.87 -38.47 -14.47
CA LYS A 126 -27.27 -38.15 -15.84
C LYS A 126 -26.74 -36.78 -16.25
N TYR A 127 -26.67 -35.84 -15.31
CA TYR A 127 -26.15 -34.51 -15.60
C TYR A 127 -24.65 -34.40 -15.35
N ASN A 128 -24.05 -35.30 -14.59
CA ASN A 128 -22.61 -35.31 -14.35
C ASN A 128 -22.08 -36.74 -14.39
N PRO A 129 -21.53 -37.18 -15.52
CA PRO A 129 -21.01 -38.56 -15.60
C PRO A 129 -19.86 -38.84 -14.64
N GLU A 130 -19.16 -37.81 -14.17
CA GLU A 130 -18.06 -37.98 -13.22
C GLU A 130 -18.52 -37.93 -11.77
N LEU A 131 -19.79 -38.20 -11.51
CA LEU A 131 -20.36 -38.12 -10.18
C LEU A 131 -19.54 -38.93 -9.19
N TYR A 132 -19.22 -38.30 -8.05
CA TYR A 132 -18.50 -38.93 -6.95
C TYR A 132 -19.53 -39.21 -5.86
N VAL A 133 -19.92 -40.48 -5.71
CA VAL A 133 -20.96 -40.84 -4.75
C VAL A 133 -20.30 -41.29 -3.45
N TYR A 134 -20.71 -40.67 -2.34
CA TYR A 134 -20.22 -40.97 -1.01
C TYR A 134 -21.37 -41.64 -0.26
N ALA A 135 -21.25 -42.93 -0.01
CA ALA A 135 -22.22 -43.66 0.79
C ALA A 135 -21.75 -43.63 2.24
N ASN A 136 -22.57 -43.06 3.13
CA ASN A 136 -22.16 -42.69 4.49
C ASN A 136 -23.23 -43.18 5.45
N ALA A 137 -22.89 -44.12 6.32
CA ALA A 137 -23.82 -44.54 7.37
C ALA A 137 -23.82 -43.51 8.51
N TRP A 138 -25.01 -43.13 8.97
CA TRP A 138 -25.11 -42.34 10.19
C TRP A 138 -25.04 -43.21 11.44
N SER A 139 -25.46 -44.47 11.32
CA SER A 139 -25.41 -45.45 12.39
C SER A 139 -25.44 -46.84 11.78
N ALA A 140 -24.85 -47.81 12.49
CA ALA A 140 -25.12 -49.22 12.20
C ALA A 140 -26.57 -49.56 12.59
N PRO A 141 -27.12 -50.66 12.05
CA PRO A 141 -28.40 -51.17 12.57
C PRO A 141 -28.31 -51.34 14.07
N GLY A 142 -29.44 -51.07 14.74
CA GLY A 142 -29.45 -51.09 16.20
C GLY A 142 -28.99 -52.41 16.79
N CYS A 143 -29.29 -53.52 16.10
CA CYS A 143 -28.91 -54.82 16.62
C CYS A 143 -27.40 -55.01 16.72
N MET A 144 -26.61 -54.21 16.00
CA MET A 144 -25.17 -54.35 16.08
C MET A 144 -24.51 -53.31 16.95
N LYS A 145 -25.29 -52.57 17.75
CA LYS A 145 -24.77 -51.50 18.60
C LYS A 145 -25.00 -51.81 20.07
N THR A 146 -24.19 -51.16 20.91
CA THR A 146 -24.31 -51.32 22.35
C THR A 146 -25.69 -50.91 22.86
N VAL A 147 -26.29 -49.89 22.23
CA VAL A 147 -27.56 -49.35 22.70
C VAL A 147 -28.77 -50.03 22.08
N GLY A 148 -28.57 -50.96 21.14
CA GLY A 148 -29.69 -51.72 20.62
C GLY A 148 -30.65 -50.94 19.76
N THR A 149 -30.27 -49.73 19.35
CA THR A 149 -31.10 -48.88 18.52
C THR A 149 -30.19 -48.06 17.63
N GLU A 150 -30.73 -47.65 16.47
CA GLU A 150 -30.00 -46.79 15.55
C GLU A 150 -29.87 -45.36 16.07
N ASN A 151 -30.67 -44.98 17.06
CA ASN A 151 -30.61 -43.65 17.65
C ASN A 151 -29.65 -43.65 18.85
N ASP A 152 -29.52 -42.49 19.49
CA ASP A 152 -28.90 -42.39 20.81
C ASP A 152 -27.46 -42.89 20.82
N GLY A 153 -26.71 -42.62 19.75
CA GLY A 153 -25.27 -42.84 19.80
C GLY A 153 -24.91 -44.29 20.08
N GLY A 154 -23.96 -44.50 21.00
CA GLY A 154 -23.48 -45.84 21.28
C GLY A 154 -22.51 -46.32 20.21
N GLN A 155 -22.00 -47.54 20.41
CA GLN A 155 -20.83 -48.04 19.67
C GLN A 155 -21.15 -49.34 18.93
N ILE A 156 -20.41 -49.56 17.83
CA ILE A 156 -20.42 -50.86 17.14
C ILE A 156 -20.03 -51.95 18.12
N CYS A 157 -20.84 -53.00 18.21
CA CYS A 157 -20.50 -54.11 19.10
C CYS A 157 -19.23 -54.80 18.63
N GLY A 158 -18.24 -54.90 19.54
CA GLY A 158 -16.98 -55.58 19.25
C GLY A 158 -15.75 -54.69 19.22
N VAL A 159 -15.92 -53.37 19.12
CA VAL A 159 -14.77 -52.49 19.30
C VAL A 159 -14.42 -52.42 20.79
N ARG A 160 -13.21 -51.94 21.09
CA ARG A 160 -12.79 -51.92 22.49
C ARG A 160 -13.74 -51.04 23.30
N GLY A 161 -13.87 -51.35 24.58
CA GLY A 161 -14.78 -50.57 25.40
C GLY A 161 -16.23 -50.93 25.22
N THR A 162 -16.53 -52.10 24.66
CA THR A 162 -17.88 -52.60 24.52
C THR A 162 -17.94 -54.01 25.12
N ASN A 163 -19.11 -54.36 25.65
CA ASN A 163 -19.35 -55.70 26.19
C ASN A 163 -20.72 -56.17 25.70
N CYS A 164 -20.83 -56.33 24.39
CA CYS A 164 -22.03 -56.88 23.77
C CYS A 164 -21.98 -58.40 23.81
N THR A 165 -23.15 -59.01 23.59
CA THR A 165 -23.21 -60.47 23.54
C THR A 165 -22.41 -61.02 22.37
N TYR A 166 -22.33 -60.30 21.26
CA TYR A 166 -21.58 -60.75 20.09
C TYR A 166 -20.75 -59.61 19.54
N ASP A 167 -19.71 -60.00 18.79
CA ASP A 167 -18.88 -59.06 18.04
C ASP A 167 -19.49 -58.93 16.64
N TRP A 168 -20.07 -57.77 16.35
CA TRP A 168 -20.79 -57.53 15.11
C TRP A 168 -19.98 -56.77 14.06
N ARG A 169 -18.66 -56.62 14.25
CA ARG A 169 -17.87 -55.78 13.34
C ARG A 169 -17.87 -56.33 11.91
N GLN A 170 -17.55 -57.61 11.74
CA GLN A 170 -17.56 -58.16 10.38
C GLN A 170 -18.96 -58.06 9.78
N ALA A 171 -20.00 -58.29 10.58
CA ALA A 171 -21.37 -58.21 10.07
C ALA A 171 -21.70 -56.80 9.60
N TYR A 172 -21.27 -55.78 10.36
CA TYR A 172 -21.51 -54.40 9.94
C TYR A 172 -20.72 -54.06 8.67
N ALA A 173 -19.48 -54.55 8.58
CA ALA A 173 -18.69 -54.33 7.37
C ALA A 173 -19.36 -54.97 6.16
N ASP A 174 -19.81 -56.22 6.31
CA ASP A 174 -20.51 -56.90 5.23
C ASP A 174 -21.78 -56.16 4.84
N TYR A 175 -22.47 -55.60 5.83
CA TYR A 175 -23.70 -54.86 5.57
C TYR A 175 -23.40 -53.59 4.78
N LEU A 176 -22.36 -52.85 5.16
CA LEU A 176 -21.97 -51.67 4.38
C LEU A 176 -21.59 -52.04 2.96
N VAL A 177 -20.86 -53.15 2.77
CA VAL A 177 -20.46 -53.54 1.42
C VAL A 177 -21.67 -53.97 0.61
N GLN A 178 -22.65 -54.63 1.24
CA GLN A 178 -23.85 -55.03 0.52
C GLN A 178 -24.62 -53.83 0.01
N TYR A 179 -24.71 -52.77 0.82
CA TYR A 179 -25.31 -51.53 0.32
C TYR A 179 -24.63 -51.08 -0.96
N VAL A 180 -23.29 -51.07 -0.96
CA VAL A 180 -22.56 -50.68 -2.16
C VAL A 180 -22.89 -51.60 -3.31
N LYS A 181 -23.00 -52.90 -3.04
CA LYS A 181 -23.30 -53.86 -4.09
C LYS A 181 -24.64 -53.58 -4.73
N PHE A 182 -25.63 -53.18 -3.94
CA PHE A 182 -26.94 -52.85 -4.51
C PHE A 182 -26.82 -51.69 -5.48
N TYR A 183 -26.00 -50.68 -5.14
CA TYR A 183 -25.83 -49.55 -6.06
C TYR A 183 -25.05 -49.96 -7.30
N GLN A 184 -23.95 -50.71 -7.13
N GLN A 184 -23.97 -50.73 -7.12
CA GLN A 184 -23.18 -51.12 -8.30
CA GLN A 184 -23.14 -51.13 -8.26
C GLN A 184 -24.03 -51.95 -9.25
C GLN A 184 -23.93 -52.02 -9.23
N ALA A 185 -24.86 -52.85 -8.70
CA ALA A 185 -25.70 -53.67 -9.55
C ALA A 185 -26.67 -52.84 -10.38
N GLU A 186 -27.05 -51.66 -9.90
CA GLU A 186 -27.89 -50.73 -10.64
C GLU A 186 -27.09 -49.84 -11.59
N GLY A 187 -25.79 -50.04 -11.74
CA GLY A 187 -25.00 -49.25 -12.65
C GLY A 187 -24.44 -47.96 -12.10
N ILE A 188 -24.42 -47.79 -10.78
CA ILE A 188 -23.83 -46.61 -10.14
C ILE A 188 -22.61 -47.02 -9.33
N ASP A 189 -21.45 -46.48 -9.70
CA ASP A 189 -20.21 -46.67 -8.96
C ASP A 189 -20.19 -45.81 -7.72
N ILE A 190 -19.92 -46.43 -6.56
CA ILE A 190 -19.70 -45.69 -5.33
C ILE A 190 -18.22 -45.35 -5.24
N SER A 191 -17.89 -44.12 -4.87
CA SER A 191 -16.49 -43.70 -4.79
C SER A 191 -15.93 -43.69 -3.38
N LEU A 192 -16.77 -43.49 -2.36
CA LEU A 192 -16.31 -43.38 -0.99
C LEU A 192 -17.32 -44.02 -0.06
N LEU A 193 -16.83 -44.68 0.99
CA LEU A 193 -17.68 -45.40 1.94
C LEU A 193 -17.30 -44.96 3.34
N GLY A 194 -18.29 -44.52 4.11
CA GLY A 194 -18.06 -44.06 5.47
C GLY A 194 -18.96 -44.79 6.44
N ALA A 195 -18.44 -45.08 7.63
CA ALA A 195 -19.18 -45.91 8.58
C ALA A 195 -19.73 -45.15 9.78
N TRP A 196 -19.38 -43.88 9.96
CA TRP A 196 -19.90 -43.05 11.03
C TRP A 196 -20.31 -41.69 10.49
N ASN A 197 -21.23 -41.05 11.21
CA ASN A 197 -21.50 -39.63 11.06
C ASN A 197 -21.34 -38.98 12.42
N GLU A 198 -20.51 -37.95 12.50
CA GLU A 198 -20.33 -37.17 13.73
C GLU A 198 -20.19 -38.07 14.97
N PRO A 199 -19.19 -38.96 14.98
CA PRO A 199 -19.04 -39.89 16.11
C PRO A 199 -18.66 -39.21 17.40
N ASP A 200 -18.34 -37.92 17.34
CA ASP A 200 -18.05 -37.14 18.54
C ASP A 200 -19.31 -36.54 19.15
N PHE A 201 -20.49 -36.87 18.62
CA PHE A 201 -21.70 -36.14 18.96
C PHE A 201 -22.89 -37.10 19.04
N ASN A 202 -23.67 -36.95 20.10
CA ASN A 202 -24.90 -37.72 20.25
C ASN A 202 -26.13 -36.82 20.19
N PRO A 203 -26.84 -36.75 19.06
CA PRO A 203 -28.08 -35.96 19.00
C PRO A 203 -29.28 -36.65 19.64
N VAL A 204 -29.12 -37.91 20.07
CA VAL A 204 -30.13 -38.70 20.78
C VAL A 204 -31.28 -39.13 19.87
N THR A 205 -31.92 -38.18 19.20
CA THR A 205 -33.24 -38.45 18.64
C THR A 205 -33.22 -38.98 17.22
N TYR A 206 -32.06 -39.05 16.55
CA TYR A 206 -32.01 -39.55 15.18
C TYR A 206 -30.74 -40.38 15.02
N GLU A 207 -30.58 -40.96 13.82
CA GLU A 207 -29.50 -41.91 13.55
C GLU A 207 -28.15 -41.35 13.98
N SER A 208 -27.46 -42.09 14.84
CA SER A 208 -26.21 -41.59 15.39
C SER A 208 -25.42 -42.75 15.96
N MET A 209 -24.10 -42.57 16.06
CA MET A 209 -23.30 -43.64 16.62
C MET A 209 -21.93 -43.05 16.95
N GLU A 210 -21.44 -43.34 18.16
CA GLU A 210 -20.27 -42.67 18.72
C GLU A 210 -19.01 -43.51 18.55
N SER A 211 -17.87 -42.84 18.61
CA SER A 211 -16.59 -43.53 18.51
C SER A 211 -15.46 -42.58 18.86
N ASP A 212 -14.42 -43.12 19.48
CA ASP A 212 -13.13 -42.44 19.46
C ASP A 212 -12.28 -43.06 18.36
N GLY A 213 -11.02 -42.62 18.25
CA GLY A 213 -10.19 -43.12 17.17
C GLY A 213 -9.69 -44.53 17.38
N PHE A 214 -9.49 -44.93 18.64
CA PHE A 214 -9.09 -46.30 18.93
C PHE A 214 -10.20 -47.27 18.53
N GLN A 215 -11.43 -46.96 18.95
CA GLN A 215 -12.59 -47.76 18.58
C GLN A 215 -12.80 -47.74 17.08
N ALA A 216 -12.53 -46.60 16.43
CA ALA A 216 -12.72 -46.53 14.99
C ALA A 216 -11.73 -47.44 14.27
N LYS A 217 -10.48 -47.44 14.72
CA LYS A 217 -9.48 -48.36 14.17
C LYS A 217 -9.89 -49.81 14.35
N ASP A 218 -10.46 -50.15 15.51
CA ASP A 218 -10.91 -51.52 15.74
C ASP A 218 -11.94 -51.97 14.70
N PHE A 219 -12.77 -51.04 14.21
CA PHE A 219 -13.67 -51.40 13.11
C PHE A 219 -13.02 -51.27 11.74
N LEU A 220 -12.23 -50.21 11.52
CA LEU A 220 -11.60 -50.00 10.22
C LEU A 220 -10.65 -51.14 9.85
N GLU A 221 -10.00 -51.76 10.83
CA GLU A 221 -9.12 -52.89 10.53
C GLU A 221 -9.91 -54.06 9.95
N ILE A 222 -11.21 -54.09 10.14
N ILE A 222 -11.21 -54.13 10.14
CA ILE A 222 -12.09 -55.12 9.59
CA ILE A 222 -12.03 -55.15 9.50
C ILE A 222 -12.73 -54.64 8.29
C ILE A 222 -12.70 -54.62 8.24
N LEU A 223 -13.24 -53.41 8.30
CA LEU A 223 -13.94 -52.85 7.15
C LEU A 223 -13.01 -52.70 5.96
N TYR A 224 -11.81 -52.17 6.19
CA TYR A 224 -10.94 -51.79 5.08
C TYR A 224 -10.59 -52.98 4.18
N PRO A 225 -10.01 -54.08 4.69
CA PRO A 225 -9.79 -55.23 3.80
C PRO A 225 -11.07 -55.84 3.26
N THR A 226 -12.16 -55.83 4.03
CA THR A 226 -13.45 -56.30 3.51
C THR A 226 -13.86 -55.49 2.27
N VAL A 227 -13.72 -54.17 2.36
CA VAL A 227 -14.06 -53.29 1.24
C VAL A 227 -13.18 -53.59 0.04
N LYS A 228 -11.86 -53.68 0.25
CA LYS A 228 -10.95 -53.74 -0.90
C LYS A 228 -11.07 -55.07 -1.63
N LYS A 229 -11.41 -56.15 -0.91
CA LYS A 229 -11.67 -57.41 -1.58
C LYS A 229 -12.85 -57.32 -2.54
N ALA A 230 -13.91 -56.63 -2.12
CA ALA A 230 -15.11 -56.54 -2.95
C ALA A 230 -15.00 -55.47 -4.03
N PHE A 231 -14.32 -54.38 -3.71
CA PHE A 231 -14.25 -53.21 -4.59
C PHE A 231 -12.90 -52.55 -4.39
N PRO A 232 -11.86 -53.05 -5.08
CA PRO A 232 -10.50 -52.56 -4.81
C PRO A 232 -10.30 -51.05 -5.00
N ASN A 233 -11.16 -50.38 -5.76
CA ASN A 233 -11.02 -48.95 -6.00
C ASN A 233 -11.93 -48.10 -5.14
N LEU A 234 -12.68 -48.70 -4.22
CA LEU A 234 -13.58 -47.97 -3.33
C LEU A 234 -12.78 -47.42 -2.15
N ASP A 235 -12.77 -46.11 -2.00
CA ASP A 235 -12.06 -45.48 -0.89
C ASP A 235 -12.91 -45.51 0.37
N VAL A 236 -12.23 -45.56 1.52
CA VAL A 236 -12.84 -45.56 2.84
C VAL A 236 -12.55 -44.23 3.53
N SER A 237 -13.57 -43.62 4.14
CA SER A 237 -13.40 -42.37 4.84
C SER A 237 -13.27 -42.57 6.35
N CYS A 238 -12.82 -41.51 7.02
CA CYS A 238 -12.87 -41.40 8.48
C CYS A 238 -12.82 -39.92 8.83
N CYS A 239 -13.74 -39.45 9.66
CA CYS A 239 -14.85 -40.14 10.29
C CYS A 239 -16.03 -39.16 10.43
N ASP A 240 -16.01 -38.11 9.61
CA ASP A 240 -17.12 -37.17 9.52
C ASP A 240 -17.39 -36.49 10.88
N ALA A 241 -16.32 -36.07 11.55
CA ALA A 241 -16.47 -35.41 12.84
C ALA A 241 -17.19 -34.07 12.68
N THR A 242 -17.79 -33.59 13.79
CA THR A 242 -18.57 -32.36 13.74
C THR A 242 -17.70 -31.14 13.46
N GLY A 243 -16.39 -31.22 13.68
CA GLY A 243 -15.53 -30.09 13.43
C GLY A 243 -14.14 -30.55 13.08
N ALA A 244 -13.30 -29.59 12.69
CA ALA A 244 -11.92 -29.89 12.29
C ALA A 244 -11.11 -30.43 13.47
N ARG A 245 -11.21 -29.78 14.63
CA ARG A 245 -10.45 -30.24 15.79
C ARG A 245 -10.87 -31.64 16.22
N GLN A 246 -12.19 -31.90 16.26
CA GLN A 246 -12.68 -33.24 16.58
C GLN A 246 -12.17 -34.27 15.58
N GLU A 247 -12.16 -33.92 14.29
CA GLU A 247 -11.58 -34.82 13.29
C GLU A 247 -10.09 -35.06 13.52
N ARG A 248 -9.32 -34.01 13.83
CA ARG A 248 -7.90 -34.21 14.11
C ARG A 248 -7.70 -35.18 15.28
N ASN A 249 -8.52 -35.07 16.32
CA ASN A 249 -8.34 -35.96 17.47
C ASN A 249 -8.62 -37.40 17.09
N ILE A 250 -9.67 -37.64 16.31
CA ILE A 250 -9.97 -39.00 15.89
C ILE A 250 -8.87 -39.54 14.98
N LEU A 251 -8.37 -38.70 14.06
CA LEU A 251 -7.29 -39.14 13.18
C LEU A 251 -6.04 -39.47 13.96
N TYR A 252 -5.70 -38.66 14.96
CA TYR A 252 -4.56 -38.97 15.83
C TYR A 252 -4.73 -40.34 16.47
N GLU A 253 -5.93 -40.61 16.98
CA GLU A 253 -6.14 -41.84 17.73
C GLU A 253 -6.18 -43.06 16.80
N VAL A 254 -6.80 -42.92 15.62
CA VAL A 254 -6.76 -44.02 14.64
C VAL A 254 -5.31 -44.39 14.32
N GLN A 255 -4.46 -43.38 14.12
CA GLN A 255 -3.06 -43.65 13.81
C GLN A 255 -2.30 -44.17 15.02
N GLN A 256 -2.60 -43.66 16.22
CA GLN A 256 -2.00 -44.21 17.42
C GLN A 256 -2.37 -45.67 17.64
N ALA A 257 -3.57 -46.07 17.22
CA ALA A 257 -4.05 -47.44 17.38
C ALA A 257 -3.51 -48.36 16.29
N GLY A 258 -2.78 -47.84 15.31
CA GLY A 258 -2.19 -48.68 14.27
C GLY A 258 -2.92 -48.64 12.95
N GLY A 259 -3.86 -47.73 12.77
CA GLY A 259 -4.80 -47.78 11.67
C GLY A 259 -4.58 -46.78 10.56
N GLU A 260 -3.35 -46.24 10.45
CA GLU A 260 -3.04 -45.24 9.41
C GLU A 260 -3.44 -45.72 8.02
N HIS A 261 -3.30 -47.01 7.73
CA HIS A 261 -3.59 -47.50 6.39
C HIS A 261 -4.89 -48.27 6.32
N PHE A 262 -5.82 -48.01 7.25
CA PHE A 262 -7.16 -48.55 7.20
C PHE A 262 -8.20 -47.49 6.83
N PHE A 263 -7.78 -46.36 6.26
CA PHE A 263 -8.73 -45.44 5.64
C PHE A 263 -7.98 -44.66 4.58
N ASP A 264 -8.74 -44.01 3.69
CA ASP A 264 -8.13 -43.35 2.53
C ASP A 264 -8.37 -41.85 2.49
N VAL A 265 -9.47 -41.37 3.07
CA VAL A 265 -9.86 -39.96 2.93
C VAL A 265 -10.31 -39.47 4.29
N ALA A 266 -9.84 -38.28 4.68
CA ALA A 266 -10.27 -37.66 5.93
C ALA A 266 -11.51 -36.82 5.66
N THR A 267 -12.58 -37.07 6.40
CA THR A 267 -13.83 -36.35 6.21
C THR A 267 -14.21 -35.64 7.51
N TRP A 268 -14.77 -34.44 7.36
CA TRP A 268 -15.01 -33.61 8.53
C TRP A 268 -16.11 -32.61 8.19
N HIS A 269 -16.81 -32.15 9.23
CA HIS A 269 -17.85 -31.13 9.08
C HIS A 269 -17.36 -29.82 9.68
N ASN A 270 -17.99 -28.72 9.26
CA ASN A 270 -17.54 -27.38 9.64
C ASN A 270 -18.38 -26.77 10.76
N TYR A 271 -19.14 -27.59 11.51
CA TYR A 271 -20.09 -27.03 12.48
C TYR A 271 -19.41 -26.60 13.76
N GLN A 272 -18.50 -27.41 14.30
CA GLN A 272 -18.07 -27.22 15.68
C GLN A 272 -16.57 -27.00 15.80
N SER A 273 -15.91 -26.65 14.71
CA SER A 273 -14.50 -26.26 14.70
C SER A 273 -14.10 -26.04 13.26
N SER A 274 -13.54 -24.87 12.94
CA SER A 274 -13.12 -24.63 11.57
C SER A 274 -11.61 -24.52 11.52
N PRO A 275 -10.98 -25.04 10.46
CA PRO A 275 -9.52 -25.05 10.41
C PRO A 275 -8.95 -23.81 9.75
N GLU A 276 -7.70 -23.53 10.09
CA GLU A 276 -6.84 -22.64 9.32
C GLU A 276 -5.47 -23.30 9.09
N ARG A 277 -5.37 -24.59 9.34
CA ARG A 277 -4.13 -25.36 9.23
C ARG A 277 -4.48 -26.72 8.66
N PRO A 278 -3.49 -27.46 8.14
CA PRO A 278 -3.77 -28.76 7.54
C PRO A 278 -4.20 -29.80 8.57
N PHE A 279 -4.65 -30.94 8.04
CA PHE A 279 -5.02 -32.06 8.89
C PHE A 279 -3.81 -32.95 9.11
N ASN A 280 -3.88 -33.76 10.18
CA ASN A 280 -2.72 -34.49 10.69
C ASN A 280 -2.66 -35.90 10.10
N VAL A 281 -2.67 -35.97 8.78
CA VAL A 281 -2.49 -37.23 8.08
C VAL A 281 -1.67 -36.96 6.82
N VAL A 282 -0.76 -37.88 6.51
CA VAL A 282 0.16 -37.70 5.39
C VAL A 282 -0.33 -38.53 4.21
N GLY A 283 -0.38 -37.90 3.03
CA GLY A 283 -0.70 -38.62 1.82
C GLY A 283 -2.15 -39.00 1.65
N LYS A 284 -3.06 -38.35 2.37
CA LYS A 284 -4.48 -38.59 2.19
C LYS A 284 -5.16 -37.24 2.01
N PRO A 285 -6.12 -37.16 1.12
CA PRO A 285 -6.87 -35.91 0.96
C PRO A 285 -7.94 -35.81 2.04
N ASN A 286 -8.52 -34.63 2.14
CA ASN A 286 -9.64 -34.43 3.05
C ASN A 286 -10.78 -33.73 2.34
N ILE A 287 -12.00 -34.06 2.75
CA ILE A 287 -13.22 -33.48 2.22
C ILE A 287 -14.04 -32.93 3.38
N MET A 288 -14.54 -31.71 3.23
CA MET A 288 -15.41 -31.13 4.23
C MET A 288 -16.80 -31.61 3.75
N THR A 289 -17.36 -32.60 4.42
CA THR A 289 -18.49 -33.32 3.83
C THR A 289 -19.86 -32.82 4.27
N GLU A 290 -19.94 -31.83 5.15
CA GLU A 290 -21.26 -31.32 5.53
C GLU A 290 -21.15 -29.99 6.26
N TRP A 291 -21.86 -28.98 5.77
CA TRP A 291 -22.04 -27.75 6.51
C TRP A 291 -23.26 -27.03 5.93
N ALA A 292 -23.86 -26.18 6.75
CA ALA A 292 -24.98 -25.33 6.31
C ALA A 292 -25.30 -24.38 7.43
N ASP A 293 -26.10 -23.37 7.12
CA ASP A 293 -26.72 -22.50 8.11
C ASP A 293 -27.86 -23.29 8.74
N GLY A 294 -27.59 -23.91 9.88
CA GLY A 294 -28.58 -24.84 10.42
C GLY A 294 -29.78 -24.18 11.06
N SER A 295 -29.72 -22.88 11.36
CA SER A 295 -30.76 -22.27 12.17
C SER A 295 -31.45 -21.06 11.54
N GLY A 296 -30.84 -20.41 10.55
CA GLY A 296 -31.41 -19.20 9.99
C GLY A 296 -32.48 -19.49 8.95
N PRO A 297 -33.28 -18.47 8.63
CA PRO A 297 -34.29 -18.63 7.57
C PRO A 297 -33.61 -18.89 6.22
N TRP A 298 -34.39 -19.44 5.30
CA TRP A 298 -33.98 -19.56 3.91
C TRP A 298 -33.37 -18.25 3.41
N ASN A 299 -32.24 -18.35 2.72
CA ASN A 299 -31.48 -17.15 2.34
C ASN A 299 -30.81 -17.35 1.00
N THR A 300 -30.89 -16.32 0.13
CA THR A 300 -30.32 -16.37 -1.21
C THR A 300 -29.32 -15.27 -1.52
N THR A 301 -29.16 -14.27 -0.64
CA THR A 301 -28.36 -13.10 -1.00
C THR A 301 -26.89 -13.44 -1.10
N TRP A 302 -26.18 -12.66 -1.91
CA TRP A 302 -24.75 -12.81 -2.14
C TRP A 302 -23.94 -12.00 -1.13
N ASP A 303 -24.18 -10.69 -1.04
CA ASP A 303 -23.49 -9.83 -0.06
C ASP A 303 -24.39 -8.63 0.23
N VAL A 304 -25.33 -8.84 1.13
CA VAL A 304 -26.20 -7.77 1.61
C VAL A 304 -25.98 -7.53 3.09
N SER A 305 -25.98 -8.60 3.89
CA SER A 305 -25.89 -8.53 5.33
C SER A 305 -24.48 -8.76 5.86
N GLY A 306 -23.65 -9.52 5.15
CA GLY A 306 -22.42 -10.04 5.71
C GLY A 306 -22.60 -11.24 6.62
N GLN A 307 -23.78 -11.82 6.67
CA GLN A 307 -24.04 -12.98 7.53
C GLN A 307 -23.50 -14.25 6.88
N LEU A 308 -23.22 -15.25 7.70
CA LEU A 308 -22.50 -16.45 7.25
C LEU A 308 -23.29 -17.27 6.23
N ALA A 309 -24.62 -17.07 6.12
CA ALA A 309 -25.41 -17.78 5.13
C ALA A 309 -25.16 -17.30 3.70
N GLU A 310 -24.52 -16.16 3.53
CA GLU A 310 -24.53 -15.50 2.24
C GLU A 310 -23.51 -16.12 1.29
N GLY A 311 -23.75 -15.92 -0.01
CA GLY A 311 -22.91 -16.56 -1.00
C GLY A 311 -21.45 -16.12 -0.92
N LEU A 312 -21.22 -14.80 -0.74
CA LEU A 312 -19.85 -14.33 -0.69
C LEU A 312 -19.11 -14.96 0.50
N GLN A 313 -19.80 -15.11 1.63
CA GLN A 313 -19.16 -15.73 2.79
C GLN A 313 -18.76 -17.17 2.47
N TRP A 314 -19.61 -17.90 1.74
CA TRP A 314 -19.29 -19.29 1.41
C TRP A 314 -18.10 -19.38 0.47
N ALA A 315 -18.00 -18.43 -0.46
CA ALA A 315 -16.82 -18.38 -1.32
C ALA A 315 -15.57 -18.23 -0.47
N LEU A 316 -15.64 -17.39 0.55
CA LEU A 316 -14.48 -17.16 1.41
C LEU A 316 -14.22 -18.37 2.31
N TYR A 317 -15.28 -19.00 2.83
CA TYR A 317 -15.08 -20.22 3.62
C TYR A 317 -14.39 -21.31 2.79
N MET A 318 -14.80 -21.46 1.54
CA MET A 318 -14.18 -22.46 0.68
C MET A 318 -12.75 -22.08 0.36
N HIS A 319 -12.49 -20.80 0.06
CA HIS A 319 -11.11 -20.38 -0.14
C HIS A 319 -10.24 -20.77 1.05
N ASN A 320 -10.73 -20.50 2.27
CA ASN A 320 -9.95 -20.84 3.44
C ASN A 320 -9.64 -22.33 3.50
N ALA A 321 -10.65 -23.19 3.27
CA ALA A 321 -10.41 -24.63 3.38
C ALA A 321 -9.46 -25.12 2.27
N PHE A 322 -9.63 -24.61 1.05
CA PHE A 322 -8.81 -25.11 -0.05
C PHE A 322 -7.36 -24.66 0.07
N THR A 323 -7.11 -23.45 0.59
CA THR A 323 -5.75 -22.91 0.62
C THR A 323 -5.03 -23.13 1.96
N ASN A 324 -5.77 -23.29 3.06
CA ASN A 324 -5.15 -23.41 4.37
C ASN A 324 -5.26 -24.79 4.99
N SER A 325 -6.22 -25.60 4.56
N SER A 325 -6.23 -25.61 4.59
CA SER A 325 -6.33 -26.99 5.00
CA SER A 325 -6.27 -27.00 5.02
C SER A 325 -6.11 -27.97 3.87
C SER A 325 -6.19 -27.97 3.86
N ASP A 326 -5.81 -27.49 2.67
CA ASP A 326 -5.55 -28.32 1.49
C ASP A 326 -6.76 -29.18 1.13
N THR A 327 -7.96 -28.66 1.37
CA THR A 327 -9.18 -29.45 1.25
C THR A 327 -9.55 -29.69 -0.21
N SER A 328 -9.98 -30.92 -0.52
CA SER A 328 -10.27 -31.34 -1.90
C SER A 328 -11.74 -31.27 -2.29
N GLY A 329 -12.64 -31.20 -1.32
CA GLY A 329 -14.05 -31.16 -1.65
C GLY A 329 -14.81 -30.46 -0.55
N TYR A 330 -16.05 -30.09 -0.86
CA TYR A 330 -16.81 -29.21 0.02
C TYR A 330 -18.30 -29.46 -0.23
N ASN A 331 -19.03 -29.83 0.82
CA ASN A 331 -20.44 -30.16 0.69
C ASN A 331 -21.32 -29.23 1.51
N HIS A 332 -22.38 -28.73 0.89
CA HIS A 332 -23.52 -28.28 1.64
C HIS A 332 -24.17 -29.47 2.36
N TRP A 333 -25.09 -29.18 3.26
CA TRP A 333 -25.82 -30.27 3.90
C TRP A 333 -26.81 -30.89 2.91
N TRP A 334 -27.98 -30.29 2.75
CA TRP A 334 -28.94 -30.85 1.81
C TRP A 334 -28.88 -30.16 0.45
N CYS A 335 -29.23 -30.91 -0.60
CA CYS A 335 -29.31 -30.37 -1.95
C CYS A 335 -30.53 -29.46 -2.11
N ALA A 336 -31.73 -30.01 -1.89
CA ALA A 336 -32.93 -29.28 -2.24
C ALA A 336 -34.09 -29.77 -1.41
N GLY A 337 -35.00 -28.87 -1.13
CA GLY A 337 -36.22 -29.24 -0.42
C GLY A 337 -36.59 -28.19 0.61
N GLY A 338 -37.18 -28.62 1.71
CA GLY A 338 -37.52 -27.75 2.82
C GLY A 338 -36.36 -27.62 3.76
N GLY A 339 -36.65 -27.37 5.03
CA GLY A 339 -35.58 -27.23 6.00
C GLY A 339 -34.88 -25.89 6.01
N ALA A 340 -35.59 -24.81 5.65
CA ALA A 340 -35.12 -23.43 5.78
C ALA A 340 -33.80 -23.28 5.03
N ASP A 341 -32.70 -22.87 5.68
CA ASP A 341 -31.45 -22.57 5.01
C ASP A 341 -30.52 -23.77 4.89
N ASN A 342 -30.99 -24.96 5.23
CA ASN A 342 -30.14 -26.16 5.18
C ASN A 342 -29.97 -26.71 3.77
N VAL A 343 -30.59 -26.09 2.76
CA VAL A 343 -30.55 -26.58 1.38
C VAL A 343 -29.88 -25.55 0.50
N LEU A 344 -29.43 -26.01 -0.68
CA LEU A 344 -28.94 -25.08 -1.71
C LEU A 344 -30.08 -24.52 -2.57
N ILE A 345 -31.17 -25.28 -2.71
CA ILE A 345 -32.32 -24.89 -3.51
C ILE A 345 -33.54 -25.18 -2.67
N SER A 346 -34.32 -24.15 -2.38
CA SER A 346 -35.55 -24.29 -1.61
C SER A 346 -36.71 -24.61 -2.53
N ILE A 347 -37.50 -25.63 -2.19
CA ILE A 347 -38.68 -26.03 -2.94
C ILE A 347 -39.91 -25.84 -2.09
N THR A 348 -40.92 -25.17 -2.64
CA THR A 348 -42.24 -25.02 -2.04
C THR A 348 -43.26 -25.29 -3.12
N GLY A 349 -44.02 -26.37 -2.97
CA GLY A 349 -44.95 -26.73 -4.03
C GLY A 349 -44.22 -26.92 -5.34
N ASN A 350 -44.79 -26.40 -6.42
CA ASN A 350 -44.11 -26.47 -7.72
C ASN A 350 -43.31 -25.20 -8.01
N SER A 351 -42.56 -24.74 -7.02
CA SER A 351 -41.69 -23.58 -7.18
C SER A 351 -40.37 -23.86 -6.48
N TYR A 352 -39.33 -23.17 -6.94
CA TYR A 352 -38.02 -23.33 -6.31
C TYR A 352 -37.23 -22.04 -6.45
N GLU A 353 -36.31 -21.82 -5.49
CA GLU A 353 -35.37 -20.73 -5.55
C GLU A 353 -33.97 -21.27 -5.28
N VAL A 354 -32.98 -20.63 -5.90
CA VAL A 354 -31.58 -21.05 -5.75
C VAL A 354 -30.88 -20.04 -4.85
N SER A 355 -30.17 -20.53 -3.82
CA SER A 355 -29.32 -19.64 -3.04
C SER A 355 -28.06 -19.29 -3.82
N SER A 356 -27.64 -18.02 -3.73
CA SER A 356 -26.36 -17.68 -4.36
C SER A 356 -25.16 -18.38 -3.71
N ARG A 357 -25.35 -19.11 -2.61
CA ARG A 357 -24.31 -20.05 -2.18
C ARG A 357 -23.93 -20.97 -3.32
N LEU A 358 -24.89 -21.34 -4.16
CA LEU A 358 -24.56 -22.23 -5.25
C LEU A 358 -23.58 -21.58 -6.23
N TRP A 359 -23.63 -20.25 -6.38
CA TRP A 359 -22.70 -19.60 -7.30
C TRP A 359 -21.30 -19.47 -6.70
N ALA A 360 -21.20 -19.45 -5.37
CA ALA A 360 -19.90 -19.65 -4.74
C ALA A 360 -19.34 -21.03 -5.09
N PHE A 361 -20.16 -22.07 -4.94
CA PHE A 361 -19.73 -23.42 -5.33
C PHE A 361 -19.29 -23.44 -6.78
N ALA A 362 -20.11 -22.86 -7.66
CA ALA A 362 -19.81 -22.91 -9.10
C ALA A 362 -18.52 -22.18 -9.43
N SER A 363 -18.29 -21.04 -8.78
CA SER A 363 -17.06 -20.28 -9.03
C SER A 363 -15.82 -21.15 -8.88
N TYR A 364 -15.83 -22.11 -7.95
CA TYR A 364 -14.75 -23.08 -7.87
C TYR A 364 -14.94 -24.23 -8.85
N PHE A 365 -16.10 -24.91 -8.77
CA PHE A 365 -16.21 -26.25 -9.31
C PHE A 365 -16.78 -26.33 -10.72
N ARG A 366 -17.37 -25.25 -11.24
CA ARG A 366 -17.67 -25.24 -12.67
C ARG A 366 -16.40 -25.33 -13.49
N PHE A 367 -15.30 -24.83 -12.94
CA PHE A 367 -14.06 -24.67 -13.70
C PHE A 367 -12.96 -25.61 -13.22
N ALA A 368 -12.86 -25.84 -11.91
CA ALA A 368 -11.89 -26.80 -11.38
C ALA A 368 -12.60 -28.15 -11.25
N ARG A 369 -12.45 -28.99 -12.27
CA ARG A 369 -13.21 -30.23 -12.37
C ARG A 369 -12.53 -31.32 -11.56
N PRO A 370 -13.18 -32.47 -11.37
CA PRO A 370 -12.53 -33.56 -10.66
C PRO A 370 -11.18 -33.88 -11.31
N GLY A 371 -10.19 -34.14 -10.46
CA GLY A 371 -8.86 -34.41 -10.92
C GLY A 371 -7.99 -33.20 -11.16
N SER A 372 -8.56 -31.99 -11.08
CA SER A 372 -7.71 -30.81 -11.13
C SER A 372 -6.81 -30.74 -9.89
N VAL A 373 -5.71 -29.99 -10.02
CA VAL A 373 -4.70 -29.86 -8.97
C VAL A 373 -4.58 -28.39 -8.60
N ARG A 374 -4.69 -28.10 -7.30
CA ARG A 374 -4.48 -26.75 -6.83
C ARG A 374 -3.02 -26.36 -7.04
N ILE A 375 -2.78 -25.16 -7.57
CA ILE A 375 -1.42 -24.70 -7.87
C ILE A 375 -1.14 -23.40 -7.12
N GLY A 376 0.12 -22.99 -7.13
CA GLY A 376 0.52 -21.84 -6.34
C GLY A 376 -0.17 -20.56 -6.79
N ALA A 377 -0.61 -19.76 -5.82
CA ALA A 377 -1.23 -18.48 -6.14
C ALA A 377 -1.07 -17.59 -4.92
N THR A 378 -0.48 -16.41 -5.12
CA THR A 378 -0.28 -15.47 -4.02
C THR A 378 -0.84 -14.11 -4.41
N SER A 379 -1.24 -13.35 -3.39
CA SER A 379 -1.78 -12.00 -3.55
C SER A 379 -1.02 -11.05 -2.64
N SER A 380 -0.72 -9.85 -3.16
CA SER A 380 -0.05 -8.86 -2.32
C SER A 380 -1.00 -8.14 -1.38
N VAL A 381 -2.30 -8.44 -1.41
CA VAL A 381 -3.32 -7.76 -0.61
C VAL A 381 -4.10 -8.79 0.19
N GLU A 382 -4.14 -8.60 1.52
N GLU A 382 -4.19 -8.56 1.52
CA GLU A 382 -4.66 -9.65 2.41
CA GLU A 382 -4.64 -9.60 2.44
C GLU A 382 -6.06 -10.07 2.01
C GLU A 382 -6.08 -10.04 2.18
N ASN A 383 -6.97 -9.12 1.78
CA ASN A 383 -8.36 -9.46 1.50
C ASN A 383 -8.71 -9.38 0.03
N VAL A 384 -7.72 -9.45 -0.86
CA VAL A 384 -7.93 -9.89 -2.23
C VAL A 384 -7.38 -11.32 -2.27
N TYR A 385 -8.28 -12.29 -2.21
CA TYR A 385 -7.90 -13.68 -2.08
C TYR A 385 -7.77 -14.30 -3.46
N VAL A 386 -6.88 -15.25 -3.58
CA VAL A 386 -6.72 -15.96 -4.84
C VAL A 386 -6.37 -17.41 -4.56
N SER A 387 -6.88 -18.28 -5.42
CA SER A 387 -6.38 -19.64 -5.54
C SER A 387 -6.40 -20.00 -7.02
N ALA A 388 -5.81 -21.13 -7.37
CA ALA A 388 -5.69 -21.49 -8.78
C ALA A 388 -5.65 -23.00 -8.90
N TYR A 389 -6.21 -23.51 -10.00
CA TYR A 389 -6.39 -24.94 -10.22
C TYR A 389 -6.07 -25.26 -11.67
N GLU A 390 -5.33 -26.34 -11.89
CA GLU A 390 -5.00 -26.83 -13.22
C GLU A 390 -5.75 -28.13 -13.48
N ASN A 391 -6.69 -28.10 -14.43
CA ASN A 391 -7.35 -29.34 -14.84
C ASN A 391 -6.36 -30.31 -15.47
N LYS A 392 -6.75 -31.59 -15.45
CA LYS A 392 -5.92 -32.63 -16.07
C LYS A 392 -5.56 -32.28 -17.51
N ASN A 393 -6.48 -31.66 -18.23
CA ASN A 393 -6.29 -31.34 -19.64
C ASN A 393 -5.57 -30.01 -19.87
N GLY A 394 -5.07 -29.37 -18.82
CA GLY A 394 -4.20 -28.23 -18.96
C GLY A 394 -4.87 -26.88 -18.78
N THR A 395 -6.20 -26.84 -18.81
CA THR A 395 -6.88 -25.57 -18.56
C THR A 395 -6.73 -25.16 -17.10
N VAL A 396 -6.72 -23.85 -16.86
CA VAL A 396 -6.47 -23.31 -15.53
C VAL A 396 -7.58 -22.33 -15.14
N SER A 397 -8.05 -22.47 -13.90
CA SER A 397 -9.01 -21.55 -13.29
C SER A 397 -8.35 -20.77 -12.17
N ILE A 398 -8.63 -19.46 -12.13
CA ILE A 398 -8.09 -18.59 -11.08
C ILE A 398 -9.23 -17.81 -10.43
N PRO A 399 -9.84 -18.34 -9.39
CA PRO A 399 -10.90 -17.59 -8.70
C PRO A 399 -10.33 -16.57 -7.72
N VAL A 400 -10.53 -15.29 -8.03
CA VAL A 400 -10.07 -14.17 -7.21
C VAL A 400 -11.27 -13.63 -6.45
N ILE A 401 -11.13 -13.43 -5.13
CA ILE A 401 -12.21 -12.87 -4.32
C ILE A 401 -11.78 -11.49 -3.86
N ASN A 402 -12.46 -10.47 -4.34
CA ASN A 402 -12.27 -9.13 -3.80
C ASN A 402 -13.21 -9.02 -2.61
N ALA A 403 -12.70 -9.23 -1.40
CA ALA A 403 -13.50 -9.05 -0.21
C ALA A 403 -13.52 -7.61 0.29
N ALA A 404 -12.86 -6.70 -0.43
CA ALA A 404 -12.95 -5.29 -0.06
C ALA A 404 -14.23 -4.67 -0.60
N HIS A 405 -14.52 -3.44 -0.14
CA HIS A 405 -15.74 -2.72 -0.47
C HIS A 405 -15.52 -1.64 -1.54
N PHE A 406 -14.51 -1.83 -2.38
CA PHE A 406 -14.21 -0.96 -3.50
C PHE A 406 -13.43 -1.78 -4.52
N PRO A 407 -13.32 -1.32 -5.76
CA PRO A 407 -12.69 -2.16 -6.79
C PRO A 407 -11.16 -2.22 -6.65
N TYR A 408 -10.61 -3.37 -7.05
CA TYR A 408 -9.17 -3.59 -7.12
C TYR A 408 -8.76 -3.82 -8.57
N GLU A 409 -7.73 -3.09 -9.01
CA GLU A 409 -7.03 -3.38 -10.26
C GLU A 409 -5.99 -4.46 -9.97
N VAL A 410 -6.24 -5.68 -10.46
CA VAL A 410 -5.31 -6.79 -10.25
C VAL A 410 -4.42 -6.94 -11.47
N THR A 411 -3.17 -7.31 -11.22
CA THR A 411 -2.21 -7.74 -12.23
C THR A 411 -1.81 -9.16 -11.88
N ILE A 412 -2.09 -10.10 -12.77
CA ILE A 412 -1.80 -11.51 -12.53
C ILE A 412 -0.64 -11.92 -13.40
N ASP A 413 0.45 -12.36 -12.78
CA ASP A 413 1.61 -12.88 -13.47
C ASP A 413 1.48 -14.40 -13.52
N LEU A 414 1.68 -14.97 -14.70
CA LEU A 414 1.47 -16.40 -14.91
C LEU A 414 2.82 -17.08 -15.17
N GLN A 415 3.15 -18.06 -14.33
CA GLN A 415 4.39 -18.81 -14.45
C GLN A 415 4.07 -20.28 -14.69
N GLY A 416 4.71 -20.86 -15.70
CA GLY A 416 4.50 -22.26 -16.04
C GLY A 416 3.27 -22.52 -16.86
N LEU A 417 2.64 -21.48 -17.40
CA LEU A 417 1.49 -21.62 -18.29
C LEU A 417 1.77 -20.96 -19.64
N LYS A 418 2.94 -21.27 -20.21
CA LYS A 418 3.33 -20.70 -21.49
C LYS A 418 2.34 -21.03 -22.61
N ALA A 419 1.77 -22.23 -22.58
CA ALA A 419 1.00 -22.75 -23.71
C ALA A 419 -0.48 -22.42 -23.64
N ARG A 420 -0.90 -21.57 -22.71
CA ARG A 420 -2.28 -21.12 -22.68
C ARG A 420 -2.43 -19.87 -23.54
N LYS A 421 -3.51 -19.85 -24.34
CA LYS A 421 -3.69 -18.85 -25.38
C LYS A 421 -4.97 -18.01 -25.26
N ARG A 422 -5.88 -18.32 -24.34
CA ARG A 422 -7.13 -17.59 -24.22
C ARG A 422 -7.50 -17.42 -22.75
N VAL A 423 -8.20 -16.33 -22.44
CA VAL A 423 -8.72 -16.10 -21.09
C VAL A 423 -10.17 -15.65 -21.18
N SER A 424 -11.02 -16.25 -20.36
CA SER A 424 -12.40 -15.81 -20.18
C SER A 424 -12.56 -15.38 -18.74
N THR A 425 -13.36 -14.34 -18.54
CA THR A 425 -13.57 -13.74 -17.22
C THR A 425 -15.03 -13.90 -16.82
N PHE A 426 -15.27 -14.48 -15.64
CA PHE A 426 -16.60 -14.73 -15.09
C PHE A 426 -16.73 -13.97 -13.77
N LEU A 427 -17.92 -13.43 -13.51
CA LEU A 427 -18.13 -12.54 -12.37
C LEU A 427 -19.33 -12.99 -11.56
N THR A 428 -19.16 -13.07 -10.24
CA THR A 428 -20.31 -13.25 -9.35
C THR A 428 -20.30 -12.14 -8.31
N ASP A 429 -21.40 -11.41 -8.22
CA ASP A 429 -21.60 -10.42 -7.17
C ASP A 429 -23.11 -10.26 -7.01
N ASN A 430 -23.56 -9.15 -6.40
CA ASN A 430 -24.98 -8.99 -6.15
C ASN A 430 -25.82 -8.93 -7.43
N SER A 431 -25.20 -8.70 -8.59
CA SER A 431 -25.96 -8.59 -9.83
C SER A 431 -25.47 -9.51 -10.95
N HIS A 432 -24.60 -10.47 -10.64
CA HIS A 432 -24.05 -11.39 -11.62
C HIS A 432 -23.97 -12.77 -10.99
N ASN A 433 -24.44 -13.79 -11.71
CA ASN A 433 -24.32 -15.20 -11.30
C ASN A 433 -23.36 -15.91 -12.25
N VAL A 434 -22.06 -15.89 -11.94
CA VAL A 434 -21.02 -16.49 -12.78
C VAL A 434 -21.22 -16.05 -14.23
N THR A 435 -21.41 -14.75 -14.41
CA THR A 435 -21.68 -14.19 -15.73
C THR A 435 -20.40 -14.07 -16.54
N LEU A 436 -20.44 -14.47 -17.81
CA LEU A 436 -19.30 -14.26 -18.69
C LEU A 436 -19.14 -12.77 -18.98
N MET A 437 -17.99 -12.21 -18.60
CA MET A 437 -17.78 -10.77 -18.69
C MET A 437 -16.96 -10.39 -19.91
N ASP A 438 -15.96 -11.21 -20.26
CA ASP A 438 -15.00 -10.84 -21.29
C ASP A 438 -14.27 -12.10 -21.77
N GLN A 439 -13.86 -12.08 -23.05
CA GLN A 439 -13.01 -13.12 -23.61
C GLN A 439 -11.93 -12.47 -24.46
N SER A 440 -10.68 -12.85 -24.23
CA SER A 440 -9.55 -12.20 -24.87
C SER A 440 -8.51 -13.22 -25.27
N GLU A 441 -7.68 -12.84 -26.24
CA GLU A 441 -6.50 -13.61 -26.59
C GLU A 441 -5.44 -13.41 -25.51
N LEU A 442 -4.61 -14.42 -25.30
CA LEU A 442 -3.55 -14.36 -24.31
C LEU A 442 -2.26 -13.94 -25.00
N HIS A 443 -1.84 -12.70 -24.76
CA HIS A 443 -0.56 -12.19 -25.22
C HIS A 443 0.32 -11.97 -24.00
N GLY A 444 1.44 -12.69 -23.94
CA GLY A 444 2.30 -12.64 -22.79
C GLY A 444 1.72 -13.39 -21.60
N SER A 445 2.43 -13.27 -20.48
CA SER A 445 2.08 -14.02 -19.28
C SER A 445 1.48 -13.12 -18.19
N VAL A 446 0.80 -12.06 -18.60
CA VAL A 446 0.29 -11.04 -17.68
C VAL A 446 -1.16 -10.76 -18.01
N LEU A 447 -2.03 -10.87 -17.01
CA LEU A 447 -3.43 -10.48 -17.08
C LEU A 447 -3.65 -9.22 -16.25
N LYS A 448 -4.41 -8.28 -16.78
CA LYS A 448 -4.85 -7.12 -16.02
C LYS A 448 -6.37 -7.03 -16.08
N ALA A 449 -6.99 -6.73 -14.95
CA ALA A 449 -8.45 -6.64 -14.87
C ALA A 449 -8.83 -5.90 -13.61
N THR A 450 -10.01 -5.28 -13.61
CA THR A 450 -10.56 -4.63 -12.43
C THR A 450 -11.62 -5.53 -11.83
N VAL A 451 -11.43 -5.92 -10.58
CA VAL A 451 -12.36 -6.83 -9.91
C VAL A 451 -13.30 -5.99 -9.06
N PRO A 452 -14.62 -6.05 -9.31
CA PRO A 452 -15.59 -5.21 -8.57
C PRO A 452 -15.62 -5.58 -7.10
N PRO A 453 -16.17 -4.70 -6.26
CA PRO A 453 -16.16 -4.97 -4.82
C PRO A 453 -17.01 -6.17 -4.47
N ARG A 454 -16.57 -6.91 -3.45
CA ARG A 454 -17.38 -7.94 -2.81
C ARG A 454 -17.86 -8.98 -3.83
N ALA A 455 -16.90 -9.50 -4.61
CA ALA A 455 -17.19 -10.27 -5.80
C ALA A 455 -16.18 -11.40 -5.92
N VAL A 456 -16.58 -12.45 -6.64
CA VAL A 456 -15.66 -13.50 -7.06
C VAL A 456 -15.52 -13.39 -8.57
N GLN A 457 -14.31 -13.14 -9.03
CA GLN A 457 -14.00 -13.07 -10.45
C GLN A 457 -13.10 -14.24 -10.79
N VAL A 458 -13.57 -15.10 -11.70
CA VAL A 458 -12.81 -16.26 -12.13
C VAL A 458 -12.15 -15.96 -13.48
N PHE A 459 -10.85 -16.16 -13.55
CA PHE A 459 -10.14 -16.10 -14.82
C PHE A 459 -9.93 -17.53 -15.33
N TRP A 460 -10.50 -17.82 -16.50
CA TRP A 460 -10.52 -19.15 -17.09
C TRP A 460 -9.56 -19.18 -18.27
N LEU A 461 -8.46 -19.91 -18.13
CA LEU A 461 -7.37 -19.92 -19.11
C LEU A 461 -7.40 -21.20 -19.93
N GLU A 462 -7.41 -21.07 -21.26
CA GLU A 462 -7.39 -22.21 -22.15
C GLU A 462 -6.26 -22.11 -23.18
N TRP B 17 -19.18 -40.28 27.54
CA TRP B 17 -18.94 -41.71 27.73
C TRP B 17 -17.43 -41.98 27.87
N SER B 18 -17.07 -43.13 28.43
CA SER B 18 -15.68 -43.48 28.61
C SER B 18 -15.57 -45.00 28.71
N TYR B 19 -14.32 -45.49 28.67
CA TYR B 19 -14.10 -46.92 28.81
C TYR B 19 -12.76 -47.17 29.48
N SER B 20 -12.51 -48.46 29.80
CA SER B 20 -11.31 -48.83 30.53
C SER B 20 -10.16 -49.00 29.55
N GLN B 21 -9.15 -48.17 29.71
CA GLN B 21 -7.92 -48.13 28.96
C GLN B 21 -7.09 -47.04 29.62
N THR B 22 -5.78 -47.23 29.63
CA THR B 22 -4.90 -46.19 30.17
C THR B 22 -3.74 -46.00 29.22
N LEU B 23 -3.45 -44.73 28.89
CA LEU B 23 -2.24 -44.38 28.17
C LEU B 23 -1.52 -43.28 28.94
N SER B 24 -0.34 -42.90 28.46
N SER B 24 -0.35 -42.90 28.44
CA SER B 24 0.48 -41.90 29.13
CA SER B 24 0.51 -41.93 29.12
C SER B 24 0.73 -40.72 28.20
C SER B 24 0.81 -40.75 28.20
N ALA B 25 1.02 -39.58 28.81
CA ALA B 25 1.36 -38.36 28.10
C ALA B 25 2.47 -37.67 28.88
N ASN B 26 3.45 -37.13 28.15
CA ASN B 26 4.54 -36.35 28.72
C ASN B 26 4.31 -34.88 28.42
N ILE B 27 4.36 -34.05 29.46
CA ILE B 27 4.14 -32.62 29.35
C ILE B 27 5.38 -31.91 29.87
N GLN B 28 5.78 -30.84 29.18
CA GLN B 28 6.89 -29.99 29.60
C GLN B 28 6.37 -28.57 29.72
N VAL B 29 6.61 -27.96 30.88
CA VAL B 29 6.21 -26.59 31.14
C VAL B 29 7.48 -25.79 31.37
N ASN B 30 7.60 -24.65 30.71
CA ASN B 30 8.86 -23.89 30.70
C ASN B 30 8.56 -22.41 30.88
N ALA B 31 8.82 -21.88 32.07
CA ALA B 31 8.53 -20.47 32.35
C ALA B 31 9.49 -19.51 31.65
N LEU B 32 10.55 -20.03 31.02
CA LEU B 32 11.46 -19.18 30.27
C LEU B 32 10.91 -18.83 28.90
N GLN B 33 9.95 -19.60 28.40
CA GLN B 33 9.25 -19.32 27.16
C GLN B 33 7.97 -18.56 27.49
N ARG B 34 7.85 -17.33 27.00
CA ARG B 34 6.79 -16.44 27.44
C ARG B 34 6.01 -15.88 26.25
N TYR B 35 4.69 -15.86 26.39
CA TYR B 35 3.80 -15.38 25.34
C TYR B 35 2.95 -14.20 25.81
N GLN B 36 1.63 -14.28 25.67
CA GLN B 36 0.78 -13.11 25.89
C GLN B 36 0.48 -12.89 27.37
N GLU B 37 0.22 -11.63 27.71
CA GLU B 37 -0.29 -11.27 29.03
C GLU B 37 -1.80 -11.42 29.07
N MET B 38 -2.32 -12.10 30.10
CA MET B 38 -3.71 -12.48 30.03
C MET B 38 -4.54 -11.39 30.67
N ILE B 39 -5.77 -11.23 30.19
CA ILE B 39 -6.71 -10.24 30.73
C ILE B 39 -7.79 -10.92 31.56
N GLY B 40 -8.50 -11.86 30.98
CA GLY B 40 -9.43 -12.67 31.74
C GLY B 40 -10.63 -13.13 30.92
N GLY B 41 -11.61 -13.69 31.62
CA GLY B 41 -12.85 -14.08 30.97
C GLY B 41 -13.98 -13.13 31.33
N GLY B 42 -15.05 -13.08 30.53
CA GLY B 42 -16.15 -12.21 30.90
C GLY B 42 -17.42 -12.44 30.10
N CYS B 43 -18.27 -11.42 30.11
CA CYS B 43 -19.62 -11.51 29.55
C CYS B 43 -20.21 -10.09 29.55
N SER B 44 -21.39 -9.94 28.92
CA SER B 44 -22.07 -8.67 28.78
C SER B 44 -23.46 -8.69 29.43
N GLY B 45 -23.94 -7.52 29.83
CA GLY B 45 -25.34 -7.37 30.22
C GLY B 45 -26.13 -6.48 29.28
N ALA B 46 -25.62 -6.32 28.05
CA ALA B 46 -26.20 -5.42 27.09
C ALA B 46 -27.66 -5.75 26.77
N PHE B 47 -28.37 -4.74 26.25
CA PHE B 47 -29.74 -4.89 25.75
C PHE B 47 -30.71 -5.30 26.84
N GLY B 48 -30.46 -4.86 28.06
CA GLY B 48 -31.35 -5.13 29.18
C GLY B 48 -31.09 -6.41 29.93
N TRP B 49 -30.15 -7.24 29.47
CA TRP B 49 -29.84 -8.46 30.22
C TRP B 49 -29.32 -8.16 31.62
N ALA B 50 -28.61 -7.04 31.80
CA ALA B 50 -28.25 -6.62 33.15
C ALA B 50 -29.49 -6.42 34.02
N CYS B 51 -30.61 -5.99 33.43
CA CYS B 51 -31.84 -5.80 34.19
C CYS B 51 -32.53 -7.11 34.53
N GLN B 52 -32.27 -8.16 33.77
CA GLN B 52 -32.75 -9.49 34.14
C GLN B 52 -31.90 -10.09 35.23
N GLN B 53 -30.64 -9.70 35.29
CA GLN B 53 -29.79 -10.08 36.40
C GLN B 53 -30.16 -9.28 37.64
N PHE B 54 -30.61 -8.04 37.48
CA PHE B 54 -31.01 -7.16 38.58
C PHE B 54 -32.43 -6.67 38.34
N PRO B 55 -33.43 -7.55 38.48
CA PRO B 55 -34.81 -7.15 38.14
C PRO B 55 -35.58 -6.45 39.26
N THR B 56 -35.25 -6.78 40.52
CA THR B 56 -36.06 -6.38 41.68
C THR B 56 -37.54 -6.69 41.39
N THR B 57 -37.76 -7.86 40.79
CA THR B 57 -39.05 -8.55 40.68
C THR B 57 -38.75 -9.93 40.09
N GLY B 58 -39.19 -10.97 40.78
CA GLY B 58 -38.66 -12.29 40.50
C GLY B 58 -37.42 -12.53 41.34
N LEU B 59 -36.24 -12.39 40.75
CA LEU B 59 -35.00 -12.67 41.46
C LEU B 59 -34.82 -11.71 42.63
N THR B 60 -34.67 -12.25 43.83
CA THR B 60 -34.47 -11.44 45.02
C THR B 60 -33.10 -10.74 44.98
N PRO B 61 -32.95 -9.62 45.71
CA PRO B 61 -31.61 -9.02 45.81
C PRO B 61 -30.55 -9.98 46.34
N GLU B 62 -30.90 -10.83 47.31
CA GLU B 62 -29.94 -11.86 47.73
C GLU B 62 -29.49 -12.72 46.55
N ASN B 63 -30.43 -13.14 45.71
CA ASN B 63 -30.09 -14.03 44.60
C ASN B 63 -29.43 -13.26 43.46
N GLN B 64 -29.72 -11.96 43.30
CA GLN B 64 -28.99 -11.22 42.27
C GLN B 64 -27.55 -11.05 42.67
N GLU B 65 -27.29 -10.73 43.95
CA GLU B 65 -25.92 -10.67 44.43
C GLU B 65 -25.23 -12.01 44.23
N GLU B 66 -25.90 -13.10 44.62
CA GLU B 66 -25.32 -14.43 44.50
C GLU B 66 -24.97 -14.74 43.04
N VAL B 67 -25.85 -14.40 42.10
CA VAL B 67 -25.57 -14.69 40.70
C VAL B 67 -24.35 -13.92 40.23
N THR B 68 -24.25 -12.63 40.58
CA THR B 68 -23.08 -11.86 40.18
C THR B 68 -21.82 -12.37 40.87
N LYS B 69 -21.95 -12.78 42.14
CA LYS B 69 -20.82 -13.34 42.88
C LYS B 69 -20.30 -14.62 42.23
N ILE B 70 -21.22 -15.53 41.86
CA ILE B 70 -20.84 -16.75 41.15
C ILE B 70 -20.00 -16.42 39.91
N LEU B 71 -20.39 -15.38 39.16
CA LEU B 71 -19.64 -15.04 37.94
C LEU B 71 -18.27 -14.45 38.25
N PHE B 72 -18.21 -13.47 39.16
CA PHE B 72 -17.02 -12.62 39.23
C PHE B 72 -16.17 -12.82 40.47
N ASP B 73 -16.60 -13.63 41.43
CA ASP B 73 -15.74 -14.01 42.56
C ASP B 73 -14.56 -14.82 42.03
N GLU B 74 -13.35 -14.40 42.41
N GLU B 74 -13.35 -14.42 42.43
CA GLU B 74 -12.16 -15.12 41.97
CA GLU B 74 -12.14 -15.10 41.97
C GLU B 74 -12.27 -16.61 42.24
C GLU B 74 -12.13 -16.57 42.34
N ASN B 75 -12.86 -16.96 43.39
CA ASN B 75 -12.94 -18.36 43.81
C ASN B 75 -14.06 -19.16 43.16
N ILE B 76 -14.90 -18.54 42.33
CA ILE B 76 -16.00 -19.31 41.76
C ILE B 76 -15.83 -19.24 40.25
N GLY B 77 -16.54 -18.32 39.60
CA GLY B 77 -16.44 -18.23 38.14
C GLY B 77 -15.13 -17.65 37.67
N GLY B 78 -14.52 -16.78 38.47
CA GLY B 78 -13.22 -16.21 38.13
C GLY B 78 -13.23 -15.13 37.06
N LEU B 79 -14.40 -14.64 36.66
CA LEU B 79 -14.46 -13.72 35.53
C LEU B 79 -13.96 -12.34 35.93
N SER B 80 -13.46 -11.60 34.93
CA SER B 80 -12.92 -10.26 35.17
C SER B 80 -13.41 -9.21 34.19
N ILE B 81 -13.97 -9.57 33.04
CA ILE B 81 -14.35 -8.60 32.02
C ILE B 81 -15.85 -8.40 32.05
N VAL B 82 -16.29 -7.15 32.14
CA VAL B 82 -17.68 -6.79 31.88
C VAL B 82 -17.69 -5.94 30.63
N ARG B 83 -18.45 -6.36 29.63
CA ARG B 83 -18.54 -5.66 28.36
C ARG B 83 -19.88 -4.96 28.33
N ASN B 84 -19.87 -3.63 28.36
CA ASN B 84 -21.10 -2.84 28.37
C ASN B 84 -21.35 -2.25 26.99
N ASP B 85 -22.62 -2.21 26.59
CA ASP B 85 -23.04 -1.50 25.38
C ASP B 85 -23.19 -0.01 25.65
N ILE B 86 -22.39 0.82 24.97
CA ILE B 86 -22.69 2.26 24.93
C ILE B 86 -23.91 2.44 24.04
N GLY B 87 -25.08 2.54 24.66
CA GLY B 87 -26.30 2.43 23.91
C GLY B 87 -26.57 3.64 23.04
N SER B 88 -27.36 3.39 21.99
CA SER B 88 -27.68 4.41 20.99
C SER B 88 -29.16 4.43 20.67
N SER B 89 -29.98 3.69 21.43
CA SER B 89 -31.41 3.55 21.25
C SER B 89 -32.18 4.48 22.18
N PRO B 90 -33.45 4.78 21.86
CA PRO B 90 -34.28 5.54 22.79
C PRO B 90 -34.28 4.95 24.19
N GLY B 91 -33.93 5.76 25.17
CA GLY B 91 -33.94 5.32 26.55
C GLY B 91 -32.69 4.58 26.98
N SER B 92 -31.74 4.30 26.08
CA SER B 92 -30.50 3.64 26.46
C SER B 92 -29.25 4.46 26.12
N THR B 93 -29.40 5.67 25.59
CA THR B 93 -28.25 6.45 25.16
C THR B 93 -28.05 7.67 26.07
N ILE B 94 -26.79 8.09 26.22
CA ILE B 94 -26.50 9.32 26.94
C ILE B 94 -26.78 10.55 26.10
N LEU B 95 -27.14 10.38 24.82
CA LEU B 95 -27.47 11.50 23.94
C LEU B 95 -28.84 11.27 23.32
N PRO B 96 -29.91 11.37 24.13
CA PRO B 96 -31.25 11.07 23.59
C PRO B 96 -31.70 12.07 22.54
N THR B 97 -31.23 13.30 22.62
CA THR B 97 -31.52 14.32 21.61
C THR B 97 -30.18 14.84 21.10
N CYS B 98 -30.06 14.94 19.81
CA CYS B 98 -28.85 15.43 19.18
C CYS B 98 -28.97 16.91 18.84
N PRO B 99 -27.86 17.63 18.84
CA PRO B 99 -27.86 18.98 18.27
C PRO B 99 -27.96 18.90 16.75
N ALA B 100 -28.22 20.07 16.15
CA ALA B 100 -28.41 20.11 14.71
C ALA B 100 -27.12 19.85 13.95
N THR B 101 -25.98 20.27 14.50
CA THR B 101 -24.69 20.15 13.85
C THR B 101 -23.64 19.72 14.86
N PRO B 102 -22.45 19.31 14.42
CA PRO B 102 -21.40 18.94 15.39
C PRO B 102 -20.96 20.09 16.29
N ALA B 103 -21.35 21.33 16.01
CA ALA B 103 -20.98 22.39 16.93
C ALA B 103 -21.75 22.30 18.25
N GLY B 104 -22.73 21.42 18.35
CA GLY B 104 -23.51 21.31 19.56
C GLY B 104 -24.38 22.51 19.83
N PRO B 105 -24.65 22.79 21.12
CA PRO B 105 -24.14 22.07 22.29
C PRO B 105 -24.79 20.70 22.41
N PHE B 106 -24.11 19.81 23.13
CA PHE B 106 -24.59 18.46 23.36
C PHE B 106 -25.18 18.38 24.77
N ASN B 107 -26.33 17.72 24.88
CA ASN B 107 -27.03 17.57 26.16
C ASN B 107 -26.88 16.10 26.57
N TYR B 108 -25.89 15.81 27.41
CA TYR B 108 -25.63 14.44 27.85
C TYR B 108 -26.47 14.12 29.08
N GLN B 109 -27.05 12.91 29.10
CA GLN B 109 -27.96 12.50 30.15
C GLN B 109 -27.47 11.20 30.76
N TRP B 110 -27.44 11.14 32.09
CA TRP B 110 -27.03 9.93 32.80
C TRP B 110 -28.10 9.64 33.83
N ASP B 111 -28.65 8.42 33.82
CA ASP B 111 -29.71 8.12 34.76
C ASP B 111 -29.23 7.27 35.93
N GLY B 112 -27.93 7.03 36.03
CA GLY B 112 -27.38 6.21 37.10
C GLY B 112 -27.67 4.73 36.97
N SER B 113 -28.30 4.30 35.86
CA SER B 113 -28.62 2.90 35.62
C SER B 113 -27.92 2.37 34.38
N ASP B 114 -27.98 3.09 33.25
CA ASP B 114 -27.36 2.65 32.01
C ASP B 114 -27.91 1.27 31.64
N SER B 115 -29.25 1.15 31.64
CA SER B 115 -29.92 -0.13 31.37
C SER B 115 -29.39 -1.21 32.30
N CYS B 116 -29.23 -0.86 33.56
CA CYS B 116 -28.77 -1.69 34.66
C CYS B 116 -27.32 -2.12 34.49
N GLN B 117 -26.63 -1.67 33.43
CA GLN B 117 -25.23 -2.06 33.29
C GLN B 117 -24.38 -1.42 34.37
N PHE B 118 -24.79 -0.27 34.90
CA PHE B 118 -24.06 0.32 36.02
C PHE B 118 -24.18 -0.56 37.26
N ASN B 119 -25.37 -1.16 37.48
CA ASN B 119 -25.56 -2.10 38.58
C ASN B 119 -24.65 -3.31 38.40
N LEU B 120 -24.65 -3.88 37.20
CA LEU B 120 -23.79 -5.03 36.91
C LEU B 120 -22.33 -4.69 37.13
N THR B 121 -21.88 -3.55 36.59
CA THR B 121 -20.48 -3.19 36.71
C THR B 121 -20.10 -2.93 38.16
N LYS B 122 -20.92 -2.14 38.88
CA LYS B 122 -20.65 -1.85 40.28
C LYS B 122 -20.60 -3.13 41.11
N THR B 123 -21.52 -4.06 40.85
CA THR B 123 -21.57 -5.29 41.66
C THR B 123 -20.43 -6.24 41.30
N ALA B 124 -20.12 -6.37 40.02
CA ALA B 124 -18.96 -7.17 39.61
C ALA B 124 -17.68 -6.66 40.24
N LEU B 125 -17.52 -5.33 40.27
CA LEU B 125 -16.33 -4.72 40.87
C LEU B 125 -16.25 -5.01 42.37
N LYS B 126 -17.41 -5.03 43.04
CA LYS B 126 -17.45 -5.43 44.44
C LYS B 126 -16.82 -6.81 44.66
N TYR B 127 -17.14 -7.75 43.78
CA TYR B 127 -16.63 -9.12 43.91
C TYR B 127 -15.26 -9.32 43.26
N ASN B 128 -14.88 -8.45 42.33
CA ASN B 128 -13.57 -8.51 41.67
C ASN B 128 -12.98 -7.11 41.54
N PRO B 129 -12.10 -6.70 42.47
CA PRO B 129 -11.51 -5.35 42.37
C PRO B 129 -10.64 -5.16 41.16
N GLU B 130 -10.22 -6.24 40.50
CA GLU B 130 -9.44 -6.17 39.27
C GLU B 130 -10.31 -6.12 38.01
N LEU B 131 -11.57 -5.73 38.13
CA LEU B 131 -12.48 -5.76 36.99
C LEU B 131 -11.92 -4.98 35.81
N TYR B 132 -12.08 -5.56 34.64
CA TYR B 132 -11.65 -4.95 33.37
C TYR B 132 -12.93 -4.58 32.63
N VAL B 133 -13.30 -3.31 32.63
CA VAL B 133 -14.57 -2.91 32.01
C VAL B 133 -14.31 -2.51 30.57
N TYR B 134 -15.06 -3.12 29.64
CA TYR B 134 -14.96 -2.79 28.21
C TYR B 134 -16.25 -2.09 27.84
N ALA B 135 -16.17 -0.79 27.55
CA ALA B 135 -17.29 -0.01 27.05
C ALA B 135 -17.25 -0.06 25.53
N ASN B 136 -18.30 -0.60 24.91
CA ASN B 136 -18.30 -0.94 23.50
C ASN B 136 -19.60 -0.39 22.90
N ALA B 137 -19.49 0.55 21.96
CA ALA B 137 -20.68 1.02 21.26
C ALA B 137 -21.06 0.03 20.16
N TRP B 138 -22.36 -0.30 20.06
CA TRP B 138 -22.85 -1.09 18.92
C TRP B 138 -23.14 -0.22 17.73
N SER B 139 -23.45 1.06 17.96
CA SER B 139 -23.67 2.06 16.93
C SER B 139 -23.43 3.43 17.50
N ALA B 140 -23.07 4.38 16.63
CA ALA B 140 -23.14 5.79 16.97
C ALA B 140 -24.60 6.21 17.12
N PRO B 141 -24.89 7.33 17.76
CA PRO B 141 -26.24 7.90 17.67
C PRO B 141 -26.64 8.09 16.21
N GLY B 142 -27.93 7.85 15.91
CA GLY B 142 -28.37 7.89 14.52
C GLY B 142 -28.07 9.21 13.83
N CYS B 143 -28.14 10.31 14.58
CA CYS B 143 -27.86 11.63 14.01
C CYS B 143 -26.43 11.75 13.47
N MET B 144 -25.51 10.89 13.90
CA MET B 144 -24.16 10.96 13.35
C MET B 144 -23.83 9.89 12.33
N LYS B 145 -24.84 9.30 11.71
CA LYS B 145 -24.66 8.17 10.79
C LYS B 145 -25.32 8.49 9.47
N THR B 146 -24.83 7.82 8.43
CA THR B 146 -25.37 8.01 7.09
C THR B 146 -26.85 7.64 7.02
N VAL B 147 -27.27 6.63 7.79
CA VAL B 147 -28.65 6.16 7.72
C VAL B 147 -29.58 6.91 8.67
N GLY B 148 -29.05 7.76 9.55
CA GLY B 148 -29.88 8.59 10.40
C GLY B 148 -30.59 7.85 11.53
N THR B 149 -30.18 6.62 11.81
CA THR B 149 -30.76 5.77 12.84
C THR B 149 -29.65 4.90 13.41
N GLU B 150 -29.84 4.47 14.66
CA GLU B 150 -28.90 3.57 15.30
C GLU B 150 -29.02 2.16 14.76
N ASN B 151 -30.13 1.85 14.09
CA ASN B 151 -30.32 0.52 13.49
C ASN B 151 -29.73 0.49 12.08
N ASP B 152 -29.82 -0.69 11.44
CA ASP B 152 -29.67 -0.82 10.00
C ASP B 152 -28.28 -0.37 9.48
N GLY B 153 -27.24 -0.65 10.25
CA GLY B 153 -25.89 -0.50 9.71
C GLY B 153 -25.55 0.94 9.39
N GLY B 154 -24.93 1.17 8.22
CA GLY B 154 -24.57 2.51 7.85
C GLY B 154 -23.27 2.92 8.53
N GLN B 155 -22.79 4.13 8.21
CA GLN B 155 -21.44 4.55 8.57
C GLN B 155 -21.45 5.83 9.41
N ILE B 156 -20.40 6.00 10.23
CA ILE B 156 -20.16 7.30 10.86
C ILE B 156 -20.02 8.36 9.78
N CYS B 157 -20.82 9.42 9.88
CA CYS B 157 -20.68 10.56 8.98
C CYS B 157 -19.28 11.15 9.05
N GLY B 158 -18.61 11.22 7.91
CA GLY B 158 -17.31 11.85 7.80
C GLY B 158 -16.19 10.91 7.42
N VAL B 159 -16.38 9.59 7.58
CA VAL B 159 -15.38 8.67 7.04
C VAL B 159 -15.51 8.64 5.53
N ARG B 160 -14.48 8.11 4.85
CA ARG B 160 -14.54 8.09 3.39
C ARG B 160 -15.72 7.25 2.94
N GLY B 161 -16.26 7.59 1.76
CA GLY B 161 -17.42 6.88 1.26
C GLY B 161 -18.73 7.31 1.86
N THR B 162 -18.77 8.45 2.57
CA THR B 162 -19.98 9.04 3.09
C THR B 162 -20.15 10.44 2.52
N ASN B 163 -21.42 10.90 2.47
CA ASN B 163 -21.74 12.28 2.11
C ASN B 163 -22.90 12.76 2.98
N CYS B 164 -22.57 13.07 4.23
CA CYS B 164 -23.47 13.69 5.19
C CYS B 164 -23.31 15.21 5.14
N THR B 165 -24.30 15.90 5.69
CA THR B 165 -24.23 17.36 5.72
C THR B 165 -23.10 17.87 6.61
N TYR B 166 -22.62 17.06 7.56
CA TYR B 166 -21.51 17.43 8.43
C TYR B 166 -20.66 16.21 8.75
N ASP B 167 -19.41 16.48 9.14
CA ASP B 167 -18.47 15.47 9.65
C ASP B 167 -18.69 15.32 11.16
N TRP B 168 -19.22 14.17 11.59
CA TRP B 168 -19.55 13.94 12.99
C TRP B 168 -18.50 13.14 13.73
N ARG B 169 -17.31 12.95 13.16
CA ARG B 169 -16.31 12.06 13.76
C ARG B 169 -15.85 12.59 15.12
N GLN B 170 -15.50 13.88 15.18
CA GLN B 170 -15.06 14.43 16.46
C GLN B 170 -16.18 14.35 17.50
N ALA B 171 -17.41 14.66 17.08
CA ALA B 171 -18.55 14.59 18.00
C ALA B 171 -18.76 13.17 18.51
N TYR B 172 -18.64 12.16 17.63
CA TYR B 172 -18.78 10.78 18.08
C TYR B 172 -17.65 10.41 19.06
N ALA B 173 -16.42 10.84 18.76
CA ALA B 173 -15.33 10.57 19.70
C ALA B 173 -15.61 11.23 21.05
N ASP B 174 -16.08 12.48 21.05
CA ASP B 174 -16.36 13.19 22.29
C ASP B 174 -17.49 12.51 23.06
N TYR B 175 -18.49 12.00 22.33
CA TYR B 175 -19.59 11.29 22.95
C TYR B 175 -19.12 10.01 23.65
N LEU B 176 -18.23 9.25 22.99
CA LEU B 176 -17.70 8.04 23.64
C LEU B 176 -16.91 8.38 24.88
N VAL B 177 -16.12 9.45 24.82
CA VAL B 177 -15.34 9.84 25.99
C VAL B 177 -16.25 10.29 27.11
N GLN B 178 -17.40 10.91 26.78
CA GLN B 178 -18.32 11.35 27.82
C GLN B 178 -18.92 10.16 28.55
N TYR B 179 -19.27 9.10 27.82
CA TYR B 179 -19.74 7.88 28.46
C TYR B 179 -18.71 7.39 29.50
N VAL B 180 -17.43 7.36 29.10
CA VAL B 180 -16.38 6.97 30.04
C VAL B 180 -16.35 7.91 31.25
N LYS B 181 -16.50 9.21 31.01
CA LYS B 181 -16.49 10.17 32.13
C LYS B 181 -17.61 9.88 33.12
N PHE B 182 -18.78 9.43 32.65
CA PHE B 182 -19.86 9.12 33.57
C PHE B 182 -19.45 8.01 34.53
N TYR B 183 -18.77 6.97 34.02
CA TYR B 183 -18.36 5.88 34.89
C TYR B 183 -17.23 6.30 35.81
N GLN B 184 -16.30 7.12 35.29
CA GLN B 184 -15.19 7.59 36.12
C GLN B 184 -15.67 8.40 37.31
N ALA B 185 -16.68 9.25 37.12
CA ALA B 185 -17.21 10.07 38.20
C ALA B 185 -17.86 9.23 39.30
N GLU B 186 -18.35 8.05 38.95
CA GLU B 186 -18.89 7.09 39.91
C GLU B 186 -17.81 6.20 40.51
N GLY B 187 -16.54 6.45 40.19
CA GLY B 187 -15.45 5.67 40.76
C GLY B 187 -15.13 4.38 40.05
N ILE B 188 -15.56 4.22 38.80
CA ILE B 188 -15.30 3.01 38.03
C ILE B 188 -14.43 3.36 36.83
N ASP B 189 -13.25 2.77 36.77
CA ASP B 189 -12.35 2.97 35.64
C ASP B 189 -12.73 2.04 34.50
N ILE B 190 -12.79 2.60 33.31
CA ILE B 190 -12.96 1.82 32.09
C ILE B 190 -11.57 1.40 31.60
N SER B 191 -11.45 0.17 31.14
CA SER B 191 -10.15 -0.31 30.69
C SER B 191 -10.01 -0.30 29.18
N LEU B 192 -11.12 -0.42 28.44
CA LEU B 192 -11.08 -0.59 27.00
C LEU B 192 -12.29 0.11 26.41
N LEU B 193 -12.10 0.78 25.28
CA LEU B 193 -13.16 1.52 24.62
C LEU B 193 -13.25 1.08 23.16
N GLY B 194 -14.45 0.74 22.72
CA GLY B 194 -14.67 0.32 21.34
C GLY B 194 -15.82 1.10 20.74
N ALA B 195 -15.69 1.37 19.42
CA ALA B 195 -16.62 2.23 18.72
C ALA B 195 -17.52 1.51 17.73
N TRP B 196 -17.29 0.21 17.50
CA TRP B 196 -18.15 -0.60 16.64
C TRP B 196 -18.42 -1.95 17.28
N ASN B 197 -19.52 -2.55 16.81
CA ASN B 197 -19.79 -3.96 17.03
C ASN B 197 -20.09 -4.60 15.69
N GLU B 198 -19.38 -5.68 15.36
CA GLU B 198 -19.62 -6.47 14.16
C GLU B 198 -19.83 -5.56 12.94
N PRO B 199 -18.87 -4.67 12.66
CA PRO B 199 -19.02 -3.73 11.52
C PRO B 199 -19.06 -4.43 10.17
N ASP B 200 -18.75 -5.72 10.10
CA ASP B 200 -18.86 -6.49 8.87
C ASP B 200 -20.26 -7.04 8.66
N PHE B 201 -21.22 -6.69 9.52
CA PHE B 201 -22.52 -7.36 9.52
C PHE B 201 -23.61 -6.33 9.77
N ASN B 202 -24.70 -6.44 9.02
CA ASN B 202 -25.87 -5.60 9.23
C ASN B 202 -27.06 -6.46 9.63
N PRO B 203 -27.41 -6.50 10.92
CA PRO B 203 -28.60 -7.27 11.35
C PRO B 203 -29.91 -6.55 11.10
N VAL B 204 -29.86 -5.29 10.65
CA VAL B 204 -30.98 -4.42 10.29
C VAL B 204 -31.77 -3.93 11.51
N THR B 205 -32.25 -4.85 12.35
CA THR B 205 -33.30 -4.52 13.30
C THR B 205 -32.83 -4.07 14.68
N TYR B 206 -31.53 -4.00 14.95
CA TYR B 206 -31.06 -3.51 16.24
C TYR B 206 -29.77 -2.73 16.03
N GLU B 207 -29.23 -2.17 17.12
CA GLU B 207 -28.04 -1.31 17.05
C GLU B 207 -26.94 -1.95 16.23
N SER B 208 -26.48 -1.22 15.21
CA SER B 208 -25.47 -1.75 14.29
C SER B 208 -24.88 -0.58 13.51
N MET B 209 -23.67 -0.80 13.01
CA MET B 209 -23.00 0.22 12.21
C MET B 209 -21.83 -0.45 11.49
N GLU B 210 -21.71 -0.18 10.19
CA GLU B 210 -20.81 -0.90 9.30
C GLU B 210 -19.54 -0.09 9.06
N SER B 211 -18.46 -0.79 8.68
CA SER B 211 -17.18 -0.16 8.42
C SER B 211 -16.26 -1.17 7.74
N ASP B 212 -15.40 -0.67 6.85
CA ASP B 212 -14.22 -1.43 6.47
C ASP B 212 -13.06 -0.85 7.27
N GLY B 213 -11.82 -1.30 7.01
CA GLY B 213 -10.70 -0.81 7.80
C GLY B 213 -10.20 0.57 7.41
N PHE B 214 -10.38 0.96 6.14
CA PHE B 214 -10.06 2.32 5.73
C PHE B 214 -10.97 3.33 6.44
N GLN B 215 -12.28 3.08 6.39
CA GLN B 215 -13.23 3.94 7.10
C GLN B 215 -13.00 3.90 8.60
N ALA B 216 -12.63 2.73 9.13
CA ALA B 216 -12.34 2.66 10.56
C ALA B 216 -11.14 3.53 10.93
N LYS B 217 -10.07 3.45 10.13
CA LYS B 217 -8.92 4.32 10.35
C LYS B 217 -9.33 5.78 10.29
N ASP B 218 -10.21 6.15 9.35
CA ASP B 218 -10.69 7.51 9.28
C ASP B 218 -11.33 7.95 10.58
N PHE B 219 -11.94 7.04 11.34
CA PHE B 219 -12.46 7.46 12.64
C PHE B 219 -11.41 7.34 13.75
N LEU B 220 -10.63 6.25 13.74
CA LEU B 220 -9.67 6.01 14.82
C LEU B 220 -8.61 7.11 14.89
N GLU B 221 -8.22 7.69 13.75
CA GLU B 221 -7.26 8.79 13.77
C GLU B 221 -7.79 9.98 14.56
N ILE B 222 -9.09 10.04 14.76
CA ILE B 222 -9.70 11.09 15.58
C ILE B 222 -10.02 10.58 16.98
N LEU B 223 -10.55 9.36 17.07
CA LEU B 223 -10.88 8.79 18.38
C LEU B 223 -9.64 8.62 19.24
N TYR B 224 -8.59 8.05 18.65
CA TYR B 224 -7.42 7.67 19.46
C TYR B 224 -6.77 8.84 20.18
N PRO B 225 -6.36 9.92 19.51
CA PRO B 225 -5.82 11.06 20.28
C PRO B 225 -6.84 11.72 21.18
N THR B 226 -8.13 11.76 20.79
CA THR B 226 -9.15 12.33 21.67
C THR B 226 -9.24 11.54 22.98
N VAL B 227 -9.16 10.22 22.89
CA VAL B 227 -9.19 9.39 24.09
C VAL B 227 -7.96 9.64 24.96
N LYS B 228 -6.77 9.63 24.37
CA LYS B 228 -5.57 9.68 25.21
C LYS B 228 -5.45 11.03 25.89
N LYS B 229 -6.03 12.09 25.31
CA LYS B 229 -6.01 13.40 25.93
C LYS B 229 -6.81 13.43 27.23
N ALA B 230 -7.93 12.69 27.27
CA ALA B 230 -8.77 12.63 28.46
C ALA B 230 -8.37 11.51 29.40
N PHE B 231 -7.93 10.38 28.85
CA PHE B 231 -7.66 9.17 29.63
C PHE B 231 -6.41 8.54 29.02
N PRO B 232 -5.23 8.95 29.45
CA PRO B 232 -4.01 8.50 28.77
C PRO B 232 -3.79 7.01 28.87
N ASN B 233 -4.42 6.33 29.83
CA ASN B 233 -4.23 4.90 30.02
C ASN B 233 -5.42 4.08 29.54
N LEU B 234 -6.40 4.70 28.88
CA LEU B 234 -7.55 3.98 28.32
C LEU B 234 -7.19 3.38 26.96
N ASP B 235 -7.25 2.05 26.85
CA ASP B 235 -6.98 1.37 25.59
C ASP B 235 -8.16 1.49 24.64
N VAL B 236 -7.87 1.44 23.34
CA VAL B 236 -8.86 1.55 22.28
C VAL B 236 -8.85 0.23 21.52
N SER B 237 -10.04 -0.31 21.23
CA SER B 237 -10.14 -1.59 20.52
C SER B 237 -10.47 -1.38 19.04
N CYS B 238 -10.24 -2.44 18.27
CA CYS B 238 -10.72 -2.52 16.89
C CYS B 238 -10.83 -3.99 16.55
N CYS B 239 -11.98 -4.42 16.01
CA CYS B 239 -13.20 -3.67 15.78
C CYS B 239 -14.42 -4.58 16.02
N ASP B 240 -14.22 -5.64 16.81
CA ASP B 240 -15.30 -6.56 17.19
C ASP B 240 -15.99 -7.19 15.98
N ALA B 241 -15.21 -7.61 14.98
CA ALA B 241 -15.79 -8.26 13.80
C ALA B 241 -16.48 -9.57 14.19
N THR B 242 -17.39 -10.04 13.32
CA THR B 242 -18.15 -11.26 13.61
C THR B 242 -17.29 -12.53 13.67
N GLY B 243 -16.08 -12.50 13.11
CA GLY B 243 -15.24 -13.68 13.08
C GLY B 243 -13.78 -13.28 12.89
N ALA B 244 -12.89 -14.27 13.02
CA ALA B 244 -11.46 -13.95 13.03
C ALA B 244 -11.00 -13.46 11.66
N ARG B 245 -11.46 -14.11 10.58
CA ARG B 245 -11.06 -13.68 9.24
C ARG B 245 -11.54 -12.25 8.96
N GLN B 246 -12.79 -11.94 9.30
CA GLN B 246 -13.29 -10.58 9.11
C GLN B 246 -12.50 -9.56 9.91
N GLU B 247 -12.08 -9.94 11.13
CA GLU B 247 -11.22 -9.06 11.91
C GLU B 247 -9.86 -8.89 11.26
N ARG B 248 -9.25 -9.97 10.77
CA ARG B 248 -7.96 -9.82 10.09
C ARG B 248 -8.08 -8.89 8.90
N ASN B 249 -9.19 -8.94 8.16
CA ASN B 249 -9.33 -8.05 7.02
C ASN B 249 -9.45 -6.59 7.45
N ILE B 250 -10.21 -6.31 8.52
CA ILE B 250 -10.30 -4.93 8.99
C ILE B 250 -8.93 -4.46 9.50
N LEU B 251 -8.23 -5.32 10.25
CA LEU B 251 -6.91 -4.96 10.77
C LEU B 251 -5.94 -4.66 9.63
N TYR B 252 -5.95 -5.49 8.58
CA TYR B 252 -5.12 -5.20 7.41
C TYR B 252 -5.43 -3.82 6.85
N GLU B 253 -6.70 -3.52 6.65
CA GLU B 253 -7.07 -2.26 6.03
C GLU B 253 -6.77 -1.06 6.92
N VAL B 254 -7.00 -1.19 8.24
CA VAL B 254 -6.64 -0.09 9.15
C VAL B 254 -5.18 0.24 9.01
N GLN B 255 -4.33 -0.79 8.99
CA GLN B 255 -2.89 -0.59 8.88
C GLN B 255 -2.52 -0.07 7.50
N GLN B 256 -3.15 -0.61 6.46
CA GLN B 256 -2.90 -0.09 5.11
C GLN B 256 -3.23 1.39 5.00
N ALA B 257 -4.28 1.83 5.68
CA ALA B 257 -4.72 3.21 5.65
C ALA B 257 -3.86 4.14 6.51
N GLY B 258 -2.88 3.61 7.24
CA GLY B 258 -2.01 4.43 8.08
C GLY B 258 -2.34 4.46 9.56
N GLY B 259 -3.22 3.57 10.02
CA GLY B 259 -3.77 3.63 11.37
C GLY B 259 -3.23 2.60 12.35
N GLU B 260 -2.08 2.02 12.05
CA GLU B 260 -1.48 1.02 12.95
C GLU B 260 -1.42 1.51 14.40
N HIS B 261 -1.13 2.79 14.61
CA HIS B 261 -0.98 3.28 15.97
C HIS B 261 -2.20 4.03 16.49
N PHE B 262 -3.39 3.75 15.92
CA PHE B 262 -4.63 4.37 16.40
C PHE B 262 -5.56 3.36 17.06
N PHE B 263 -5.05 2.22 17.50
CA PHE B 263 -5.80 1.32 18.37
C PHE B 263 -4.79 0.47 19.13
N ASP B 264 -5.25 -0.14 20.22
CA ASP B 264 -4.34 -0.83 21.13
C ASP B 264 -4.59 -2.32 21.23
N VAL B 265 -5.83 -2.77 21.02
CA VAL B 265 -6.27 -4.14 21.27
C VAL B 265 -7.14 -4.58 20.10
N ALA B 266 -6.84 -5.75 19.54
CA ALA B 266 -7.66 -6.35 18.50
C ALA B 266 -8.79 -7.12 19.16
N THR B 267 -10.04 -6.82 18.81
CA THR B 267 -11.18 -7.54 19.36
C THR B 267 -11.95 -8.24 18.25
N TRP B 268 -12.47 -9.43 18.54
CA TRP B 268 -13.14 -10.22 17.52
C TRP B 268 -14.11 -11.16 18.20
N HIS B 269 -15.12 -11.59 17.43
CA HIS B 269 -16.10 -12.58 17.87
C HIS B 269 -15.87 -13.91 17.16
N ASN B 270 -16.43 -14.98 17.73
CA ASN B 270 -16.17 -16.34 17.23
C ASN B 270 -17.34 -16.88 16.40
N TYR B 271 -18.26 -16.02 15.96
CA TYR B 271 -19.46 -16.53 15.30
C TYR B 271 -19.21 -16.99 13.87
N GLN B 272 -18.43 -16.22 13.09
CA GLN B 272 -18.43 -16.39 11.64
C GLN B 272 -17.04 -16.66 11.08
N SER B 273 -16.10 -17.06 11.93
CA SER B 273 -14.82 -17.61 11.48
C SER B 273 -14.00 -17.82 12.73
N SER B 274 -13.46 -19.03 12.91
CA SER B 274 -12.65 -19.27 14.09
C SER B 274 -11.20 -19.46 13.69
N PRO B 275 -10.26 -18.93 14.46
CA PRO B 275 -8.85 -18.97 14.06
C PRO B 275 -8.13 -20.21 14.57
N GLU B 276 -7.04 -20.54 13.86
CA GLU B 276 -6.04 -21.47 14.37
C GLU B 276 -4.65 -20.86 14.22
N ARG B 277 -4.58 -19.56 13.95
CA ARG B 277 -3.35 -18.83 13.71
C ARG B 277 -3.47 -17.46 14.37
N PRO B 278 -2.36 -16.78 14.57
CA PRO B 278 -2.40 -15.46 15.24
C PRO B 278 -3.01 -14.40 14.35
N PHE B 279 -3.22 -13.23 14.94
CA PHE B 279 -3.76 -12.09 14.21
C PHE B 279 -2.64 -11.27 13.61
N ASN B 280 -3.00 -10.44 12.64
CA ASN B 280 -2.03 -9.74 11.81
C ASN B 280 -1.79 -8.32 12.33
N VAL B 281 -1.35 -8.28 13.59
CA VAL B 281 -0.88 -7.06 14.22
C VAL B 281 0.34 -7.43 15.05
N VAL B 282 1.28 -6.50 15.16
CA VAL B 282 2.50 -6.71 15.95
C VAL B 282 2.43 -5.85 17.20
N GLY B 283 2.74 -6.44 18.35
CA GLY B 283 2.80 -5.67 19.58
C GLY B 283 1.45 -5.32 20.19
N LYS B 284 0.37 -5.96 19.74
CA LYS B 284 -0.94 -5.70 20.31
C LYS B 284 -1.60 -7.01 20.73
N PRO B 285 -2.27 -7.02 21.88
CA PRO B 285 -3.00 -8.20 22.31
C PRO B 285 -4.35 -8.29 21.61
N ASN B 286 -4.99 -9.45 21.74
CA ASN B 286 -6.32 -9.63 21.18
C ASN B 286 -7.23 -10.29 22.21
N ILE B 287 -8.52 -9.94 22.11
CA ILE B 287 -9.55 -10.47 23.01
C ILE B 287 -10.69 -11.00 22.15
N MET B 288 -11.14 -12.22 22.44
CA MET B 288 -12.35 -12.73 21.81
C MET B 288 -13.49 -12.19 22.66
N THR B 289 -14.23 -11.21 22.16
CA THR B 289 -15.09 -10.42 23.04
C THR B 289 -16.55 -10.85 23.02
N GLU B 290 -16.92 -11.84 22.22
CA GLU B 290 -18.30 -12.32 22.25
C GLU B 290 -18.46 -13.64 21.53
N TRP B 291 -19.06 -14.61 22.22
CA TRP B 291 -19.50 -15.83 21.55
C TRP B 291 -20.52 -16.51 22.45
N ALA B 292 -21.41 -17.28 21.82
CA ALA B 292 -22.37 -18.09 22.55
C ALA B 292 -23.05 -19.04 21.60
N ASP B 293 -23.68 -20.08 22.16
CA ASP B 293 -24.65 -20.87 21.42
C ASP B 293 -25.91 -20.04 21.24
N GLY B 294 -26.03 -19.39 20.07
CA GLY B 294 -27.12 -18.46 19.85
C GLY B 294 -28.44 -19.09 19.45
N SER B 295 -28.47 -20.38 19.14
CA SER B 295 -29.70 -20.98 18.62
C SER B 295 -30.25 -22.12 19.46
N GLY B 296 -29.42 -22.83 20.20
CA GLY B 296 -29.86 -24.02 20.90
C GLY B 296 -30.55 -23.70 22.22
N PRO B 297 -31.18 -24.71 22.80
CA PRO B 297 -31.82 -24.51 24.10
C PRO B 297 -30.79 -24.28 25.20
N TRP B 298 -31.28 -23.73 26.31
CA TRP B 298 -30.49 -23.63 27.53
C TRP B 298 -29.82 -24.97 27.84
N ASN B 299 -28.54 -24.91 28.19
CA ASN B 299 -27.77 -26.14 28.36
C ASN B 299 -26.74 -25.94 29.47
N THR B 300 -26.58 -26.96 30.32
CA THR B 300 -25.64 -26.94 31.43
C THR B 300 -24.61 -28.06 31.39
N THR B 301 -24.77 -29.06 30.52
CA THR B 301 -23.95 -30.26 30.62
C THR B 301 -22.49 -29.98 30.31
N TRP B 302 -21.61 -30.80 30.90
CA TRP B 302 -20.18 -30.70 30.70
C TRP B 302 -19.72 -31.53 29.49
N ASP B 303 -20.03 -32.84 29.50
CA ASP B 303 -19.70 -33.72 28.37
C ASP B 303 -20.69 -34.88 28.34
N VAL B 304 -21.89 -34.60 27.82
CA VAL B 304 -22.90 -35.62 27.62
C VAL B 304 -23.16 -35.85 26.14
N SER B 305 -23.25 -34.79 25.36
CA SER B 305 -23.61 -34.88 23.95
C SER B 305 -22.42 -34.68 23.01
N GLY B 306 -21.40 -33.92 23.42
CA GLY B 306 -20.37 -33.48 22.50
C GLY B 306 -20.75 -32.26 21.68
N GLN B 307 -21.90 -31.67 21.94
CA GLN B 307 -22.34 -30.47 21.20
C GLN B 307 -21.58 -29.23 21.68
N LEU B 308 -21.48 -28.23 20.79
CA LEU B 308 -20.60 -27.08 21.03
C LEU B 308 -21.01 -26.24 22.23
N ALA B 309 -22.24 -26.39 22.74
CA ALA B 309 -22.63 -25.62 23.92
C ALA B 309 -22.02 -26.15 25.20
N GLU B 310 -21.46 -27.35 25.18
CA GLU B 310 -21.16 -28.00 26.43
C GLU B 310 -19.87 -27.44 27.02
N GLY B 311 -19.75 -27.60 28.35
CA GLY B 311 -18.61 -27.01 29.04
C GLY B 311 -17.25 -27.51 28.56
N LEU B 312 -17.14 -28.83 28.31
CA LEU B 312 -15.85 -29.35 27.86
C LEU B 312 -15.44 -28.75 26.52
N GLN B 313 -16.42 -28.54 25.63
CA GLN B 313 -16.10 -27.93 24.34
C GLN B 313 -15.61 -26.50 24.52
N TRP B 314 -16.21 -25.74 25.44
CA TRP B 314 -15.73 -24.38 25.69
C TRP B 314 -14.32 -24.37 26.28
N ALA B 315 -13.99 -25.32 27.17
CA ALA B 315 -12.59 -25.46 27.58
C ALA B 315 -11.67 -25.65 26.38
N LEU B 316 -12.08 -26.47 25.42
CA LEU B 316 -11.24 -26.72 24.25
C LEU B 316 -11.18 -25.51 23.31
N TYR B 317 -12.31 -24.83 23.11
CA TYR B 317 -12.30 -23.63 22.27
C TYR B 317 -11.36 -22.56 22.85
N MET B 318 -11.36 -22.43 24.17
CA MET B 318 -10.51 -21.44 24.82
C MET B 318 -9.04 -21.85 24.72
N HIS B 319 -8.74 -23.14 24.94
CA HIS B 319 -7.37 -23.61 24.73
C HIS B 319 -6.87 -23.25 23.35
N ASN B 320 -7.71 -23.47 22.33
CA ASN B 320 -7.29 -23.17 20.96
C ASN B 320 -6.97 -21.69 20.79
N ALA B 321 -7.83 -20.80 21.29
CA ALA B 321 -7.58 -19.37 21.14
C ALA B 321 -6.32 -18.94 21.92
N PHE B 322 -6.16 -19.44 23.15
CA PHE B 322 -5.02 -19.00 23.98
C PHE B 322 -3.70 -19.51 23.43
N THR B 323 -3.66 -20.72 22.88
CA THR B 323 -2.39 -21.28 22.45
C THR B 323 -2.11 -21.10 20.96
N ASN B 324 -3.14 -20.90 20.14
CA ASN B 324 -2.92 -20.83 18.70
C ASN B 324 -3.15 -19.45 18.13
N SER B 325 -3.89 -18.58 18.81
CA SER B 325 -4.02 -17.20 18.36
C SER B 325 -3.59 -16.20 19.44
N ASP B 326 -2.88 -16.70 20.45
CA ASP B 326 -2.27 -15.89 21.51
C ASP B 326 -3.29 -14.94 22.16
N THR B 327 -4.52 -15.42 22.27
CA THR B 327 -5.61 -14.60 22.78
C THR B 327 -5.50 -14.39 24.30
N SER B 328 -5.75 -13.15 24.74
CA SER B 328 -5.58 -12.75 26.13
C SER B 328 -6.89 -12.74 26.93
N GLY B 329 -8.03 -12.78 26.28
CA GLY B 329 -9.29 -12.78 27.00
C GLY B 329 -10.36 -13.47 26.18
N TYR B 330 -11.46 -13.84 26.85
CA TYR B 330 -12.50 -14.64 26.21
C TYR B 330 -13.84 -14.32 26.88
N ASN B 331 -14.85 -13.94 26.08
CA ASN B 331 -16.14 -13.51 26.62
C ASN B 331 -17.26 -14.40 26.13
N HIS B 332 -18.10 -14.87 27.05
CA HIS B 332 -19.44 -15.28 26.67
C HIS B 332 -20.21 -14.04 26.18
N TRP B 333 -21.34 -14.27 25.52
CA TRP B 333 -22.18 -13.15 25.13
C TRP B 333 -22.83 -12.51 26.37
N TRP B 334 -23.94 -13.06 26.86
CA TRP B 334 -24.59 -12.48 28.02
C TRP B 334 -24.16 -13.18 29.31
N CYS B 335 -24.16 -12.42 30.42
CA CYS B 335 -23.84 -13.01 31.71
C CYS B 335 -24.98 -13.90 32.20
N ALA B 336 -26.15 -13.31 32.39
CA ALA B 336 -27.22 -14.00 33.10
C ALA B 336 -28.57 -13.43 32.70
N GLY B 337 -29.57 -14.32 32.63
CA GLY B 337 -30.93 -13.94 32.33
C GLY B 337 -31.65 -14.96 31.45
N GLY B 338 -32.56 -14.49 30.61
CA GLY B 338 -33.22 -15.34 29.63
C GLY B 338 -32.37 -15.47 28.38
N GLY B 339 -33.03 -15.61 27.24
CA GLY B 339 -32.29 -15.77 26.00
C GLY B 339 -31.72 -17.16 25.77
N ALA B 340 -32.38 -18.20 26.30
CA ALA B 340 -31.99 -19.60 26.11
C ALA B 340 -30.51 -19.79 26.42
N ASP B 341 -29.72 -20.27 25.46
CA ASP B 341 -28.33 -20.64 25.74
C ASP B 341 -27.35 -19.48 25.56
N ASN B 342 -27.85 -18.25 25.41
CA ASN B 342 -26.95 -17.11 25.22
C ASN B 342 -26.35 -16.60 26.52
N VAL B 343 -26.71 -17.17 27.68
CA VAL B 343 -26.21 -16.70 28.97
C VAL B 343 -25.33 -17.78 29.60
N LEU B 344 -24.53 -17.36 30.58
CA LEU B 344 -23.82 -18.33 31.42
C LEU B 344 -24.68 -18.84 32.56
N ILE B 345 -25.58 -18.01 33.07
CA ILE B 345 -26.50 -18.38 34.15
C ILE B 345 -27.91 -18.05 33.70
N SER B 346 -28.75 -19.06 33.60
CA SER B 346 -30.14 -18.88 33.21
C SER B 346 -31.00 -18.51 34.41
N ILE B 347 -31.82 -17.47 34.27
CA ILE B 347 -32.71 -17.00 35.33
C ILE B 347 -34.16 -17.07 34.86
N THR B 348 -35.01 -17.71 35.66
CA THR B 348 -36.47 -17.73 35.46
C THR B 348 -37.14 -17.45 36.80
N GLY B 349 -37.83 -16.31 36.92
CA GLY B 349 -38.41 -15.96 38.21
C GLY B 349 -37.33 -15.82 39.27
N ASN B 350 -37.56 -16.44 40.44
CA ASN B 350 -36.59 -16.42 41.53
C ASN B 350 -35.75 -17.68 41.55
N SER B 351 -35.43 -18.23 40.38
CA SER B 351 -34.60 -19.42 40.28
C SER B 351 -33.55 -19.21 39.20
N TYR B 352 -32.42 -19.88 39.35
CA TYR B 352 -31.34 -19.78 38.37
C TYR B 352 -30.59 -21.11 38.28
N GLU B 353 -29.94 -21.31 37.12
CA GLU B 353 -29.12 -22.47 36.86
C GLU B 353 -27.81 -22.02 36.24
N VAL B 354 -26.72 -22.68 36.59
CA VAL B 354 -25.41 -22.32 36.09
C VAL B 354 -24.99 -23.33 35.02
N SER B 355 -24.58 -22.83 33.85
CA SER B 355 -24.02 -23.73 32.85
C SER B 355 -22.60 -24.14 33.21
N SER B 356 -22.26 -25.39 32.93
CA SER B 356 -20.88 -25.82 33.18
C SER B 356 -19.89 -25.12 32.28
N ARG B 357 -20.36 -24.34 31.29
CA ARG B 357 -19.43 -23.47 30.58
C ARG B 357 -18.67 -22.58 31.56
N LEU B 358 -19.32 -22.16 32.66
CA LEU B 358 -18.64 -21.32 33.62
C LEU B 358 -17.46 -22.02 34.26
N TRP B 359 -17.53 -23.36 34.44
CA TRP B 359 -16.40 -24.07 35.01
C TRP B 359 -15.27 -24.25 34.01
N ALA B 360 -15.56 -24.22 32.71
CA ALA B 360 -14.48 -24.09 31.73
C ALA B 360 -13.79 -22.75 31.89
N PHE B 361 -14.56 -21.65 32.00
CA PHE B 361 -13.98 -20.34 32.27
C PHE B 361 -13.15 -20.35 33.55
N ALA B 362 -13.72 -20.90 34.62
CA ALA B 362 -13.05 -20.89 35.92
C ALA B 362 -11.77 -21.71 35.87
N SER B 363 -11.76 -22.82 35.13
CA SER B 363 -10.55 -23.62 35.01
C SER B 363 -9.38 -22.80 34.49
N TYR B 364 -9.64 -21.82 33.63
CA TYR B 364 -8.57 -20.92 33.22
C TYR B 364 -8.40 -19.76 34.18
N PHE B 365 -9.49 -19.06 34.50
CA PHE B 365 -9.38 -17.71 35.03
C PHE B 365 -9.49 -17.62 36.54
N ARG B 366 -9.95 -18.66 37.22
CA ARG B 366 -9.82 -18.68 38.68
C ARG B 366 -8.35 -18.65 39.09
N PHE B 367 -7.48 -19.20 38.24
CA PHE B 367 -6.07 -19.39 38.56
C PHE B 367 -5.13 -18.49 37.78
N ALA B 368 -5.35 -18.31 36.48
CA ALA B 368 -4.57 -17.33 35.71
C ALA B 368 -5.27 -15.98 35.81
N ARG B 369 -4.83 -15.16 36.77
CA ARG B 369 -5.49 -13.89 37.07
C ARG B 369 -5.03 -12.83 36.07
N PRO B 370 -5.68 -11.66 36.05
CA PRO B 370 -5.20 -10.58 35.18
C PRO B 370 -3.72 -10.28 35.43
N GLY B 371 -2.99 -10.12 34.34
CA GLY B 371 -1.57 -9.85 34.41
C GLY B 371 -0.70 -11.09 34.33
N SER B 372 -1.29 -12.28 34.43
CA SER B 372 -0.52 -13.49 34.23
C SER B 372 -0.03 -13.55 32.78
N VAL B 373 1.04 -14.30 32.58
CA VAL B 373 1.65 -14.46 31.28
C VAL B 373 1.59 -15.93 30.91
N ARG B 374 1.08 -16.24 29.72
CA ARG B 374 1.13 -17.61 29.26
C ARG B 374 2.58 -18.02 29.01
N ILE B 375 2.93 -19.24 29.44
CA ILE B 375 4.30 -19.72 29.31
C ILE B 375 4.26 -21.02 28.52
N GLY B 376 5.45 -21.49 28.14
CA GLY B 376 5.58 -22.69 27.33
C GLY B 376 4.98 -23.91 27.99
N ALA B 377 4.18 -24.67 27.22
CA ALA B 377 3.64 -25.95 27.67
C ALA B 377 3.41 -26.80 26.44
N THR B 378 4.02 -28.00 26.42
CA THR B 378 3.88 -28.95 25.33
C THR B 378 3.38 -30.27 25.87
N SER B 379 2.69 -31.04 25.01
CA SER B 379 2.18 -32.37 25.33
C SER B 379 2.57 -33.35 24.23
N SER B 380 2.96 -34.55 24.64
CA SER B 380 3.31 -35.58 23.66
C SER B 380 2.09 -36.25 23.02
N VAL B 381 0.87 -35.86 23.42
CA VAL B 381 -0.35 -36.52 22.97
C VAL B 381 -1.29 -35.43 22.43
N GLU B 382 -1.73 -35.60 21.18
CA GLU B 382 -2.41 -34.50 20.48
C GLU B 382 -3.67 -34.05 21.21
N ASN B 383 -4.46 -34.98 21.75
CA ASN B 383 -5.71 -34.60 22.40
C ASN B 383 -5.61 -34.68 23.92
N VAL B 384 -4.41 -34.66 24.46
CA VAL B 384 -4.19 -34.26 25.84
C VAL B 384 -3.60 -32.86 25.75
N TYR B 385 -4.45 -31.86 25.92
CA TYR B 385 -4.10 -30.46 25.71
C TYR B 385 -3.54 -29.87 26.98
N VAL B 386 -2.59 -28.93 26.82
CA VAL B 386 -2.03 -28.25 27.98
C VAL B 386 -1.72 -26.80 27.60
N SER B 387 -1.93 -25.91 28.55
CA SER B 387 -1.38 -24.57 28.53
C SER B 387 -0.98 -24.24 29.96
N ALA B 388 -0.26 -23.14 30.15
CA ALA B 388 0.24 -22.80 31.47
C ALA B 388 0.40 -21.30 31.59
N TYR B 389 0.25 -20.79 32.82
CA TYR B 389 0.21 -19.35 33.06
C TYR B 389 0.91 -19.03 34.36
N GLU B 390 1.71 -17.97 34.33
CA GLU B 390 2.46 -17.54 35.51
C GLU B 390 1.92 -16.18 35.96
N ASN B 391 1.35 -16.16 37.15
CA ASN B 391 0.84 -14.92 37.70
C ASN B 391 1.99 -13.96 37.99
N LYS B 392 1.65 -12.68 38.17
CA LYS B 392 2.66 -11.70 38.52
C LYS B 392 3.43 -12.10 39.77
N ASN B 393 2.75 -12.74 40.74
CA ASN B 393 3.41 -13.10 41.97
C ASN B 393 4.12 -14.46 41.91
N GLY B 394 4.16 -15.09 40.75
CA GLY B 394 4.98 -16.29 40.56
C GLY B 394 4.23 -17.60 40.70
N THR B 395 2.99 -17.59 41.20
CA THR B 395 2.20 -18.82 41.16
C THR B 395 1.91 -19.21 39.72
N VAL B 396 1.73 -20.51 39.50
CA VAL B 396 1.59 -21.03 38.13
C VAL B 396 0.40 -21.95 38.06
N SER B 397 -0.37 -21.86 36.97
N SER B 397 -0.38 -21.81 36.99
CA SER B 397 -1.51 -22.74 36.75
CA SER B 397 -1.49 -22.68 36.67
C SER B 397 -1.34 -23.46 35.43
C SER B 397 -1.16 -23.50 35.44
N ILE B 398 -1.52 -24.78 35.47
CA ILE B 398 -1.36 -25.65 34.30
C ILE B 398 -2.68 -26.38 34.06
N PRO B 399 -3.60 -25.80 33.28
CA PRO B 399 -4.85 -26.53 32.94
C PRO B 399 -4.61 -27.58 31.87
N VAL B 400 -4.83 -28.84 32.23
CA VAL B 400 -4.68 -29.95 31.28
C VAL B 400 -6.07 -30.41 30.88
N ILE B 401 -6.28 -30.62 29.59
CA ILE B 401 -7.57 -31.10 29.10
C ILE B 401 -7.35 -32.49 28.55
N ASN B 402 -7.93 -33.49 29.20
CA ASN B 402 -7.92 -34.83 28.63
C ASN B 402 -9.18 -34.96 27.78
N ALA B 403 -9.03 -34.72 26.48
CA ALA B 403 -10.16 -34.85 25.57
C ALA B 403 -10.42 -36.29 25.14
N ALA B 404 -9.61 -37.25 25.59
CA ALA B 404 -9.84 -38.65 25.27
C ALA B 404 -10.88 -39.25 26.21
N HIS B 405 -11.33 -40.45 25.84
CA HIS B 405 -12.45 -41.12 26.49
C HIS B 405 -11.99 -42.21 27.45
N PHE B 406 -10.78 -42.06 27.97
CA PHE B 406 -10.18 -42.95 28.95
C PHE B 406 -9.11 -42.15 29.69
N PRO B 407 -8.68 -42.62 30.87
CA PRO B 407 -7.71 -41.83 31.65
C PRO B 407 -6.30 -41.81 31.05
N TYR B 408 -5.62 -40.69 31.28
CA TYR B 408 -4.22 -40.51 30.90
C TYR B 408 -3.37 -40.30 32.14
N GLU B 409 -2.28 -41.07 32.24
CA GLU B 409 -1.26 -40.88 33.25
C GLU B 409 -0.27 -39.85 32.71
N VAL B 410 -0.29 -38.64 33.26
CA VAL B 410 0.55 -37.57 32.76
C VAL B 410 1.76 -37.40 33.66
N THR B 411 2.86 -37.02 33.04
CA THR B 411 4.10 -36.67 33.72
C THR B 411 4.45 -35.27 33.25
N ILE B 412 4.56 -34.33 34.18
CA ILE B 412 4.77 -32.92 33.87
C ILE B 412 6.17 -32.52 34.36
N ASP B 413 7.05 -32.19 33.42
CA ASP B 413 8.38 -31.69 33.75
C ASP B 413 8.30 -30.17 33.89
N LEU B 414 8.80 -29.65 35.00
CA LEU B 414 8.74 -28.22 35.30
C LEU B 414 10.12 -27.60 35.13
N GLN B 415 10.24 -26.61 34.24
CA GLN B 415 11.50 -25.90 34.04
C GLN B 415 11.29 -24.42 34.37
N GLY B 416 12.26 -23.83 35.07
CA GLY B 416 12.18 -22.42 35.36
C GLY B 416 11.29 -22.07 36.52
N LEU B 417 10.83 -23.05 37.29
CA LEU B 417 9.94 -22.88 38.44
C LEU B 417 10.50 -23.57 39.68
N LYS B 418 11.82 -23.53 39.88
CA LYS B 418 12.39 -24.23 41.02
C LYS B 418 11.90 -23.67 42.35
N ALA B 419 11.41 -22.43 42.38
CA ALA B 419 10.96 -21.79 43.62
C ALA B 419 9.53 -22.19 44.00
N ARG B 420 9.04 -23.34 43.56
CA ARG B 420 7.68 -23.77 43.86
C ARG B 420 7.68 -24.87 44.91
N LYS B 421 6.77 -24.74 45.89
CA LYS B 421 6.74 -25.54 47.10
C LYS B 421 5.57 -26.52 47.17
N ARG B 422 4.41 -26.14 46.65
CA ARG B 422 3.18 -26.88 46.84
C ARG B 422 2.43 -26.99 45.53
N VAL B 423 1.67 -28.08 45.39
CA VAL B 423 0.80 -28.29 44.23
C VAL B 423 -0.57 -28.69 44.71
N SER B 424 -1.59 -28.02 44.19
CA SER B 424 -2.99 -28.38 44.40
C SER B 424 -3.57 -28.80 43.05
N THR B 425 -4.40 -29.83 43.06
CA THR B 425 -5.00 -30.37 41.86
C THR B 425 -6.50 -30.14 41.87
N PHE B 426 -7.04 -29.55 40.80
CA PHE B 426 -8.46 -29.27 40.66
C PHE B 426 -9.01 -30.02 39.44
N LEU B 427 -10.25 -30.50 39.55
CA LEU B 427 -10.85 -31.34 38.51
C LEU B 427 -12.24 -30.83 38.15
N THR B 428 -12.49 -30.74 36.83
CA THR B 428 -13.82 -30.51 36.31
C THR B 428 -14.15 -31.61 35.31
N ASP B 429 -15.29 -32.28 35.53
CA ASP B 429 -15.84 -33.26 34.60
C ASP B 429 -17.32 -33.38 34.92
N ASN B 430 -17.96 -34.47 34.47
CA ASN B 430 -19.41 -34.55 34.62
C ASN B 430 -19.86 -34.59 36.09
N SER B 431 -18.96 -34.91 37.02
CA SER B 431 -19.33 -34.98 38.43
C SER B 431 -18.46 -34.08 39.33
N HIS B 432 -17.72 -33.13 38.75
CA HIS B 432 -16.82 -32.26 39.51
C HIS B 432 -16.83 -30.87 38.92
N ASN B 433 -17.06 -29.86 39.77
CA ASN B 433 -17.00 -28.45 39.35
C ASN B 433 -15.77 -27.78 39.96
N VAL B 434 -14.63 -27.89 39.26
CA VAL B 434 -13.36 -27.34 39.74
C VAL B 434 -13.15 -27.78 41.19
N THR B 435 -13.29 -29.08 41.44
CA THR B 435 -13.17 -29.66 42.77
C THR B 435 -11.70 -29.82 43.16
N LEU B 436 -11.36 -29.40 44.38
CA LEU B 436 -10.02 -29.70 44.92
C LEU B 436 -9.89 -31.20 45.19
N MET B 437 -8.96 -31.84 44.48
CA MET B 437 -8.76 -33.29 44.55
C MET B 437 -7.57 -33.70 45.40
N ASP B 438 -6.49 -32.92 45.39
CA ASP B 438 -5.28 -33.27 46.12
C ASP B 438 -4.47 -32.01 46.39
N GLN B 439 -3.68 -32.06 47.47
CA GLN B 439 -2.67 -31.04 47.76
C GLN B 439 -1.43 -31.73 48.31
N SER B 440 -0.26 -31.39 47.77
N SER B 440 -0.28 -31.38 47.76
CA SER B 440 0.95 -32.05 48.21
CA SER B 440 0.98 -32.04 48.09
C SER B 440 2.14 -31.11 48.05
C SER B 440 2.11 -31.02 48.14
N GLU B 441 3.18 -31.37 48.84
CA GLU B 441 4.41 -30.61 48.73
C GLU B 441 5.13 -31.00 47.44
N LEU B 442 5.88 -30.05 46.90
CA LEU B 442 6.74 -30.31 45.75
C LEU B 442 8.12 -30.67 46.26
N HIS B 443 8.55 -31.91 46.00
CA HIS B 443 9.87 -32.38 46.40
C HIS B 443 10.79 -32.63 45.22
N GLY B 444 10.44 -32.10 44.05
CA GLY B 444 11.29 -32.13 42.87
C GLY B 444 10.71 -31.21 41.81
N SER B 445 11.00 -31.48 40.54
CA SER B 445 10.44 -30.71 39.44
C SER B 445 9.59 -31.56 38.50
N VAL B 446 9.05 -32.66 38.99
CA VAL B 446 8.23 -33.56 38.18
C VAL B 446 6.92 -33.78 38.90
N LEU B 447 5.81 -33.63 38.17
CA LEU B 447 4.47 -33.94 38.65
C LEU B 447 3.97 -35.19 37.93
N LYS B 448 3.32 -36.09 38.66
CA LYS B 448 2.67 -37.25 38.07
C LYS B 448 1.23 -37.30 38.59
N ALA B 449 0.28 -37.51 37.70
CA ALA B 449 -1.11 -37.67 38.11
C ALA B 449 -1.87 -38.36 36.99
N THR B 450 -3.01 -38.95 37.34
CA THR B 450 -3.90 -39.54 36.34
C THR B 450 -5.07 -38.60 36.11
N VAL B 451 -5.24 -38.13 34.88
CA VAL B 451 -6.30 -37.21 34.52
C VAL B 451 -7.49 -38.03 34.02
N PRO B 452 -8.66 -37.89 34.64
CA PRO B 452 -9.85 -38.66 34.21
C PRO B 452 -10.25 -38.31 32.78
N PRO B 453 -11.02 -39.18 32.12
CA PRO B 453 -11.45 -38.88 30.75
C PRO B 453 -12.35 -37.65 30.68
N ARG B 454 -12.18 -36.92 29.57
CA ARG B 454 -13.11 -35.86 29.16
C ARG B 454 -13.22 -34.81 30.26
N ALA B 455 -12.05 -34.36 30.73
CA ALA B 455 -11.97 -33.57 31.95
C ALA B 455 -10.91 -32.49 31.78
N VAL B 456 -11.06 -31.42 32.56
CA VAL B 456 -10.02 -30.41 32.73
C VAL B 456 -9.46 -30.57 34.14
N GLN B 457 -8.16 -30.81 34.24
CA GLN B 457 -7.49 -30.93 35.54
C GLN B 457 -6.44 -29.83 35.65
N VAL B 458 -6.57 -28.98 36.65
CA VAL B 458 -5.70 -27.82 36.81
C VAL B 458 -4.69 -28.12 37.91
N PHE B 459 -3.42 -27.99 37.58
CA PHE B 459 -2.34 -28.08 38.57
C PHE B 459 -1.94 -26.67 38.98
N TRP B 460 -2.13 -26.37 40.25
CA TRP B 460 -1.93 -25.03 40.81
C TRP B 460 -0.67 -25.08 41.67
N LEU B 461 0.37 -24.34 41.27
CA LEU B 461 1.70 -24.42 41.86
C LEU B 461 1.99 -23.15 42.63
N GLU B 462 2.39 -23.30 43.89
CA GLU B 462 2.68 -22.14 44.73
C GLU B 462 4.04 -22.31 45.38
N TRP C 17 6.04 20.68 7.56
CA TRP C 17 4.87 20.26 8.32
C TRP C 17 4.73 18.75 8.28
N SER C 18 3.95 18.18 9.20
CA SER C 18 3.73 16.74 9.20
C SER C 18 2.41 16.46 9.90
N TYR C 19 1.96 15.21 9.82
CA TYR C 19 0.76 14.81 10.53
C TYR C 19 0.89 13.37 10.98
N SER C 20 -0.08 12.94 11.79
CA SER C 20 -0.03 11.61 12.41
C SER C 20 -0.57 10.59 11.44
N GLN C 21 0.28 9.66 11.05
CA GLN C 21 -0.06 8.55 10.17
C GLN C 21 1.20 7.71 10.08
N THR C 22 1.09 6.39 9.98
CA THR C 22 2.28 5.55 9.84
C THR C 22 2.07 4.55 8.73
N LEU C 23 3.04 4.46 7.83
CA LEU C 23 3.05 3.42 6.80
C LEU C 23 4.41 2.75 6.83
N SER C 24 4.55 1.71 6.01
CA SER C 24 5.75 0.89 6.02
C SER C 24 6.39 0.92 4.63
N ALA C 25 7.70 0.71 4.60
CA ALA C 25 8.47 0.58 3.37
C ALA C 25 9.47 -0.55 3.55
N ASN C 26 9.64 -1.36 2.50
CA ASN C 26 10.62 -2.43 2.48
C ASN C 26 11.80 -1.99 1.62
N ILE C 27 13.02 -2.11 2.15
CA ILE C 27 14.25 -1.73 1.47
C ILE C 27 15.16 -2.94 1.36
N GLN C 28 15.76 -3.13 0.17
CA GLN C 28 16.75 -4.18 -0.05
C GLN C 28 18.08 -3.53 -0.41
N VAL C 29 19.15 -3.94 0.27
CA VAL C 29 20.49 -3.44 0.01
C VAL C 29 21.35 -4.64 -0.37
N ASN C 30 22.02 -4.55 -1.52
CA ASN C 30 22.72 -5.70 -2.09
C ASN C 30 24.14 -5.28 -2.46
N ALA C 31 25.12 -5.69 -1.65
CA ALA C 31 26.50 -5.32 -1.95
C ALA C 31 27.06 -6.03 -3.17
N LEU C 32 26.35 -7.01 -3.73
CA LEU C 32 26.84 -7.65 -4.94
C LEU C 32 26.51 -6.86 -6.20
N GLN C 33 25.57 -5.92 -6.10
CA GLN C 33 25.25 -4.99 -7.19
C GLN C 33 26.08 -3.74 -6.96
N ARG C 34 27.03 -3.46 -7.87
CA ARG C 34 27.98 -2.38 -7.64
C ARG C 34 27.95 -1.38 -8.78
N TYR C 35 27.98 -0.10 -8.43
CA TYR C 35 27.93 0.96 -9.43
C TYR C 35 29.18 1.84 -9.39
N GLN C 36 29.01 3.15 -9.33
CA GLN C 36 30.11 4.09 -9.50
C GLN C 36 30.95 4.20 -8.23
N GLU C 37 32.22 4.56 -8.43
CA GLU C 37 33.11 4.89 -7.33
C GLU C 37 32.93 6.35 -6.95
N MET C 38 32.70 6.61 -5.66
CA MET C 38 32.41 7.95 -5.18
C MET C 38 33.70 8.74 -4.99
N ILE C 39 33.62 10.04 -5.26
CA ILE C 39 34.73 10.93 -4.96
C ILE C 39 34.40 11.73 -3.69
N GLY C 40 33.33 12.50 -3.72
CA GLY C 40 32.92 13.24 -2.55
C GLY C 40 32.13 14.48 -2.91
N GLY C 41 31.93 15.32 -1.90
CA GLY C 41 31.25 16.59 -2.08
C GLY C 41 32.23 17.72 -1.91
N GLY C 42 31.90 18.91 -2.39
CA GLY C 42 32.85 20.00 -2.27
C GLY C 42 32.26 21.34 -2.67
N CYS C 43 33.16 22.28 -2.96
CA CYS C 43 32.82 23.69 -3.15
C CYS C 43 34.05 24.42 -3.67
N SER C 44 33.85 25.67 -4.06
CA SER C 44 34.90 26.52 -4.62
C SER C 44 35.10 27.78 -3.78
N GLY C 45 36.33 28.29 -3.79
CA GLY C 45 36.56 29.64 -3.29
C GLY C 45 36.99 30.62 -4.38
N ALA C 46 36.55 30.38 -5.63
CA ALA C 46 36.94 31.20 -6.77
C ALA C 46 36.43 32.65 -6.65
N PHE C 47 37.06 33.53 -7.45
CA PHE C 47 36.66 34.94 -7.56
C PHE C 47 36.73 35.67 -6.22
N GLY C 48 37.69 35.28 -5.39
CA GLY C 48 37.98 35.95 -4.16
C GLY C 48 37.16 35.48 -2.99
N TRP C 49 36.26 34.52 -3.21
CA TRP C 49 35.49 34.00 -2.08
C TRP C 49 36.42 33.33 -1.07
N ALA C 50 37.52 32.73 -1.54
CA ALA C 50 38.51 32.19 -0.60
C ALA C 50 39.08 33.29 0.28
N CYS C 51 39.23 34.50 -0.25
CA CYS C 51 39.71 35.61 0.58
C CYS C 51 38.64 36.07 1.57
N GLN C 52 37.35 35.87 1.24
CA GLN C 52 36.32 36.17 2.22
C GLN C 52 36.31 35.13 3.33
N GLN C 53 36.74 33.91 3.02
CA GLN C 53 36.86 32.86 4.03
C GLN C 53 38.10 33.06 4.89
N PHE C 54 39.15 33.66 4.32
CA PHE C 54 40.41 33.94 5.02
C PHE C 54 40.73 35.43 4.94
N PRO C 55 39.88 36.28 5.51
CA PRO C 55 40.00 37.73 5.28
C PRO C 55 41.09 38.36 6.12
N THR C 56 41.57 39.50 5.63
CA THR C 56 42.58 40.27 6.33
C THR C 56 42.01 40.89 7.61
N THR C 57 40.75 41.27 7.58
CA THR C 57 40.07 41.80 8.76
C THR C 57 38.68 41.21 8.81
N GLY C 58 38.04 41.28 9.99
CA GLY C 58 36.76 40.63 10.16
C GLY C 58 36.87 39.29 10.86
N LEU C 59 36.58 38.21 10.14
CA LEU C 59 36.64 36.88 10.72
C LEU C 59 38.03 36.60 11.29
N THR C 60 38.10 36.26 12.58
CA THR C 60 39.38 35.99 13.21
C THR C 60 40.04 34.76 12.57
N PRO C 61 41.38 34.68 12.64
CA PRO C 61 42.06 33.46 12.20
C PRO C 61 41.53 32.19 12.85
N GLU C 62 41.18 32.25 14.13
CA GLU C 62 40.59 31.08 14.78
C GLU C 62 39.27 30.70 14.13
N ASN C 63 38.44 31.69 13.80
CA ASN C 63 37.18 31.39 13.14
C ASN C 63 37.37 30.98 11.68
N GLN C 64 38.43 31.46 11.02
CA GLN C 64 38.71 30.96 9.67
C GLN C 64 38.99 29.47 9.72
N GLU C 65 39.78 29.03 10.71
CA GLU C 65 40.01 27.61 10.94
C GLU C 65 38.72 26.87 11.23
N GLU C 66 37.85 27.43 12.08
CA GLU C 66 36.63 26.72 12.43
C GLU C 66 35.74 26.52 11.21
N VAL C 67 35.62 27.54 10.36
CA VAL C 67 34.78 27.42 9.17
C VAL C 67 35.30 26.33 8.24
N THR C 68 36.62 26.29 8.05
CA THR C 68 37.20 25.31 7.14
C THR C 68 37.05 23.90 7.70
N LYS C 69 37.17 23.78 9.02
CA LYS C 69 36.99 22.49 9.68
C LYS C 69 35.55 21.98 9.55
N ILE C 70 34.57 22.85 9.76
CA ILE C 70 33.17 22.49 9.58
C ILE C 70 32.93 21.92 8.18
N LEU C 71 33.55 22.53 7.17
CA LEU C 71 33.38 22.05 5.80
C LEU C 71 34.08 20.71 5.57
N PHE C 72 35.36 20.59 5.95
CA PHE C 72 36.20 19.51 5.45
C PHE C 72 36.59 18.45 6.46
N ASP C 73 36.28 18.64 7.75
CA ASP C 73 36.45 17.58 8.73
C ASP C 73 35.53 16.42 8.39
N GLU C 74 36.09 15.20 8.32
N GLU C 74 36.09 15.22 8.28
CA GLU C 74 35.33 13.99 8.03
CA GLU C 74 35.28 14.04 8.01
C GLU C 74 34.25 13.69 9.07
C GLU C 74 34.09 13.93 8.96
N ASN C 75 34.27 14.38 10.21
CA ASN C 75 33.25 14.22 11.24
C ASN C 75 32.19 15.30 11.24
N ILE C 76 32.30 16.31 10.37
CA ILE C 76 31.33 17.40 10.35
C ILE C 76 30.72 17.46 8.95
N GLY C 77 31.18 18.40 8.12
CA GLY C 77 30.64 18.50 6.77
C GLY C 77 31.02 17.36 5.86
N GLY C 78 32.20 16.77 6.06
CA GLY C 78 32.60 15.61 5.29
C GLY C 78 33.04 15.87 3.86
N LEU C 79 33.24 17.13 3.48
CA LEU C 79 33.58 17.45 2.10
C LEU C 79 35.03 17.05 1.77
N SER C 80 35.26 16.77 0.48
CA SER C 80 36.56 16.36 0.00
C SER C 80 37.02 17.07 -1.26
N ILE C 81 36.16 17.77 -1.98
CA ILE C 81 36.57 18.39 -3.24
C ILE C 81 36.75 19.88 -3.03
N VAL C 82 37.90 20.41 -3.43
CA VAL C 82 38.09 21.85 -3.54
C VAL C 82 38.26 22.17 -5.02
N ARG C 83 37.40 23.04 -5.55
CA ARG C 83 37.48 23.45 -6.95
C ARG C 83 38.05 24.86 -7.03
N ASN C 84 39.24 24.99 -7.63
CA ASN C 84 39.91 26.27 -7.73
C ASN C 84 39.83 26.79 -9.15
N ASP C 85 39.69 28.11 -9.28
CA ASP C 85 39.75 28.80 -10.57
C ASP C 85 41.21 29.07 -10.94
N ILE C 86 41.65 28.49 -12.06
CA ILE C 86 42.91 28.88 -12.67
C ILE C 86 42.65 30.23 -13.33
N GLY C 87 43.00 31.29 -12.62
CA GLY C 87 42.50 32.61 -12.99
C GLY C 87 43.18 33.14 -14.23
N SER C 88 42.46 34.04 -14.92
CA SER C 88 42.90 34.65 -16.16
C SER C 88 42.75 36.16 -16.15
N SER C 89 42.28 36.74 -15.06
CA SER C 89 42.14 38.18 -14.90
C SER C 89 43.45 38.78 -14.41
N PRO C 90 43.69 40.07 -14.65
CA PRO C 90 44.88 40.71 -14.05
C PRO C 90 44.75 40.71 -12.53
N GLY C 91 45.84 40.35 -11.87
CA GLY C 91 45.83 40.15 -10.45
C GLY C 91 45.52 38.74 -10.01
N SER C 92 44.94 37.90 -10.88
CA SER C 92 44.60 36.54 -10.48
C SER C 92 45.21 35.46 -11.37
N THR C 93 46.00 35.81 -12.38
CA THR C 93 46.51 34.83 -13.32
C THR C 93 47.99 34.59 -13.10
N ILE C 94 48.45 33.38 -13.44
CA ILE C 94 49.88 33.09 -13.37
C ILE C 94 50.60 33.65 -14.58
N LEU C 95 49.89 34.21 -15.56
CA LEU C 95 50.53 34.79 -16.74
C LEU C 95 50.00 36.20 -16.97
N PRO C 96 50.37 37.15 -16.11
CA PRO C 96 49.85 38.53 -16.27
C PRO C 96 50.29 39.18 -17.55
N THR C 97 51.47 38.85 -18.06
CA THR C 97 52.03 39.42 -19.28
C THR C 97 52.31 38.27 -20.25
N CYS C 98 51.76 38.35 -21.44
CA CYS C 98 51.97 37.28 -22.38
C CYS C 98 53.17 37.57 -23.29
N PRO C 99 53.88 36.55 -23.76
CA PRO C 99 54.86 36.77 -24.84
C PRO C 99 54.13 37.16 -26.12
N ALA C 100 54.88 37.71 -27.06
CA ALA C 100 54.28 38.11 -28.33
C ALA C 100 53.78 36.92 -29.14
N THR C 101 54.43 35.76 -29.02
CA THR C 101 54.12 34.56 -29.78
C THR C 101 54.19 33.36 -28.87
N PRO C 102 53.62 32.22 -29.27
CA PRO C 102 53.73 31.00 -28.45
C PRO C 102 55.15 30.49 -28.28
N ALA C 103 56.14 31.08 -28.96
CA ALA C 103 57.51 30.66 -28.72
C ALA C 103 57.98 31.05 -27.33
N GLY C 104 57.28 31.98 -26.68
CA GLY C 104 57.68 32.47 -25.37
C GLY C 104 58.67 33.62 -25.45
N PRO C 105 59.37 33.88 -24.35
CA PRO C 105 59.35 33.13 -23.07
C PRO C 105 58.07 33.35 -22.29
N PHE C 106 57.67 32.39 -21.47
CA PHE C 106 56.51 32.54 -20.62
C PHE C 106 57.02 32.85 -19.22
N ASN C 107 56.84 34.09 -18.79
CA ASN C 107 57.37 34.52 -17.51
C ASN C 107 56.20 34.50 -16.52
N TYR C 108 55.96 33.31 -15.99
CA TYR C 108 54.87 33.06 -15.06
C TYR C 108 55.09 33.81 -13.74
N GLN C 109 54.00 34.01 -13.02
CA GLN C 109 54.08 34.64 -11.71
C GLN C 109 53.38 33.73 -10.70
N TRP C 110 53.90 33.69 -9.48
CA TRP C 110 53.28 32.88 -8.43
C TRP C 110 53.46 33.63 -7.11
N ASP C 111 52.35 34.07 -6.52
CA ASP C 111 52.44 34.89 -5.32
C ASP C 111 52.19 34.08 -4.04
N GLY C 112 52.03 32.77 -4.16
CA GLY C 112 51.80 31.92 -3.01
C GLY C 112 50.41 32.01 -2.43
N SER C 113 49.53 32.82 -3.02
CA SER C 113 48.18 33.00 -2.51
C SER C 113 47.13 32.49 -3.49
N ASP C 114 47.27 32.83 -4.77
CA ASP C 114 46.32 32.39 -5.78
C ASP C 114 44.90 32.84 -5.42
N SER C 115 44.78 34.15 -5.12
CA SER C 115 43.54 34.75 -4.65
C SER C 115 42.98 33.99 -3.45
N CYS C 116 43.88 33.65 -2.52
CA CYS C 116 43.61 32.91 -1.29
C CYS C 116 43.19 31.47 -1.54
N GLN C 117 43.14 31.02 -2.80
CA GLN C 117 42.74 29.64 -3.02
C GLN C 117 43.80 28.67 -2.53
N PHE C 118 45.06 29.09 -2.52
CA PHE C 118 46.08 28.23 -1.95
C PHE C 118 45.84 28.02 -0.47
N ASN C 119 45.50 29.08 0.25
CA ASN C 119 45.22 28.97 1.68
C ASN C 119 44.01 28.09 1.94
N LEU C 120 42.95 28.27 1.15
CA LEU C 120 41.80 27.38 1.26
C LEU C 120 42.22 25.93 1.06
N THR C 121 42.99 25.66 0.01
CA THR C 121 43.36 24.28 -0.32
C THR C 121 44.25 23.68 0.76
N LYS C 122 45.29 24.42 1.18
CA LYS C 122 46.17 23.94 2.23
C LYS C 122 45.43 23.67 3.53
N THR C 123 44.52 24.57 3.92
CA THR C 123 43.78 24.38 5.17
C THR C 123 42.78 23.22 5.05
N ALA C 124 42.10 23.11 3.92
CA ALA C 124 41.20 21.98 3.72
C ALA C 124 41.96 20.65 3.76
N LEU C 125 43.17 20.63 3.18
CA LEU C 125 44.01 19.44 3.21
C LEU C 125 44.39 19.06 4.64
N LYS C 126 44.58 20.05 5.49
CA LYS C 126 44.91 19.77 6.88
C LYS C 126 43.78 19.02 7.57
N TYR C 127 42.54 19.37 7.26
CA TYR C 127 41.40 18.69 7.88
C TYR C 127 40.99 17.44 7.15
N ASN C 128 41.37 17.30 5.87
CA ASN C 128 41.03 16.13 5.08
C ASN C 128 42.23 15.78 4.21
N PRO C 129 43.06 14.83 4.64
CA PRO C 129 44.25 14.46 3.84
C PRO C 129 43.89 13.73 2.54
N GLU C 130 42.64 13.33 2.35
CA GLU C 130 42.19 12.74 1.10
C GLU C 130 41.61 13.77 0.13
N LEU C 131 41.95 15.05 0.33
CA LEU C 131 41.37 16.11 -0.48
C LEU C 131 41.58 15.86 -1.97
N TYR C 132 40.52 16.10 -2.73
CA TYR C 132 40.51 15.97 -4.18
C TYR C 132 40.44 17.39 -4.72
N VAL C 133 41.58 17.90 -5.21
CA VAL C 133 41.65 19.28 -5.72
C VAL C 133 41.37 19.26 -7.21
N TYR C 134 40.39 20.08 -7.63
CA TYR C 134 40.02 20.25 -9.03
C TYR C 134 40.45 21.66 -9.43
N ALA C 135 41.48 21.75 -10.27
CA ALA C 135 41.91 23.03 -10.83
C ALA C 135 41.21 23.22 -12.16
N ASN C 136 40.46 24.32 -12.30
CA ASN C 136 39.49 24.51 -13.39
C ASN C 136 39.69 25.93 -13.91
N ALA C 137 40.10 26.07 -15.17
CA ALA C 137 40.16 27.39 -15.76
C ALA C 137 38.77 27.83 -16.21
N TRP C 138 38.41 29.08 -15.90
CA TRP C 138 37.20 29.68 -16.47
C TRP C 138 37.46 30.24 -17.87
N SER C 139 38.70 30.61 -18.14
CA SER C 139 39.10 31.11 -19.45
C SER C 139 40.62 30.94 -19.59
N ALA C 140 41.07 30.85 -20.84
CA ALA C 140 42.48 31.01 -21.11
C ALA C 140 42.85 32.48 -20.93
N PRO C 141 44.13 32.80 -20.77
CA PRO C 141 44.55 34.21 -20.85
C PRO C 141 44.06 34.85 -22.14
N GLY C 142 43.75 36.15 -22.05
CA GLY C 142 43.18 36.84 -23.22
C GLY C 142 44.06 36.80 -24.44
N CYS C 143 45.38 36.86 -24.26
CA CYS C 143 46.28 36.80 -25.42
C CYS C 143 46.12 35.50 -26.22
N MET C 144 45.53 34.46 -25.64
CA MET C 144 45.47 33.15 -26.23
C MET C 144 44.09 32.88 -26.86
N LYS C 145 43.25 33.90 -26.92
CA LYS C 145 41.84 33.77 -27.29
C LYS C 145 41.52 34.62 -28.51
N THR C 146 40.46 34.21 -29.24
CA THR C 146 39.98 34.98 -30.38
C THR C 146 39.61 36.40 -29.97
N VAL C 147 39.06 36.58 -28.77
CA VAL C 147 38.56 37.89 -28.37
C VAL C 147 39.61 38.75 -27.68
N GLY C 148 40.80 38.21 -27.39
CA GLY C 148 41.87 39.03 -26.83
C GLY C 148 41.70 39.42 -25.38
N THR C 149 40.71 38.86 -24.70
CA THR C 149 40.40 39.17 -23.31
C THR C 149 39.92 37.90 -22.63
N GLU C 150 40.09 37.84 -21.29
CA GLU C 150 39.59 36.70 -20.54
C GLU C 150 38.07 36.74 -20.38
N ASN C 151 37.45 37.88 -20.64
CA ASN C 151 36.01 38.02 -20.59
C ASN C 151 35.39 37.69 -21.96
N ASP C 152 34.06 37.73 -21.98
CA ASP C 152 33.27 37.79 -23.23
C ASP C 152 33.51 36.56 -24.11
N GLY C 153 33.60 35.38 -23.49
CA GLY C 153 33.54 34.15 -24.27
C GLY C 153 34.71 34.03 -25.24
N GLY C 154 34.43 33.66 -26.49
CA GLY C 154 35.49 33.50 -27.47
C GLY C 154 36.15 32.14 -27.33
N GLN C 155 37.07 31.86 -28.24
CA GLN C 155 37.67 30.52 -28.36
C GLN C 155 39.18 30.56 -28.15
N ILE C 156 39.74 29.42 -27.70
CA ILE C 156 41.19 29.21 -27.74
C ILE C 156 41.69 29.37 -29.17
N CYS C 157 42.70 30.23 -29.36
CA CYS C 157 43.31 30.37 -30.68
C CYS C 157 43.91 29.05 -31.14
N GLY C 158 43.52 28.62 -32.35
CA GLY C 158 44.04 27.41 -32.95
C GLY C 158 43.03 26.29 -33.10
N VAL C 159 41.91 26.31 -32.35
CA VAL C 159 40.86 25.32 -32.61
C VAL C 159 40.12 25.69 -33.90
N ARG C 160 39.39 24.71 -34.43
CA ARG C 160 38.67 24.98 -35.68
C ARG C 160 37.71 26.15 -35.52
N GLY C 161 37.52 26.88 -36.61
CA GLY C 161 36.64 28.03 -36.55
C GLY C 161 37.26 29.25 -35.91
N THR C 162 38.59 29.31 -35.82
CA THR C 162 39.29 30.50 -35.38
C THR C 162 40.25 30.97 -36.47
N ASN C 163 40.63 32.24 -36.40
CA ASN C 163 41.66 32.77 -37.28
C ASN C 163 42.48 33.79 -36.49
N CYS C 164 43.34 33.29 -35.60
CA CYS C 164 44.24 34.14 -34.83
C CYS C 164 45.59 34.21 -35.53
N THR C 165 46.43 35.14 -35.09
CA THR C 165 47.77 35.22 -35.69
C THR C 165 48.60 33.99 -35.38
N TYR C 166 48.38 33.34 -34.24
CA TYR C 166 49.11 32.14 -33.87
C TYR C 166 48.16 31.13 -33.26
N ASP C 167 48.62 29.88 -33.29
CA ASP C 167 47.94 28.75 -32.64
C ASP C 167 48.47 28.67 -31.20
N TRP C 168 47.60 28.98 -30.23
CA TRP C 168 48.03 29.04 -28.84
C TRP C 168 47.68 27.78 -28.05
N ARG C 169 47.29 26.68 -28.71
CA ARG C 169 46.82 25.51 -27.97
C ARG C 169 47.93 24.89 -27.12
N GLN C 170 49.13 24.67 -27.69
CA GLN C 170 50.20 24.11 -26.86
C GLN C 170 50.56 25.06 -25.72
N ALA C 171 50.58 26.37 -26.01
CA ALA C 171 50.87 27.36 -24.96
C ALA C 171 49.85 27.28 -23.83
N TYR C 172 48.57 27.15 -24.18
CA TYR C 172 47.53 27.08 -23.14
C TYR C 172 47.67 25.79 -22.34
N ALA C 173 47.94 24.68 -23.02
CA ALA C 173 48.16 23.42 -22.31
C ALA C 173 49.33 23.53 -21.34
N ASP C 174 50.45 24.11 -21.81
CA ASP C 174 51.62 24.26 -20.95
C ASP C 174 51.32 25.19 -19.76
N TYR C 175 50.50 26.21 -19.99
CA TYR C 175 50.12 27.12 -18.92
C TYR C 175 49.30 26.41 -17.87
N LEU C 176 48.32 25.61 -18.30
CA LEU C 176 47.53 24.83 -17.33
C LEU C 176 48.43 23.89 -16.53
N VAL C 177 49.39 23.24 -17.19
CA VAL C 177 50.27 22.34 -16.48
C VAL C 177 51.14 23.11 -15.49
N GLN C 178 51.55 24.33 -15.85
CA GLN C 178 52.39 25.12 -14.94
C GLN C 178 51.64 25.47 -13.66
N TYR C 179 50.36 25.81 -13.79
CA TYR C 179 49.56 26.03 -12.59
C TYR C 179 49.59 24.81 -11.68
N VAL C 180 49.43 23.61 -12.26
CA VAL C 180 49.53 22.40 -11.45
C VAL C 180 50.92 22.25 -10.85
N LYS C 181 51.95 22.64 -11.60
CA LYS C 181 53.32 22.53 -11.08
C LYS C 181 53.54 23.45 -9.86
N PHE C 182 52.97 24.67 -9.88
CA PHE C 182 53.11 25.55 -8.72
C PHE C 182 52.49 24.91 -7.48
N TYR C 183 51.32 24.30 -7.63
CA TYR C 183 50.69 23.65 -6.47
C TYR C 183 51.50 22.45 -6.02
N GLN C 184 52.03 21.65 -6.96
CA GLN C 184 52.83 20.49 -6.58
C GLN C 184 54.12 20.91 -5.88
N ALA C 185 54.75 22.01 -6.33
CA ALA C 185 55.96 22.49 -5.68
C ALA C 185 55.70 22.99 -4.27
N GLU C 186 54.43 23.28 -3.95
CA GLU C 186 53.99 23.68 -2.63
C GLU C 186 53.38 22.53 -1.84
N GLY C 187 53.61 21.29 -2.28
CA GLY C 187 53.20 20.15 -1.50
C GLY C 187 51.75 19.74 -1.66
N ILE C 188 51.08 20.20 -2.71
CA ILE C 188 49.67 19.88 -2.93
C ILE C 188 49.50 19.24 -4.30
N ASP C 189 48.97 18.01 -4.31
CA ASP C 189 48.76 17.26 -5.54
C ASP C 189 47.33 17.48 -6.01
N ILE C 190 47.18 17.89 -7.25
CA ILE C 190 45.89 18.16 -7.87
C ILE C 190 45.38 16.87 -8.50
N SER C 191 44.08 16.62 -8.38
CA SER C 191 43.47 15.37 -8.85
C SER C 191 42.78 15.51 -10.20
N LEU C 192 42.32 16.71 -10.55
CA LEU C 192 41.60 16.89 -11.79
C LEU C 192 41.93 18.25 -12.38
N LEU C 193 42.03 18.32 -13.70
CA LEU C 193 42.36 19.57 -14.39
C LEU C 193 41.31 19.82 -15.46
N GLY C 194 40.74 21.03 -15.46
CA GLY C 194 39.75 21.44 -16.45
C GLY C 194 40.15 22.71 -17.15
N ALA C 195 39.84 22.79 -18.45
CA ALA C 195 40.25 23.88 -19.33
C ALA C 195 39.14 24.86 -19.68
N TRP C 196 37.87 24.52 -19.39
CA TRP C 196 36.75 25.42 -19.63
C TRP C 196 35.82 25.47 -18.42
N ASN C 197 35.08 26.58 -18.34
CA ASN C 197 33.91 26.68 -17.48
C ASN C 197 32.71 27.12 -18.31
N GLU C 198 31.63 26.35 -18.24
CA GLU C 198 30.36 26.64 -18.92
C GLU C 198 30.63 27.12 -20.35
N PRO C 199 31.28 26.28 -21.18
CA PRO C 199 31.62 26.70 -22.56
C PRO C 199 30.42 26.89 -23.44
N ASP C 200 29.24 26.48 -22.98
CA ASP C 200 27.99 26.72 -23.70
C ASP C 200 27.38 28.07 -23.40
N PHE C 201 28.04 28.91 -22.58
CA PHE C 201 27.44 30.13 -22.04
C PHE C 201 28.45 31.27 -22.06
N ASN C 202 28.00 32.45 -22.49
CA ASN C 202 28.82 33.67 -22.45
C ASN C 202 28.18 34.69 -21.51
N PRO C 203 28.69 34.83 -20.29
CA PRO C 203 28.17 35.85 -19.35
C PRO C 203 28.69 37.24 -19.63
N VAL C 204 29.62 37.38 -20.56
CA VAL C 204 30.19 38.63 -21.06
C VAL C 204 31.15 39.28 -20.07
N THR C 205 30.70 39.52 -18.84
CA THR C 205 31.41 40.46 -17.97
C THR C 205 32.43 39.81 -17.04
N TYR C 206 32.59 38.49 -17.06
CA TYR C 206 33.63 37.85 -16.26
C TYR C 206 34.25 36.70 -17.04
N GLU C 207 35.25 36.06 -16.40
CA GLU C 207 36.05 35.02 -17.04
C GLU C 207 35.18 33.99 -17.73
N SER C 208 35.41 33.79 -19.02
CA SER C 208 34.55 32.89 -19.77
C SER C 208 35.23 32.54 -21.08
N MET C 209 34.80 31.42 -21.65
CA MET C 209 35.40 30.93 -22.89
C MET C 209 34.46 29.89 -23.47
N GLU C 210 34.14 30.04 -24.76
CA GLU C 210 33.15 29.19 -25.43
C GLU C 210 33.82 28.06 -26.21
N SER C 211 33.07 26.97 -26.41
CA SER C 211 33.54 25.85 -27.20
C SER C 211 32.37 24.93 -27.50
N ASP C 212 32.39 24.31 -28.69
CA ASP C 212 31.62 23.11 -28.90
C ASP C 212 32.55 21.90 -28.72
N GLY C 213 32.03 20.69 -28.97
CA GLY C 213 32.83 19.50 -28.70
C GLY C 213 33.90 19.24 -29.74
N PHE C 214 33.68 19.68 -30.99
CA PHE C 214 34.73 19.57 -32.00
C PHE C 214 35.92 20.45 -31.65
N GLN C 215 35.64 21.72 -31.34
CA GLN C 215 36.67 22.64 -30.88
C GLN C 215 37.30 22.15 -29.58
N ALA C 216 36.51 21.57 -28.69
CA ALA C 216 37.08 21.04 -27.45
C ALA C 216 38.06 19.90 -27.76
N LYS C 217 37.68 19.00 -28.67
CA LYS C 217 38.59 17.95 -29.08
C LYS C 217 39.87 18.52 -29.68
N ASP C 218 39.76 19.61 -30.45
CA ASP C 218 40.96 20.21 -31.03
C ASP C 218 41.93 20.68 -29.96
N PHE C 219 41.42 21.05 -28.78
CA PHE C 219 42.34 21.37 -27.69
C PHE C 219 42.72 20.14 -26.87
N LEU C 220 41.77 19.28 -26.52
CA LEU C 220 42.08 18.12 -25.69
C LEU C 220 43.12 17.20 -26.33
N GLU C 221 43.15 17.10 -27.65
CA GLU C 221 44.15 16.28 -28.32
C GLU C 221 45.57 16.77 -28.02
N ILE C 222 45.72 18.02 -27.62
CA ILE C 222 47.01 18.56 -27.21
C ILE C 222 47.16 18.57 -25.71
N LEU C 223 46.10 18.99 -25.00
CA LEU C 223 46.15 19.09 -23.54
C LEU C 223 46.40 17.72 -22.91
N TYR C 224 45.65 16.71 -23.34
CA TYR C 224 45.70 15.41 -22.69
C TYR C 224 47.09 14.77 -22.71
N PRO C 225 47.77 14.60 -23.86
CA PRO C 225 49.13 14.07 -23.80
C PRO C 225 50.11 14.99 -23.07
N THR C 226 49.94 16.31 -23.18
CA THR C 226 50.81 17.23 -22.43
C THR C 226 50.69 17.01 -20.92
N VAL C 227 49.45 16.81 -20.44
CA VAL C 227 49.22 16.59 -19.01
C VAL C 227 49.85 15.26 -18.57
N LYS C 228 49.62 14.19 -19.35
CA LYS C 228 50.11 12.88 -18.92
C LYS C 228 51.63 12.81 -18.90
N LYS C 229 52.30 13.57 -19.78
CA LYS C 229 53.75 13.63 -19.77
C LYS C 229 54.26 14.19 -18.45
N ALA C 230 53.63 15.25 -17.97
CA ALA C 230 54.07 15.93 -16.76
C ALA C 230 53.52 15.30 -15.49
N PHE C 231 52.29 14.79 -15.56
CA PHE C 231 51.59 14.23 -14.40
C PHE C 231 50.80 13.02 -14.88
N PRO C 232 51.43 11.85 -14.90
CA PRO C 232 50.76 10.66 -15.49
C PRO C 232 49.48 10.25 -14.78
N ASN C 233 49.29 10.64 -13.52
CA ASN C 233 48.07 10.30 -12.78
C ASN C 233 47.09 11.45 -12.64
N LEU C 234 47.27 12.55 -13.36
CA LEU C 234 46.35 13.68 -13.26
C LEU C 234 45.21 13.47 -14.26
N ASP C 235 43.98 13.40 -13.76
CA ASP C 235 42.83 13.27 -14.65
C ASP C 235 42.48 14.60 -15.31
N VAL C 236 41.86 14.51 -16.49
CA VAL C 236 41.45 15.68 -17.26
C VAL C 236 39.93 15.64 -17.36
N SER C 237 39.29 16.78 -17.14
CA SER C 237 37.83 16.86 -17.15
C SER C 237 37.33 17.41 -18.49
N CYS C 238 36.06 17.15 -18.79
CA CYS C 238 35.36 17.86 -19.85
C CYS C 238 33.87 17.86 -19.52
N CYS C 239 33.21 19.01 -19.60
CA CYS C 239 33.73 20.34 -19.91
C CYS C 239 32.97 21.39 -19.08
N ASP C 240 32.39 20.97 -17.94
CA ASP C 240 31.73 21.89 -17.01
C ASP C 240 30.61 22.69 -17.68
N ALA C 241 29.78 22.01 -18.48
CA ALA C 241 28.67 22.70 -19.13
C ALA C 241 27.66 23.21 -18.10
N THR C 242 26.86 24.22 -18.51
CA THR C 242 25.88 24.79 -17.57
C THR C 242 24.79 23.81 -17.16
N GLY C 243 24.62 22.71 -17.91
CA GLY C 243 23.55 21.76 -17.65
C GLY C 243 23.88 20.39 -18.20
N ALA C 244 23.09 19.41 -17.79
CA ALA C 244 23.36 18.03 -18.22
C ALA C 244 23.23 17.88 -19.74
N ARG C 245 22.15 18.42 -20.31
CA ARG C 245 21.96 18.28 -21.76
C ARG C 245 23.08 18.95 -22.53
N GLN C 246 23.47 20.15 -22.12
CA GLN C 246 24.57 20.84 -22.78
C GLN C 246 25.86 20.03 -22.69
N GLU C 247 26.10 19.40 -21.54
CA GLU C 247 27.26 18.54 -21.39
C GLU C 247 27.16 17.29 -22.29
N ARG C 248 25.99 16.65 -22.36
CA ARG C 248 25.84 15.52 -23.28
C ARG C 248 26.16 15.92 -24.71
N ASN C 249 25.73 17.12 -25.12
CA ASN C 249 26.02 17.57 -26.47
C ASN C 249 27.52 17.72 -26.69
N ILE C 250 28.22 18.31 -25.72
CA ILE C 250 29.66 18.48 -25.91
C ILE C 250 30.37 17.13 -25.92
N LEU C 251 29.93 16.22 -25.06
CA LEU C 251 30.53 14.89 -25.01
C LEU C 251 30.30 14.15 -26.30
N TYR C 252 29.09 14.27 -26.86
CA TYR C 252 28.82 13.65 -28.16
C TYR C 252 29.80 14.15 -29.20
N GLU C 253 29.97 15.46 -29.28
CA GLU C 253 30.80 16.04 -30.34
C GLU C 253 32.28 15.75 -30.11
N VAL C 254 32.74 15.75 -28.85
CA VAL C 254 34.13 15.35 -28.59
C VAL C 254 34.37 13.95 -29.15
N GLN C 255 33.44 13.02 -28.90
CA GLN C 255 33.63 11.66 -29.35
C GLN C 255 33.52 11.56 -30.87
N GLN C 256 32.55 12.29 -31.44
CA GLN C 256 32.42 12.33 -32.90
C GLN C 256 33.67 12.86 -33.57
N ALA C 257 34.36 13.80 -32.92
CA ALA C 257 35.57 14.38 -33.48
C ALA C 257 36.79 13.49 -33.29
N GLY C 258 36.67 12.38 -32.56
CA GLY C 258 37.77 11.47 -32.35
C GLY C 258 38.48 11.58 -31.01
N GLY C 259 37.89 12.29 -30.04
CA GLY C 259 38.56 12.64 -28.80
C GLY C 259 38.10 11.86 -27.57
N GLU C 260 37.42 10.73 -27.78
CA GLU C 260 36.93 9.95 -26.64
C GLU C 260 38.01 9.65 -25.62
N HIS C 261 39.27 9.49 -26.05
CA HIS C 261 40.32 9.13 -25.10
C HIS C 261 41.22 10.32 -24.75
N PHE C 262 40.72 11.54 -24.92
CA PHE C 262 41.45 12.75 -24.53
C PHE C 262 40.82 13.45 -23.33
N PHE C 263 40.02 12.74 -22.54
CA PHE C 263 39.58 13.26 -21.25
C PHE C 263 39.20 12.05 -20.39
N ASP C 264 39.10 12.28 -19.09
CA ASP C 264 38.91 11.19 -18.13
C ASP C 264 37.61 11.26 -17.36
N VAL C 265 37.10 12.46 -17.08
CA VAL C 265 35.98 12.70 -16.18
C VAL C 265 35.02 13.67 -16.84
N ALA C 266 33.74 13.32 -16.86
CA ALA C 266 32.71 14.22 -17.37
C ALA C 266 32.28 15.13 -16.24
N THR C 267 32.33 16.45 -16.45
CA THR C 267 31.94 17.42 -15.43
C THR C 267 30.81 18.28 -15.97
N TRP C 268 29.85 18.62 -15.11
CA TRP C 268 28.66 19.33 -15.55
C TRP C 268 28.07 20.10 -14.38
N HIS C 269 27.29 21.13 -14.70
CA HIS C 269 26.62 21.95 -13.69
C HIS C 269 25.12 21.70 -13.78
N ASN C 270 24.41 22.03 -12.69
CA ASN C 270 22.99 21.71 -12.58
C ASN C 270 22.09 22.92 -12.83
N TYR C 271 22.63 23.99 -13.40
CA TYR C 271 21.86 25.23 -13.56
C TYR C 271 20.84 25.16 -14.68
N GLN C 272 21.20 24.62 -15.83
CA GLN C 272 20.40 24.84 -17.03
C GLN C 272 19.89 23.56 -17.67
N SER C 273 19.98 22.43 -16.96
N SER C 273 20.02 22.41 -16.99
CA SER C 273 19.45 21.14 -17.36
CA SER C 273 19.32 21.17 -17.30
C SER C 273 19.81 20.13 -16.29
C SER C 273 19.77 20.13 -16.30
N SER C 274 18.83 19.41 -15.74
CA SER C 274 19.13 18.41 -14.72
C SER C 274 18.83 17.04 -15.27
N PRO C 275 19.68 16.04 -15.00
CA PRO C 275 19.46 14.71 -15.56
C PRO C 275 18.54 13.87 -14.69
N GLU C 276 17.89 12.90 -15.35
CA GLU C 276 17.35 11.72 -14.70
C GLU C 276 17.86 10.46 -15.38
N ARG C 277 18.90 10.57 -16.20
CA ARG C 277 19.46 9.48 -16.97
C ARG C 277 20.97 9.62 -16.98
N PRO C 278 21.71 8.54 -17.28
CA PRO C 278 23.18 8.65 -17.24
C PRO C 278 23.72 9.49 -18.39
N PHE C 279 25.02 9.71 -18.37
CA PHE C 279 25.71 10.46 -19.42
C PHE C 279 26.21 9.52 -20.50
N ASN C 280 26.44 10.11 -21.68
CA ASN C 280 26.77 9.37 -22.90
C ASN C 280 28.28 9.15 -23.04
N VAL C 281 28.90 8.64 -21.97
CA VAL C 281 30.30 8.23 -21.97
C VAL C 281 30.36 6.82 -21.42
N VAL C 282 31.41 6.10 -21.78
CA VAL C 282 31.62 4.72 -21.34
C VAL C 282 32.93 4.67 -20.56
N GLY C 283 32.88 4.05 -19.38
CA GLY C 283 34.06 3.91 -18.56
C GLY C 283 34.65 5.20 -18.03
N LYS C 284 33.84 6.26 -17.93
CA LYS C 284 34.29 7.51 -17.35
C LYS C 284 33.30 7.95 -16.27
N PRO C 285 33.78 8.39 -15.12
CA PRO C 285 32.86 8.93 -14.10
C PRO C 285 32.42 10.35 -14.44
N ASN C 286 31.39 10.81 -13.72
CA ASN C 286 30.95 12.18 -13.86
C ASN C 286 30.83 12.83 -12.49
N ILE C 287 31.10 14.14 -12.46
CA ILE C 287 31.00 14.96 -11.25
C ILE C 287 30.12 16.18 -11.56
N MET C 288 29.12 16.41 -10.73
CA MET C 288 28.37 17.67 -10.76
C MET C 288 29.21 18.68 -10.02
N THR C 289 29.89 19.56 -10.77
CA THR C 289 30.96 20.36 -10.20
C THR C 289 30.50 21.75 -9.76
N GLU C 290 29.24 22.12 -9.96
CA GLU C 290 28.80 23.43 -9.49
C GLU C 290 27.29 23.58 -9.51
N TRP C 291 26.72 23.97 -8.37
CA TRP C 291 25.32 24.39 -8.33
C TRP C 291 25.10 25.18 -7.06
N ALA C 292 24.09 26.04 -7.09
CA ALA C 292 23.70 26.79 -5.90
C ALA C 292 22.39 27.47 -6.22
N ASP C 293 21.73 27.94 -5.17
CA ASP C 293 20.62 28.88 -5.31
C ASP C 293 21.25 30.24 -5.61
N GLY C 294 21.32 30.59 -6.89
CA GLY C 294 22.06 31.77 -7.31
C GLY C 294 21.35 33.09 -7.10
N SER C 295 20.06 33.08 -6.77
CA SER C 295 19.30 34.32 -6.71
C SER C 295 18.64 34.62 -5.36
N GLY C 296 18.37 33.60 -4.54
CA GLY C 296 17.60 33.80 -3.34
C GLY C 296 18.43 34.32 -2.19
N PRO C 297 17.75 34.81 -1.15
CA PRO C 297 18.45 35.22 0.08
C PRO C 297 19.19 34.05 0.71
N TRP C 298 20.21 34.40 1.52
CA TRP C 298 20.83 33.44 2.44
C TRP C 298 19.77 32.60 3.14
N ASN C 299 19.97 31.28 3.12
CA ASN C 299 18.99 30.35 3.67
C ASN C 299 19.68 29.20 4.40
N THR C 300 19.14 28.82 5.56
CA THR C 300 19.70 27.73 6.35
C THR C 300 18.72 26.60 6.63
N THR C 301 17.43 26.77 6.32
CA THR C 301 16.41 25.82 6.78
C THR C 301 16.53 24.46 6.10
N TRP C 302 16.04 23.45 6.80
CA TRP C 302 16.04 22.08 6.32
C TRP C 302 14.77 21.74 5.55
N ASP C 303 13.62 21.86 6.22
CA ASP C 303 12.33 21.64 5.55
C ASP C 303 11.28 22.51 6.23
N VAL C 304 11.24 23.78 5.84
CA VAL C 304 10.22 24.70 6.28
C VAL C 304 9.34 25.16 5.11
N SER C 305 9.97 25.62 4.03
CA SER C 305 9.27 26.14 2.87
C SER C 305 9.07 25.13 1.76
N GLY C 306 9.98 24.16 1.62
CA GLY C 306 9.99 23.28 0.46
C GLY C 306 10.67 23.89 -0.76
N GLN C 307 11.29 25.06 -0.59
CA GLN C 307 12.01 25.70 -1.69
C GLN C 307 13.35 25.01 -1.95
N LEU C 308 13.84 25.19 -3.19
CA LEU C 308 15.01 24.47 -3.67
C LEU C 308 16.29 24.77 -2.87
N ALA C 309 16.34 25.86 -2.11
CA ALA C 309 17.55 26.15 -1.34
C ALA C 309 17.68 25.28 -0.10
N GLU C 310 16.62 24.58 0.30
CA GLU C 310 16.59 23.96 1.61
C GLU C 310 17.40 22.67 1.64
N GLY C 311 17.86 22.30 2.85
CA GLY C 311 18.71 21.13 3.00
C GLY C 311 18.05 19.84 2.54
N LEU C 312 16.79 19.62 2.90
CA LEU C 312 16.10 18.40 2.46
C LEU C 312 16.08 18.31 0.94
N GLN C 313 15.85 19.44 0.27
CA GLN C 313 15.80 19.42 -1.19
C GLN C 313 17.15 19.00 -1.75
N TRP C 314 18.23 19.50 -1.17
CA TRP C 314 19.58 19.14 -1.62
C TRP C 314 19.87 17.66 -1.37
N ALA C 315 19.38 17.10 -0.27
CA ALA C 315 19.53 15.66 -0.09
C ALA C 315 18.87 14.90 -1.23
N LEU C 316 17.69 15.36 -1.67
CA LEU C 316 16.96 14.71 -2.76
C LEU C 316 17.65 14.94 -4.10
N TYR C 317 18.18 16.14 -4.34
CA TYR C 317 18.86 16.38 -5.62
C TYR C 317 20.10 15.50 -5.73
N MET C 318 20.80 15.31 -4.63
CA MET C 318 21.98 14.47 -4.62
C MET C 318 21.59 13.00 -4.82
N HIS C 319 20.52 12.55 -4.15
CA HIS C 319 20.03 11.19 -4.38
C HIS C 319 19.73 10.97 -5.86
N ASN C 320 19.13 11.96 -6.51
CA ASN C 320 18.82 11.81 -7.93
C ASN C 320 20.08 11.67 -8.76
N ALA C 321 21.08 12.54 -8.53
CA ALA C 321 22.31 12.44 -9.32
C ALA C 321 23.01 11.12 -9.06
N PHE C 322 23.12 10.71 -7.78
CA PHE C 322 23.91 9.52 -7.49
C PHE C 322 23.23 8.24 -8.00
N THR C 323 21.89 8.17 -8.00
CA THR C 323 21.23 6.93 -8.38
C THR C 323 20.72 6.89 -9.80
N ASN C 324 20.45 8.05 -10.41
CA ASN C 324 19.92 8.07 -11.77
C ASN C 324 20.92 8.53 -12.82
N SER C 325 21.99 9.23 -12.44
CA SER C 325 23.04 9.55 -13.39
C SER C 325 24.41 9.02 -12.96
N ASP C 326 24.44 8.12 -11.96
CA ASP C 326 25.67 7.45 -11.53
C ASP C 326 26.79 8.44 -11.20
N THR C 327 26.39 9.59 -10.65
CA THR C 327 27.31 10.70 -10.41
C THR C 327 28.19 10.41 -9.19
N SER C 328 29.49 10.73 -9.31
CA SER C 328 30.46 10.37 -8.28
C SER C 328 30.79 11.49 -7.31
N GLY C 329 30.42 12.72 -7.63
CA GLY C 329 30.70 13.82 -6.72
C GLY C 329 29.77 14.97 -6.99
N TYR C 330 29.71 15.90 -6.04
CA TYR C 330 28.67 16.91 -6.06
C TYR C 330 29.19 18.15 -5.34
N ASN C 331 29.18 19.29 -6.00
CA ASN C 331 29.75 20.53 -5.47
C ASN C 331 28.70 21.61 -5.34
N HIS C 332 28.63 22.24 -4.16
CA HIS C 332 28.07 23.57 -4.08
C HIS C 332 28.93 24.53 -4.93
N TRP C 333 28.42 25.73 -5.16
CA TRP C 333 29.21 26.74 -5.85
C TRP C 333 30.33 27.19 -4.91
N TRP C 334 30.06 28.16 -4.03
CA TRP C 334 31.12 28.64 -3.14
C TRP C 334 31.07 27.95 -1.77
N CYS C 335 32.24 27.86 -1.12
CA CYS C 335 32.33 27.31 0.23
C CYS C 335 31.75 28.28 1.26
N ALA C 336 32.34 29.48 1.35
CA ALA C 336 32.02 30.36 2.47
C ALA C 336 32.31 31.79 2.10
N GLY C 337 31.51 32.70 2.67
CA GLY C 337 31.68 34.12 2.48
C GLY C 337 30.36 34.85 2.26
N GLY C 338 30.40 35.91 1.45
CA GLY C 338 29.20 36.65 1.08
C GLY C 338 28.48 35.99 -0.08
N GLY C 339 27.78 36.79 -0.88
CA GLY C 339 27.11 36.24 -2.02
C GLY C 339 25.77 35.58 -1.72
N ALA C 340 25.07 36.02 -0.68
CA ALA C 340 23.74 35.52 -0.34
C ALA C 340 23.72 33.99 -0.24
N ASP C 341 22.89 33.31 -1.03
CA ASP C 341 22.73 31.86 -0.87
C ASP C 341 23.73 31.05 -1.69
N ASN C 342 24.73 31.69 -2.27
CA ASN C 342 25.69 30.98 -3.10
C ASN C 342 26.78 30.27 -2.30
N VAL C 343 26.72 30.29 -0.97
CA VAL C 343 27.75 29.66 -0.13
C VAL C 343 27.11 28.60 0.75
N LEU C 344 27.95 27.69 1.27
CA LEU C 344 27.47 26.76 2.29
C LEU C 344 27.52 27.40 3.67
N ILE C 345 28.45 28.33 3.88
CA ILE C 345 28.61 29.02 5.15
C ILE C 345 28.68 30.52 4.87
N SER C 346 27.71 31.26 5.39
CA SER C 346 27.66 32.71 5.24
C SER C 346 28.51 33.40 6.31
N ILE C 347 29.39 34.30 5.88
CA ILE C 347 30.28 35.06 6.77
C ILE C 347 29.93 36.54 6.67
N THR C 348 29.71 37.19 7.81
CA THR C 348 29.57 38.64 7.88
C THR C 348 30.42 39.10 9.05
N GLY C 349 31.47 39.88 8.76
CA GLY C 349 32.37 40.29 9.82
C GLY C 349 32.92 39.08 10.54
N ASN C 350 32.96 39.14 11.86
CA ASN C 350 33.41 37.98 12.64
C ASN C 350 32.25 37.09 13.09
N SER C 351 31.35 36.75 12.18
CA SER C 351 30.26 35.85 12.48
C SER C 351 30.05 34.94 11.29
N TYR C 352 29.50 33.75 11.54
CA TYR C 352 29.17 32.86 10.43
C TYR C 352 27.94 32.03 10.80
N GLU C 353 27.21 31.61 9.75
CA GLU C 353 26.10 30.67 9.86
C GLU C 353 26.29 29.56 8.84
N VAL C 354 25.88 28.36 9.22
CA VAL C 354 25.96 27.19 8.35
C VAL C 354 24.58 26.90 7.81
N SER C 355 24.47 26.72 6.49
CA SER C 355 23.23 26.23 5.90
C SER C 355 23.07 24.74 6.16
N SER C 356 21.83 24.32 6.40
CA SER C 356 21.61 22.90 6.56
C SER C 356 21.80 22.12 5.26
N ARG C 357 22.01 22.80 4.13
CA ARG C 357 22.50 22.09 2.96
C ARG C 357 23.75 21.30 3.31
N LEU C 358 24.61 21.83 4.19
CA LEU C 358 25.82 21.09 4.51
C LEU C 358 25.50 19.77 5.20
N TRP C 359 24.39 19.70 5.94
CA TRP C 359 24.03 18.44 6.59
C TRP C 359 23.45 17.44 5.61
N ALA C 360 22.89 17.91 4.49
CA ALA C 360 22.59 17.01 3.39
C ALA C 360 23.87 16.43 2.80
N PHE C 361 24.85 17.30 2.53
CA PHE C 361 26.16 16.83 2.07
C PHE C 361 26.75 15.82 3.05
N ALA C 362 26.71 16.16 4.33
CA ALA C 362 27.33 15.28 5.32
C ALA C 362 26.60 13.94 5.39
N SER C 363 25.28 13.95 5.24
CA SER C 363 24.54 12.69 5.33
C SER C 363 25.05 11.68 4.30
N TYR C 364 25.55 12.16 3.17
CA TYR C 364 26.21 11.28 2.21
C TYR C 364 27.68 11.06 2.56
N PHE C 365 28.44 12.15 2.70
CA PHE C 365 29.89 12.07 2.56
C PHE C 365 30.64 12.00 3.88
N ARG C 366 30.00 12.28 5.02
CA ARG C 366 30.63 11.91 6.28
C ARG C 366 30.81 10.39 6.38
N PHE C 367 29.96 9.64 5.70
CA PHE C 367 29.98 8.19 5.80
C PHE C 367 30.48 7.49 4.54
N ALA C 368 30.09 7.98 3.36
CA ALA C 368 30.61 7.45 2.10
C ALA C 368 31.84 8.26 1.73
N ARG C 369 33.01 7.74 2.11
CA ARG C 369 34.29 8.43 1.97
C ARG C 369 34.83 8.21 0.56
N PRO C 370 35.85 8.97 0.16
CA PRO C 370 36.40 8.78 -1.19
C PRO C 370 36.82 7.33 -1.42
N GLY C 371 36.53 6.82 -2.61
CA GLY C 371 36.81 5.43 -2.93
C GLY C 371 35.70 4.47 -2.57
N SER C 372 34.68 4.93 -1.87
CA SER C 372 33.51 4.08 -1.63
C SER C 372 32.81 3.81 -2.96
N VAL C 373 32.06 2.71 -2.99
CA VAL C 373 31.35 2.27 -4.21
C VAL C 373 29.87 2.24 -3.91
N ARG C 374 29.08 2.85 -4.77
CA ARG C 374 27.64 2.76 -4.61
C ARG C 374 27.16 1.35 -4.91
N ILE C 375 26.26 0.83 -4.06
CA ILE C 375 25.79 -0.53 -4.21
C ILE C 375 24.25 -0.52 -4.32
N GLY C 376 23.71 -1.69 -4.67
CA GLY C 376 22.29 -1.77 -4.94
C GLY C 376 21.45 -1.47 -3.71
N ALA C 377 20.39 -0.68 -3.92
CA ALA C 377 19.46 -0.34 -2.84
C ALA C 377 18.12 0.01 -3.46
N THR C 378 17.07 -0.72 -3.08
CA THR C 378 15.74 -0.50 -3.60
C THR C 378 14.78 -0.20 -2.46
N SER C 379 13.73 0.54 -2.78
CA SER C 379 12.67 0.87 -1.83
C SER C 379 11.33 0.56 -2.46
N SER C 380 10.43 -0.02 -1.66
CA SER C 380 9.08 -0.34 -2.13
C SER C 380 8.17 0.88 -2.20
N VAL C 381 8.65 2.05 -1.79
CA VAL C 381 7.84 3.26 -1.66
C VAL C 381 8.53 4.38 -2.40
N GLU C 382 7.79 5.00 -3.34
CA GLU C 382 8.39 5.91 -4.31
C GLU C 382 9.10 7.09 -3.65
N ASN C 383 8.54 7.66 -2.58
CA ASN C 383 9.18 8.83 -1.96
C ASN C 383 9.77 8.51 -0.60
N VAL C 384 10.06 7.23 -0.35
CA VAL C 384 11.05 6.84 0.65
C VAL C 384 12.29 6.44 -0.16
N TYR C 385 13.24 7.36 -0.26
CA TYR C 385 14.39 7.16 -1.13
C TYR C 385 15.53 6.49 -0.39
N VAL C 386 16.33 5.72 -1.13
CA VAL C 386 17.46 5.03 -0.54
C VAL C 386 18.60 4.92 -1.54
N SER C 387 19.82 5.10 -1.04
CA SER C 387 21.02 4.67 -1.74
C SER C 387 21.93 4.06 -0.69
N ALA C 388 23.00 3.42 -1.15
CA ALA C 388 23.91 2.74 -0.24
C ALA C 388 25.31 2.73 -0.82
N TYR C 389 26.30 2.74 0.07
CA TYR C 389 27.71 2.92 -0.30
C TYR C 389 28.57 2.03 0.58
N GLU C 390 29.50 1.33 -0.07
CA GLU C 390 30.45 0.46 0.63
C GLU C 390 31.84 1.09 0.57
N ASN C 391 32.37 1.47 1.73
CA ASN C 391 33.73 1.99 1.79
C ASN C 391 34.76 0.91 1.45
N LYS C 392 35.97 1.35 1.10
CA LYS C 392 37.01 0.39 0.77
C LYS C 392 37.25 -0.58 1.91
N ASN C 393 37.04 -0.14 3.16
CA ASN C 393 37.32 -1.02 4.29
C ASN C 393 36.10 -1.85 4.71
N GLY C 394 35.03 -1.83 3.93
CA GLY C 394 33.89 -2.70 4.17
C GLY C 394 32.75 -2.09 4.94
N THR C 395 32.95 -0.96 5.62
CA THR C 395 31.83 -0.31 6.26
C THR C 395 30.84 0.20 5.21
N VAL C 396 29.56 0.22 5.57
CA VAL C 396 28.49 0.51 4.62
C VAL C 396 27.62 1.63 5.18
N SER C 397 27.19 2.52 4.31
CA SER C 397 26.29 3.60 4.69
C SER C 397 25.00 3.51 3.87
N ILE C 398 23.86 3.67 4.54
CA ILE C 398 22.55 3.59 3.88
C ILE C 398 21.77 4.86 4.21
N PRO C 399 21.93 5.94 3.44
CA PRO C 399 21.11 7.14 3.65
C PRO C 399 19.71 6.97 3.09
N VAL C 400 18.72 6.93 3.99
CA VAL C 400 17.30 6.83 3.64
C VAL C 400 16.68 8.23 3.77
N ILE C 401 15.91 8.64 2.78
CA ILE C 401 15.23 9.93 2.82
C ILE C 401 13.74 9.67 2.89
N ASN C 402 13.13 10.03 4.02
CA ASN C 402 11.67 10.02 4.11
C ASN C 402 11.21 11.38 3.61
N ALA C 403 10.81 11.44 2.34
CA ALA C 403 10.24 12.66 1.78
C ALA C 403 8.75 12.81 2.05
N ALA C 404 8.15 11.84 2.74
CA ALA C 404 6.75 11.94 3.12
C ALA C 404 6.61 12.81 4.36
N HIS C 405 5.37 13.22 4.63
CA HIS C 405 5.02 14.13 5.72
C HIS C 405 4.48 13.41 6.95
N PHE C 406 4.85 12.15 7.12
CA PHE C 406 4.48 11.33 8.27
C PHE C 406 5.54 10.22 8.39
N PRO C 407 5.64 9.57 9.55
CA PRO C 407 6.74 8.60 9.72
C PRO C 407 6.53 7.30 8.93
N TYR C 408 7.66 6.73 8.52
CA TYR C 408 7.68 5.43 7.86
C TYR C 408 8.42 4.40 8.72
N GLU C 409 7.79 3.27 8.94
CA GLU C 409 8.45 2.12 9.55
C GLU C 409 9.15 1.36 8.42
N VAL C 410 10.49 1.43 8.38
N VAL C 410 10.48 1.37 8.44
CA VAL C 410 11.25 0.79 7.32
CA VAL C 410 11.30 0.82 7.36
C VAL C 410 11.79 -0.55 7.81
C VAL C 410 11.87 -0.53 7.81
N THR C 411 11.91 -1.49 6.87
CA THR C 411 12.56 -2.78 7.10
C THR C 411 13.61 -2.92 6.01
N ILE C 412 14.87 -3.06 6.42
CA ILE C 412 15.99 -3.11 5.47
C ILE C 412 16.59 -4.50 5.49
N ASP C 413 16.52 -5.19 4.36
CA ASP C 413 17.15 -6.49 4.18
C ASP C 413 18.56 -6.28 3.65
N LEU C 414 19.55 -6.88 4.30
CA LEU C 414 20.95 -6.69 3.95
C LEU C 414 21.47 -7.96 3.27
N GLN C 415 21.99 -7.81 2.06
CA GLN C 415 22.54 -8.93 1.31
C GLN C 415 24.00 -8.67 1.00
N GLY C 416 24.85 -9.64 1.32
CA GLY C 416 26.23 -9.67 0.87
C GLY C 416 27.17 -8.72 1.58
N LEU C 417 26.85 -8.31 2.80
CA LEU C 417 27.65 -7.28 3.46
C LEU C 417 28.85 -7.89 4.17
N LYS C 418 29.90 -7.07 4.33
CA LYS C 418 31.06 -7.42 5.13
C LYS C 418 30.98 -6.82 6.53
N ALA C 419 30.51 -5.58 6.63
CA ALA C 419 30.24 -4.92 7.90
C ALA C 419 28.94 -5.49 8.45
N ARG C 420 29.03 -6.36 9.45
CA ARG C 420 27.85 -7.09 9.88
C ARG C 420 27.74 -7.20 11.39
N LYS C 421 28.47 -6.39 12.16
CA LYS C 421 28.47 -6.52 13.61
C LYS C 421 27.73 -5.41 14.34
N ARG C 422 27.66 -4.21 13.78
CA ARG C 422 27.16 -3.06 14.51
C ARG C 422 26.47 -2.10 13.55
N VAL C 423 25.40 -1.45 14.01
CA VAL C 423 24.70 -0.43 13.24
C VAL C 423 24.52 0.82 14.10
N SER C 424 24.90 1.96 13.56
CA SER C 424 24.64 3.25 14.19
C SER C 424 23.66 4.03 13.33
N THR C 425 22.76 4.76 13.97
CA THR C 425 21.70 5.49 13.28
C THR C 425 21.88 6.98 13.49
N PHE C 426 21.89 7.74 12.39
CA PHE C 426 22.05 9.18 12.42
C PHE C 426 20.83 9.83 11.80
N LEU C 427 20.42 10.99 12.32
CA LEU C 427 19.21 11.65 11.84
C LEU C 427 19.47 13.11 11.49
N THR C 428 18.93 13.56 10.36
CA THR C 428 18.90 14.98 10.03
C THR C 428 17.47 15.37 9.69
N ASP C 429 16.97 16.40 10.37
CA ASP C 429 15.67 16.99 10.07
C ASP C 429 15.66 18.38 10.69
N ASN C 430 14.47 18.97 10.86
CA ASN C 430 14.42 20.35 11.33
C ASN C 430 14.99 20.54 12.72
N SER C 431 15.15 19.47 13.50
CA SER C 431 15.70 19.60 14.85
C SER C 431 16.92 18.73 15.10
N HIS C 432 17.52 18.16 14.06
CA HIS C 432 18.71 17.30 14.21
C HIS C 432 19.68 17.57 13.07
N ASN C 433 20.97 17.70 13.41
CA ASN C 433 22.03 17.86 12.41
C ASN C 433 22.94 16.63 12.47
N VAL C 434 22.60 15.61 11.67
CA VAL C 434 23.33 14.35 11.61
C VAL C 434 23.60 13.87 13.03
N THR C 435 22.54 13.81 13.82
CA THR C 435 22.62 13.44 15.23
C THR C 435 22.64 11.92 15.40
N LEU C 436 23.52 11.44 16.27
CA LEU C 436 23.56 10.01 16.60
C LEU C 436 22.34 9.66 17.46
N MET C 437 21.45 8.85 16.91
CA MET C 437 20.24 8.48 17.65
C MET C 437 20.29 7.10 18.28
N ASP C 438 21.09 6.18 17.76
CA ASP C 438 21.06 4.83 18.29
C ASP C 438 22.32 4.10 17.87
N GLN C 439 22.77 3.19 18.73
CA GLN C 439 23.83 2.26 18.41
C GLN C 439 23.43 0.88 18.92
N SER C 440 23.43 -0.11 18.03
CA SER C 440 23.02 -1.45 18.41
C SER C 440 23.96 -2.47 17.79
N GLU C 441 24.00 -3.66 18.39
CA GLU C 441 24.69 -4.77 17.78
C GLU C 441 23.84 -5.33 16.66
N LEU C 442 24.48 -5.80 15.60
CA LEU C 442 23.79 -6.46 14.50
C LEU C 442 23.64 -7.94 14.83
N HIS C 443 22.40 -8.38 14.98
CA HIS C 443 22.07 -9.79 15.13
C HIS C 443 21.05 -10.10 14.04
N GLY C 444 21.55 -10.59 12.91
CA GLY C 444 20.75 -10.85 11.74
C GLY C 444 21.07 -9.88 10.62
N SER C 445 20.40 -10.09 9.50
CA SER C 445 20.59 -9.31 8.29
C SER C 445 19.41 -8.37 8.02
N VAL C 446 18.61 -8.07 9.04
CA VAL C 446 17.44 -7.21 8.88
C VAL C 446 17.52 -6.08 9.89
N LEU C 447 17.37 -4.86 9.40
CA LEU C 447 17.24 -3.65 10.21
C LEU C 447 15.79 -3.18 10.18
N LYS C 448 15.27 -2.76 11.34
CA LYS C 448 13.97 -2.12 11.43
C LYS C 448 14.10 -0.81 12.20
N ALA C 449 13.51 0.25 11.67
CA ALA C 449 13.54 1.54 12.34
C ALA C 449 12.39 2.38 11.81
N THR C 450 12.01 3.39 12.59
CA THR C 450 11.03 4.39 12.15
C THR C 450 11.78 5.65 11.73
N VAL C 451 11.61 6.06 10.48
CA VAL C 451 12.24 7.27 9.96
C VAL C 451 11.24 8.42 10.10
N PRO C 452 11.58 9.48 10.83
CA PRO C 452 10.68 10.63 11.01
C PRO C 452 10.35 11.29 9.67
N PRO C 453 9.26 12.08 9.61
CA PRO C 453 8.91 12.73 8.34
C PRO C 453 9.98 13.73 7.90
N ARG C 454 10.13 13.83 6.58
CA ARG C 454 10.90 14.91 5.95
C ARG C 454 12.33 14.93 6.49
N ALA C 455 12.97 13.76 6.45
CA ALA C 455 14.20 13.54 7.19
C ALA C 455 15.13 12.65 6.39
N VAL C 456 16.42 12.78 6.68
CA VAL C 456 17.43 11.84 6.19
C VAL C 456 17.94 11.05 7.38
N GLN C 457 17.78 9.74 7.34
CA GLN C 457 18.26 8.85 8.39
C GLN C 457 19.33 7.93 7.79
N VAL C 458 20.53 8.00 8.34
CA VAL C 458 21.67 7.22 7.83
C VAL C 458 21.92 6.02 8.75
N PHE C 459 21.91 4.84 8.15
CA PHE C 459 22.29 3.61 8.83
C PHE C 459 23.74 3.31 8.51
N TRP C 460 24.58 3.32 9.55
CA TRP C 460 26.03 3.19 9.43
C TRP C 460 26.42 1.82 9.95
N LEU C 461 26.87 0.95 9.06
CA LEU C 461 27.12 -0.46 9.40
C LEU C 461 28.62 -0.72 9.52
N GLU C 462 29.03 -1.27 10.67
CA GLU C 462 30.44 -1.59 10.90
C GLU C 462 30.63 -3.05 11.31
N TRP D 17 27.14 32.05 -31.78
CA TRP D 17 28.30 31.97 -32.66
C TRP D 17 28.25 30.71 -33.53
N SER D 18 29.02 30.69 -34.61
CA SER D 18 29.00 29.54 -35.51
C SER D 18 30.27 29.55 -36.35
N TYR D 19 30.55 28.43 -37.00
CA TYR D 19 31.70 28.37 -37.87
C TYR D 19 31.38 27.49 -39.06
N SER D 20 32.31 27.48 -40.01
N SER D 20 32.32 27.44 -40.00
CA SER D 20 32.11 26.79 -41.28
CA SER D 20 32.11 26.80 -41.30
C SER D 20 32.61 25.36 -41.17
C SER D 20 32.62 25.36 -41.23
N GLN D 21 31.69 24.42 -41.30
CA GLN D 21 31.93 23.01 -41.54
C GLN D 21 30.54 22.43 -41.71
N THR D 22 30.41 21.34 -42.46
CA THR D 22 29.10 20.77 -42.73
C THR D 22 29.15 19.27 -42.47
N LEU D 23 28.21 18.78 -41.68
CA LEU D 23 28.04 17.37 -41.41
C LEU D 23 26.61 17.00 -41.77
N SER D 24 26.30 15.70 -41.74
N SER D 24 26.30 15.71 -41.71
CA SER D 24 25.02 15.19 -42.17
CA SER D 24 25.03 15.19 -42.17
C SER D 24 24.29 14.54 -40.99
C SER D 24 24.30 14.48 -41.02
N ALA D 25 22.96 14.46 -41.12
CA ALA D 25 22.13 13.78 -40.14
C ALA D 25 21.02 13.08 -40.88
N ASN D 26 20.67 11.88 -40.43
CA ASN D 26 19.59 11.10 -41.01
C ASN D 26 18.44 11.10 -40.02
N ILE D 27 17.26 11.46 -40.50
CA ILE D 27 16.06 11.55 -39.67
C ILE D 27 15.01 10.63 -40.25
N GLN D 28 14.29 9.91 -39.38
CA GLN D 28 13.21 9.04 -39.80
C GLN D 28 11.96 9.45 -39.06
N VAL D 29 10.89 9.75 -39.80
CA VAL D 29 9.61 10.14 -39.23
C VAL D 29 8.60 9.06 -39.60
N ASN D 30 7.87 8.56 -38.60
CA ASN D 30 6.98 7.42 -38.79
C ASN D 30 5.63 7.72 -38.16
N ALA D 31 4.61 7.97 -38.99
CA ALA D 31 3.27 8.24 -38.47
C ALA D 31 2.59 7.02 -37.87
N LEU D 32 3.17 5.83 -38.03
CA LEU D 32 2.61 4.63 -37.41
C LEU D 32 3.01 4.49 -35.94
N GLN D 33 4.06 5.17 -35.50
CA GLN D 33 4.39 5.26 -34.07
C GLN D 33 3.70 6.51 -33.52
N ARG D 34 2.85 6.32 -32.53
CA ARG D 34 2.00 7.40 -32.06
C ARG D 34 2.11 7.54 -30.55
N TYR D 35 2.21 8.78 -30.09
CA TYR D 35 2.38 9.07 -28.68
C TYR D 35 1.25 9.95 -28.15
N GLN D 36 1.58 11.05 -27.46
CA GLN D 36 0.58 11.81 -26.73
C GLN D 36 -0.20 12.74 -27.65
N GLU D 37 -1.44 13.04 -27.24
CA GLU D 37 -2.24 14.06 -27.89
C GLU D 37 -1.85 15.44 -27.36
N MET D 38 -1.61 16.38 -28.26
CA MET D 38 -1.04 17.64 -27.82
C MET D 38 -2.17 18.61 -27.51
N ILE D 39 -1.93 19.48 -26.52
CA ILE D 39 -2.90 20.50 -26.17
C ILE D 39 -2.43 21.85 -26.69
N GLY D 40 -1.30 22.36 -26.22
CA GLY D 40 -0.75 23.57 -26.78
C GLY D 40 0.19 24.27 -25.83
N GLY D 41 0.56 25.50 -26.18
CA GLY D 41 1.39 26.31 -25.30
C GLY D 41 0.57 27.42 -24.67
N GLY D 42 1.03 28.04 -23.58
CA GLY D 42 0.21 29.11 -23.02
C GLY D 42 0.92 29.91 -21.97
N CYS D 43 0.12 30.63 -21.18
CA CYS D 43 0.63 31.56 -20.18
C CYS D 43 -0.53 32.00 -19.28
N SER D 44 -0.20 32.79 -18.26
CA SER D 44 -1.15 33.24 -17.25
C SER D 44 -1.13 34.76 -17.12
N GLY D 45 -2.27 35.33 -16.74
CA GLY D 45 -2.35 36.73 -16.35
C GLY D 45 -2.66 36.91 -14.87
N ALA D 46 -2.28 35.91 -14.09
CA ALA D 46 -2.61 35.90 -12.67
C ALA D 46 -1.95 37.08 -11.95
N PHE D 47 -2.50 37.41 -10.78
CA PHE D 47 -1.93 38.39 -9.86
C PHE D 47 -1.85 39.79 -10.46
N GLY D 48 -2.82 40.13 -11.31
CA GLY D 48 -2.89 41.44 -11.91
C GLY D 48 -2.09 41.61 -13.19
N TRP D 49 -1.36 40.57 -13.64
CA TRP D 49 -0.62 40.73 -14.89
C TRP D 49 -1.57 40.92 -16.07
N ALA D 50 -2.76 40.31 -16.02
CA ALA D 50 -3.79 40.60 -17.03
C ALA D 50 -4.15 42.07 -17.04
N CYS D 51 -4.10 42.76 -15.89
CA CYS D 51 -4.38 44.19 -15.88
C CYS D 51 -3.22 45.02 -16.43
N GLN D 52 -2.01 44.49 -16.38
CA GLN D 52 -0.90 45.14 -17.06
C GLN D 52 -0.99 44.97 -18.57
N GLN D 53 -1.58 43.87 -19.02
CA GLN D 53 -1.78 43.63 -20.44
C GLN D 53 -2.94 44.46 -20.98
N PHE D 54 -3.94 44.72 -20.14
CA PHE D 54 -5.08 45.58 -20.48
C PHE D 54 -5.14 46.72 -19.46
N PRO D 55 -4.18 47.64 -19.49
CA PRO D 55 -4.14 48.69 -18.49
C PRO D 55 -5.10 49.83 -18.83
N THR D 56 -5.43 50.59 -17.80
CA THR D 56 -6.28 51.75 -18.00
C THR D 56 -5.45 52.96 -18.41
N GLY D 58 -1.90 54.06 -20.51
CA GLY D 58 -0.60 53.64 -21.00
C GLY D 58 -0.73 52.95 -22.35
N LEU D 59 -0.67 51.62 -22.34
CA LEU D 59 -0.82 50.85 -23.57
C LEU D 59 -2.20 51.09 -24.18
N THR D 60 -2.21 51.51 -25.44
CA THR D 60 -3.46 51.85 -26.09
C THR D 60 -4.30 50.61 -26.31
N PRO D 61 -5.62 50.77 -26.42
CA PRO D 61 -6.47 49.61 -26.78
C PRO D 61 -6.01 48.87 -28.01
N GLU D 62 -5.54 49.58 -29.04
CA GLU D 62 -5.09 48.88 -30.25
C GLU D 62 -3.84 48.05 -29.96
N ASN D 63 -2.93 48.56 -29.13
CA ASN D 63 -1.75 47.77 -28.77
C ASN D 63 -2.06 46.65 -27.80
N GLN D 64 -3.09 46.83 -26.95
CA GLN D 64 -3.56 45.71 -26.15
C GLN D 64 -4.05 44.56 -27.02
N GLU D 65 -4.82 44.89 -28.07
CA GLU D 65 -5.25 43.87 -29.02
C GLU D 65 -4.06 43.24 -29.72
N GLU D 66 -3.11 44.07 -30.17
CA GLU D 66 -1.94 43.58 -30.89
C GLU D 66 -1.14 42.62 -30.02
N VAL D 67 -0.91 42.97 -28.76
CA VAL D 67 -0.17 42.07 -27.86
C VAL D 67 -0.88 40.73 -27.74
N THR D 68 -2.20 40.75 -27.52
CA THR D 68 -2.93 39.50 -27.33
C THR D 68 -2.99 38.68 -28.61
N LYS D 69 -3.13 39.35 -29.75
CA LYS D 69 -3.07 38.70 -31.06
C LYS D 69 -1.73 38.02 -31.29
N ILE D 70 -0.63 38.72 -31.02
CA ILE D 70 0.70 38.13 -31.18
C ILE D 70 0.81 36.82 -30.40
N LEU D 71 0.25 36.79 -29.19
CA LEU D 71 0.31 35.59 -28.36
C LEU D 71 -0.55 34.44 -28.91
N PHE D 72 -1.81 34.74 -29.27
CA PHE D 72 -2.80 33.68 -29.46
C PHE D 72 -3.27 33.49 -30.90
N ASP D 73 -2.87 34.35 -31.82
CA ASP D 73 -3.14 34.13 -33.23
C ASP D 73 -2.40 32.88 -33.68
N GLU D 74 -3.12 31.98 -34.38
CA GLU D 74 -2.49 30.75 -34.85
C GLU D 74 -1.35 31.02 -35.81
N ASN D 75 -1.30 32.21 -36.39
CA ASN D 75 -0.25 32.55 -37.35
C ASN D 75 0.92 33.30 -36.73
N ILE D 76 0.88 33.56 -35.43
CA ILE D 76 2.01 34.26 -34.83
C ILE D 76 2.51 33.41 -33.68
N GLY D 77 2.11 33.73 -32.44
CA GLY D 77 2.60 32.96 -31.30
C GLY D 77 2.03 31.56 -31.26
N GLY D 78 0.80 31.36 -31.74
CA GLY D 78 0.21 30.04 -31.76
C GLY D 78 -0.23 29.49 -30.42
N LEU D 79 -0.30 30.32 -29.38
CA LEU D 79 -0.64 29.78 -28.07
C LEU D 79 -2.12 29.43 -27.99
N SER D 80 -2.44 28.54 -27.06
CA SER D 80 -3.82 28.06 -26.88
C SER D 80 -4.28 27.98 -25.43
N ILE D 81 -3.38 28.00 -24.45
CA ILE D 81 -3.75 27.81 -23.05
C ILE D 81 -3.70 29.15 -22.36
N VAL D 82 -4.78 29.50 -21.66
CA VAL D 82 -4.76 30.61 -20.72
C VAL D 82 -4.99 29.98 -19.36
N ARG D 83 -4.08 30.23 -18.43
CA ARG D 83 -4.19 29.70 -17.07
C ARG D 83 -4.57 30.86 -16.16
N ASN D 84 -5.73 30.75 -15.53
CA ASN D 84 -6.25 31.82 -14.69
C ASN D 84 -6.17 31.42 -13.22
N ASP D 85 -5.89 32.40 -12.35
CA ASP D 85 -5.94 32.19 -10.90
C ASP D 85 -7.38 32.33 -10.41
N ILE D 86 -7.92 31.26 -9.82
CA ILE D 86 -9.17 31.36 -9.06
C ILE D 86 -8.80 32.01 -7.73
N GLY D 87 -9.01 33.32 -7.66
CA GLY D 87 -8.42 34.12 -6.60
C GLY D 87 -9.07 33.87 -5.26
N SER D 88 -8.27 34.13 -4.22
CA SER D 88 -8.72 33.93 -2.85
C SER D 88 -8.35 35.11 -1.96
N SER D 89 -7.84 36.20 -2.53
CA SER D 89 -7.43 37.40 -1.83
C SER D 89 -8.56 38.43 -1.81
N PRO D 90 -8.50 39.40 -0.90
CA PRO D 90 -9.49 40.49 -0.91
C PRO D 90 -9.53 41.20 -2.25
N GLY D 91 -10.74 41.32 -2.81
CA GLY D 91 -10.93 41.97 -4.08
C GLY D 91 -10.79 41.06 -5.28
N SER D 92 -10.29 39.84 -5.11
CA SER D 92 -10.02 38.94 -6.23
C SER D 92 -10.73 37.60 -6.12
N THR D 93 -11.60 37.40 -5.14
CA THR D 93 -12.26 36.11 -4.94
C THR D 93 -13.75 36.23 -5.21
N ILE D 94 -14.35 35.14 -5.71
CA ILE D 94 -15.80 35.14 -5.88
C ILE D 94 -16.54 34.93 -4.58
N LEU D 95 -15.83 34.71 -3.48
CA LEU D 95 -16.45 34.57 -2.17
C LEU D 95 -15.81 35.54 -1.20
N PRO D 96 -16.12 36.84 -1.32
CA PRO D 96 -15.43 37.83 -0.49
C PRO D 96 -15.76 37.72 0.99
N THR D 97 -16.96 37.26 1.33
CA THR D 97 -17.35 36.96 2.71
C THR D 97 -17.83 35.52 2.77
N CYS D 98 -17.28 34.74 3.69
CA CYS D 98 -17.66 33.35 3.86
C CYS D 98 -18.86 33.21 4.78
N PRO D 99 -19.67 32.18 4.57
CA PRO D 99 -20.69 31.85 5.57
C PRO D 99 -20.02 31.30 6.81
N ALA D 100 -20.79 31.28 7.90
CA ALA D 100 -20.27 30.77 9.17
C ALA D 100 -19.90 29.31 9.09
N THR D 101 -20.69 28.51 8.37
CA THR D 101 -20.50 27.08 8.26
C THR D 101 -20.64 26.66 6.80
N PRO D 102 -20.24 25.44 6.42
CA PRO D 102 -20.47 24.99 5.04
C PRO D 102 -21.96 24.88 4.66
N ALA D 103 -22.87 25.07 5.61
CA ALA D 103 -24.26 25.05 5.23
C ALA D 103 -24.66 26.27 4.40
N GLY D 104 -23.81 27.29 4.35
CA GLY D 104 -24.16 28.53 3.69
C GLY D 104 -25.12 29.36 4.52
N PRO D 105 -25.82 30.34 3.88
CA PRO D 105 -25.80 30.66 2.43
C PRO D 105 -24.44 31.16 1.96
N PHE D 106 -24.07 30.76 0.74
CA PHE D 106 -22.88 31.28 0.08
C PHE D 106 -23.28 32.44 -0.82
N ASN D 107 -22.71 33.62 -0.56
N ASN D 107 -22.73 33.63 -0.55
CA ASN D 107 -23.02 34.83 -1.32
CA ASN D 107 -23.04 34.82 -1.31
C ASN D 107 -21.89 35.08 -2.30
C ASN D 107 -21.90 35.06 -2.29
N TYR D 108 -21.97 34.42 -3.46
CA TYR D 108 -20.93 34.56 -4.47
C TYR D 108 -21.09 35.89 -5.21
N GLN D 109 -19.97 36.38 -5.73
CA GLN D 109 -19.94 37.68 -6.36
C GLN D 109 -19.10 37.57 -7.62
N TRP D 110 -19.64 38.07 -8.73
CA TRP D 110 -18.95 38.06 -10.02
C TRP D 110 -18.91 39.48 -10.55
N ASP D 111 -17.72 40.02 -10.74
CA ASP D 111 -17.61 41.43 -11.13
C ASP D 111 -17.36 41.63 -12.62
N GLY D 112 -17.35 40.56 -13.42
CA GLY D 112 -17.11 40.72 -14.84
C GLY D 112 -15.67 40.99 -15.22
N SER D 113 -14.75 41.04 -14.26
CA SER D 113 -13.34 41.32 -14.51
C SER D 113 -12.43 40.21 -14.05
N ASP D 114 -12.61 39.68 -12.85
CA ASP D 114 -11.76 38.63 -12.34
C ASP D 114 -10.29 39.05 -12.45
N SER D 115 -9.99 40.24 -11.94
CA SER D 115 -8.63 40.81 -12.00
C SER D 115 -8.12 40.87 -13.43
N CYS D 116 -9.01 41.31 -14.34
CA CYS D 116 -8.75 41.43 -15.77
C CYS D 116 -8.52 40.08 -16.44
N GLN D 117 -8.65 38.97 -15.69
CA GLN D 117 -8.44 37.68 -16.34
C GLN D 117 -9.59 37.33 -17.27
N PHE D 118 -10.79 37.84 -16.98
CA PHE D 118 -11.88 37.67 -17.92
C PHE D 118 -11.57 38.38 -19.24
N ASN D 119 -11.03 39.60 -19.16
CA ASN D 119 -10.67 40.36 -20.35
C ASN D 119 -9.64 39.61 -21.18
N LEU D 120 -8.58 39.13 -20.52
CA LEU D 120 -7.56 38.35 -21.22
C LEU D 120 -8.18 37.13 -21.89
N THR D 121 -9.02 36.39 -21.16
CA THR D 121 -9.57 35.15 -21.68
C THR D 121 -10.51 35.41 -22.85
N LYS D 122 -11.39 36.41 -22.71
CA LYS D 122 -12.28 36.81 -23.78
C LYS D 122 -11.51 37.23 -25.03
N THR D 123 -10.45 38.03 -24.84
CA THR D 123 -9.69 38.53 -25.98
C THR D 123 -8.87 37.40 -26.63
N ALA D 124 -8.24 36.55 -25.82
CA ALA D 124 -7.51 35.42 -26.38
C ALA D 124 -8.44 34.50 -27.16
N LEU D 125 -9.68 34.35 -26.69
CA LEU D 125 -10.63 33.48 -27.37
C LEU D 125 -11.03 34.05 -28.72
N LYS D 126 -11.13 35.38 -28.82
CA LYS D 126 -11.37 36.02 -30.12
C LYS D 126 -10.33 35.61 -31.15
N TYR D 127 -9.06 35.51 -30.74
CA TYR D 127 -7.97 35.19 -31.64
C TYR D 127 -7.71 33.70 -31.79
N ASN D 128 -8.16 32.90 -30.82
CA ASN D 128 -8.03 31.44 -30.90
C ASN D 128 -9.32 30.79 -30.43
N PRO D 129 -10.22 30.44 -31.35
CA PRO D 129 -11.48 29.80 -30.93
C PRO D 129 -11.31 28.49 -30.20
N GLU D 130 -10.16 27.83 -30.35
CA GLU D 130 -9.85 26.58 -29.65
C GLU D 130 -9.17 26.80 -28.30
N LEU D 131 -9.38 27.96 -27.68
CA LEU D 131 -8.69 28.28 -26.44
C LEU D 131 -8.97 27.25 -25.36
N TYR D 132 -7.91 26.81 -24.70
CA TYR D 132 -7.95 25.83 -23.62
C TYR D 132 -7.76 26.61 -22.32
N VAL D 133 -8.85 26.85 -21.59
CA VAL D 133 -8.75 27.66 -20.38
C VAL D 133 -8.53 26.75 -19.19
N TYR D 134 -7.46 27.01 -18.43
CA TYR D 134 -7.16 26.28 -17.20
C TYR D 134 -7.45 27.20 -16.02
N ALA D 135 -8.51 26.88 -15.26
CA ALA D 135 -8.84 27.61 -14.04
C ALA D 135 -8.17 26.91 -12.88
N ASN D 136 -7.26 27.61 -12.21
CA ASN D 136 -6.34 27.02 -11.24
C ASN D 136 -6.41 27.85 -9.97
N ALA D 137 -6.87 27.26 -8.87
CA ALA D 137 -6.76 27.95 -7.59
C ALA D 137 -5.34 27.85 -7.04
N TRP D 138 -4.83 28.99 -6.54
CA TRP D 138 -3.59 28.98 -5.76
C TRP D 138 -3.86 28.64 -4.29
N SER D 139 -5.04 28.96 -3.80
CA SER D 139 -5.46 28.67 -2.43
C SER D 139 -6.98 28.60 -2.37
N ALA D 140 -7.49 27.84 -1.41
CA ALA D 140 -8.89 27.99 -1.05
C ALA D 140 -9.10 29.33 -0.33
N PRO D 141 -10.33 29.81 -0.22
CA PRO D 141 -10.60 30.93 0.67
C PRO D 141 -10.08 30.62 2.07
N GLY D 142 -9.58 31.64 2.76
CA GLY D 142 -8.96 31.44 4.06
C GLY D 142 -9.88 30.78 5.06
N CYS D 143 -11.18 31.09 5.00
CA CYS D 143 -12.17 30.51 5.91
C CYS D 143 -12.27 28.99 5.78
N MET D 144 -11.84 28.42 4.65
CA MET D 144 -11.84 27.00 4.37
C MET D 144 -10.54 26.27 4.70
N LYS D 145 -9.56 26.94 5.32
CA LYS D 145 -8.22 26.41 5.51
C LYS D 145 -7.84 26.38 6.99
N THR D 146 -6.90 25.49 7.30
CA THR D 146 -6.38 25.36 8.68
C THR D 146 -5.80 26.67 9.20
N VAL D 147 -5.19 27.47 8.32
CA VAL D 147 -4.53 28.70 8.75
C VAL D 147 -5.43 29.92 8.72
N GLY D 148 -6.64 29.82 8.16
CA GLY D 148 -7.60 30.90 8.26
C GLY D 148 -7.34 32.07 7.33
N THR D 149 -6.38 31.92 6.42
CA THR D 149 -5.96 32.96 5.49
C THR D 149 -5.62 32.28 4.16
N GLU D 150 -5.73 33.05 3.07
CA GLU D 150 -5.34 32.49 1.77
C GLU D 150 -3.83 32.44 1.60
N ASN D 151 -3.09 33.12 2.48
CA ASN D 151 -1.64 33.11 2.44
C ASN D 151 -1.09 31.97 3.31
N ASP D 152 0.24 31.82 3.31
CA ASP D 152 0.95 31.03 4.32
C ASP D 152 0.56 29.55 4.31
N GLY D 153 0.40 28.96 3.11
CA GLY D 153 0.24 27.52 3.02
C GLY D 153 -0.97 27.00 3.80
N GLY D 154 -0.80 25.93 4.57
CA GLY D 154 -1.92 25.36 5.29
C GLY D 154 -2.73 24.45 4.39
N GLN D 155 -3.76 23.82 4.97
CA GLN D 155 -4.49 22.75 4.29
C GLN D 155 -5.98 23.08 4.20
N ILE D 156 -6.63 22.46 3.21
CA ILE D 156 -8.09 22.45 3.17
C ILE D 156 -8.65 21.81 4.42
N CYS D 157 -9.55 22.52 5.10
CA CYS D 157 -10.21 21.95 6.27
C CYS D 157 -10.98 20.70 5.88
N GLY D 158 -10.68 19.58 6.55
CA GLY D 158 -11.37 18.33 6.35
C GLY D 158 -10.51 17.22 5.80
N VAL D 159 -9.35 17.52 5.19
CA VAL D 159 -8.45 16.45 4.75
C VAL D 159 -7.74 15.87 5.98
N ARG D 160 -7.12 14.70 5.81
CA ARG D 160 -6.45 14.10 6.98
C ARG D 160 -5.36 15.02 7.49
N GLY D 161 -5.06 14.91 8.78
CA GLY D 161 -4.07 15.80 9.36
C GLY D 161 -4.57 17.20 9.62
N THR D 162 -5.89 17.40 9.63
CA THR D 162 -6.48 18.68 9.98
C THR D 162 -7.48 18.50 11.12
N ASN D 163 -7.70 19.59 11.86
CA ASN D 163 -8.74 19.61 12.89
C ASN D 163 -9.38 21.00 12.87
N CYS D 164 -10.21 21.24 11.87
CA CYS D 164 -11.05 22.43 11.81
C CYS D 164 -12.41 22.15 12.43
N THR D 165 -13.13 23.22 12.75
CA THR D 165 -14.47 23.05 13.30
C THR D 165 -15.40 22.36 12.32
N TYR D 166 -15.24 22.61 11.02
CA TYR D 166 -16.07 21.99 10.01
C TYR D 166 -15.21 21.40 8.90
N ASP D 167 -15.77 20.42 8.22
CA ASP D 167 -15.18 19.88 6.99
C ASP D 167 -15.65 20.76 5.83
N TRP D 168 -14.71 21.51 5.24
CA TRP D 168 -15.04 22.44 4.16
C TRP D 168 -14.77 21.87 2.77
N ARG D 169 -14.57 20.55 2.64
CA ARG D 169 -14.16 20.02 1.34
C ARG D 169 -15.26 20.17 0.31
N GLN D 170 -16.51 19.83 0.66
CA GLN D 170 -17.59 19.97 -0.30
C GLN D 170 -17.78 21.43 -0.67
N ALA D 171 -17.70 22.32 0.33
CA ALA D 171 -17.83 23.75 0.06
C ALA D 171 -16.76 24.24 -0.91
N TYR D 172 -15.52 23.81 -0.72
CA TYR D 172 -14.45 24.25 -1.63
C TYR D 172 -14.69 23.70 -3.04
N ALA D 173 -15.13 22.45 -3.16
CA ALA D 173 -15.45 21.92 -4.49
C ALA D 173 -16.59 22.71 -5.14
N ASP D 174 -17.65 22.99 -4.38
CA ASP D 174 -18.77 23.76 -4.95
C ASP D 174 -18.33 25.17 -5.35
N TYR D 175 -17.40 25.75 -4.58
CA TYR D 175 -16.87 27.08 -4.89
C TYR D 175 -16.11 27.06 -6.20
N LEU D 176 -15.22 26.08 -6.38
CA LEU D 176 -14.48 25.94 -7.63
C LEU D 176 -15.42 25.76 -8.80
N VAL D 177 -16.47 24.95 -8.65
CA VAL D 177 -17.43 24.76 -9.73
C VAL D 177 -18.20 26.06 -10.00
N GLN D 178 -18.50 26.83 -8.95
CA GLN D 178 -19.20 28.10 -9.17
C GLN D 178 -18.36 29.04 -10.02
N TYR D 179 -17.04 29.06 -9.79
CA TYR D 179 -16.16 29.87 -10.62
C TYR D 179 -16.31 29.51 -12.10
N VAL D 180 -16.26 28.22 -12.41
CA VAL D 180 -16.46 27.75 -13.78
C VAL D 180 -17.83 28.20 -14.29
N LYS D 181 -18.85 28.15 -13.43
CA LYS D 181 -20.19 28.52 -13.85
C LYS D 181 -20.25 29.99 -14.25
N PHE D 182 -19.53 30.85 -13.53
CA PHE D 182 -19.50 32.26 -13.91
C PHE D 182 -18.89 32.45 -15.29
N TYR D 183 -17.79 31.75 -15.57
CA TYR D 183 -17.18 31.85 -16.91
C TYR D 183 -18.13 31.31 -17.98
N GLN D 184 -18.74 30.14 -17.71
CA GLN D 184 -19.73 29.59 -18.64
C GLN D 184 -20.84 30.60 -18.95
N ALA D 185 -21.40 31.25 -17.92
CA ALA D 185 -22.49 32.19 -18.14
C ALA D 185 -22.05 33.36 -19.03
N GLU D 186 -20.76 33.69 -19.02
CA GLU D 186 -20.20 34.72 -19.90
C GLU D 186 -19.87 34.19 -21.28
N GLY D 187 -20.18 32.92 -21.58
CA GLY D 187 -19.91 32.35 -22.88
C GLY D 187 -18.52 31.78 -23.07
N ILE D 188 -17.81 31.44 -21.99
CA ILE D 188 -16.47 30.89 -22.07
C ILE D 188 -16.45 29.53 -21.40
N ASP D 189 -16.00 28.52 -22.14
CA ASP D 189 -15.91 27.17 -21.60
C ASP D 189 -14.52 26.93 -21.02
N ILE D 190 -14.47 26.44 -19.79
CA ILE D 190 -13.22 26.05 -19.13
C ILE D 190 -12.92 24.60 -19.50
N SER D 191 -11.63 24.30 -19.75
CA SER D 191 -11.20 22.95 -20.14
C SER D 191 -10.55 22.15 -19.02
N LEU D 192 -9.93 22.81 -18.04
CA LEU D 192 -9.21 22.13 -16.97
C LEU D 192 -9.42 22.92 -15.68
N LEU D 193 -9.57 22.19 -14.57
CA LEU D 193 -9.83 22.79 -13.27
C LEU D 193 -8.83 22.25 -12.26
N GLY D 194 -8.15 23.15 -11.55
CA GLY D 194 -7.15 22.76 -10.56
C GLY D 194 -7.39 23.45 -9.24
N ALA D 195 -7.08 22.71 -8.15
CA ALA D 195 -7.42 23.15 -6.79
C ALA D 195 -6.21 23.57 -5.97
N TRP D 196 -4.98 23.32 -6.42
CA TRP D 196 -3.78 23.73 -5.72
C TRP D 196 -2.80 24.36 -6.69
N ASN D 197 -1.91 25.19 -6.14
CA ASN D 197 -0.71 25.63 -6.84
C ASN D 197 0.49 25.34 -5.96
N GLU D 198 1.46 24.60 -6.49
CA GLU D 198 2.71 24.31 -5.80
C GLU D 198 2.47 23.88 -4.35
N PRO D 199 1.66 22.85 -4.14
CA PRO D 199 1.33 22.43 -2.76
C PRO D 199 2.50 21.87 -2.00
N ASP D 200 3.65 21.69 -2.65
CA ASP D 200 4.89 21.28 -1.98
C ASP D 200 5.70 22.47 -1.46
N PHE D 201 5.17 23.69 -1.57
CA PHE D 201 5.94 24.90 -1.35
C PHE D 201 5.08 25.94 -0.62
N ASN D 202 5.66 26.59 0.39
CA ASN D 202 4.97 27.67 1.10
C ASN D 202 5.75 28.95 0.92
N PRO D 203 5.30 29.86 0.04
CA PRO D 203 5.95 31.18 -0.11
C PRO D 203 5.60 32.17 0.98
N VAL D 204 4.66 31.82 1.86
CA VAL D 204 4.24 32.61 3.02
C VAL D 204 3.42 33.84 2.62
N THR D 205 3.96 34.70 1.75
CA THR D 205 3.42 36.06 1.60
C THR D 205 2.37 36.21 0.51
N TYR D 206 2.01 35.15 -0.22
CA TYR D 206 0.94 35.27 -1.20
C TYR D 206 0.15 33.97 -1.25
N GLU D 207 -0.87 33.94 -2.11
CA GLU D 207 -1.81 32.81 -2.17
C GLU D 207 -1.10 31.47 -2.27
N SER D 208 -1.40 30.57 -1.34
CA SER D 208 -0.71 29.29 -1.28
C SER D 208 -1.53 28.34 -0.41
N MET D 209 -1.28 27.05 -0.60
CA MET D 209 -1.99 25.98 0.10
C MET D 209 -1.16 24.71 -0.06
N GLU D 210 -0.87 24.03 1.05
CA GLU D 210 -0.01 22.86 1.05
C GLU D 210 -0.81 21.57 1.02
N SER D 211 -0.18 20.50 0.52
CA SER D 211 -0.83 19.20 0.48
C SER D 211 0.20 18.13 0.17
N ASP D 212 0.05 16.94 0.77
CA ASP D 212 0.71 15.76 0.22
C ASP D 212 -0.34 15.04 -0.63
N GLY D 213 -0.02 13.84 -1.13
CA GLY D 213 -0.95 13.18 -2.04
C GLY D 213 -2.06 12.44 -1.34
N PHE D 214 -1.85 12.03 -0.09
CA PHE D 214 -2.94 11.48 0.69
C PHE D 214 -4.01 12.53 0.94
N GLN D 215 -3.58 13.71 1.43
CA GLN D 215 -4.51 14.82 1.64
C GLN D 215 -5.14 15.26 0.33
N ALA D 216 -4.36 15.22 -0.75
CA ALA D 216 -4.92 15.62 -2.05
C ALA D 216 -6.05 14.68 -2.47
N LYS D 217 -5.82 13.36 -2.32
CA LYS D 217 -6.89 12.39 -2.57
C LYS D 217 -8.10 12.67 -1.71
N ASP D 218 -7.90 13.00 -0.41
CA ASP D 218 -9.04 13.27 0.46
C ASP D 218 -9.92 14.39 -0.07
N PHE D 219 -9.34 15.34 -0.82
CA PHE D 219 -10.17 16.36 -1.46
C PHE D 219 -10.66 15.93 -2.85
N LEU D 220 -9.77 15.34 -3.65
CA LEU D 220 -10.14 14.91 -5.01
C LEU D 220 -11.32 13.95 -5.00
N GLU D 221 -11.40 13.06 -4.01
CA GLU D 221 -12.53 12.14 -3.97
C GLU D 221 -13.86 12.88 -3.83
N ILE D 222 -13.85 14.12 -3.38
CA ILE D 222 -15.04 14.97 -3.33
C ILE D 222 -15.13 15.88 -4.56
N LEU D 223 -14.02 16.55 -4.90
CA LEU D 223 -14.01 17.47 -6.04
C LEU D 223 -14.40 16.77 -7.34
N TYR D 224 -13.80 15.60 -7.59
CA TYR D 224 -13.96 14.98 -8.90
C TYR D 224 -15.41 14.66 -9.22
N PRO D 225 -16.15 13.89 -8.41
CA PRO D 225 -17.56 13.66 -8.77
C PRO D 225 -18.39 14.95 -8.75
N THR D 226 -18.04 15.91 -7.89
CA THR D 226 -18.78 17.17 -7.89
C THR D 226 -18.61 17.88 -9.23
N VAL D 227 -17.39 17.91 -9.75
CA VAL D 227 -17.14 18.51 -11.05
C VAL D 227 -17.92 17.79 -12.15
N LYS D 228 -17.85 16.46 -12.19
CA LYS D 228 -18.47 15.76 -13.32
C LYS D 228 -19.99 15.89 -13.30
N LYS D 229 -20.58 16.08 -12.12
CA LYS D 229 -22.03 16.29 -12.03
C LYS D 229 -22.44 17.58 -12.73
N ALA D 230 -21.65 18.63 -12.57
CA ALA D 230 -21.96 19.93 -13.16
C ALA D 230 -21.45 20.07 -14.59
N PHE D 231 -20.28 19.50 -14.86
CA PHE D 231 -19.58 19.69 -16.14
C PHE D 231 -18.95 18.37 -16.53
N PRO D 232 -19.68 17.50 -17.23
CA PRO D 232 -19.19 16.13 -17.46
C PRO D 232 -17.90 16.05 -18.24
N ASN D 233 -17.56 17.06 -19.03
CA ASN D 233 -16.37 17.04 -19.88
C ASN D 233 -15.25 17.92 -19.36
N LEU D 234 -15.38 18.45 -18.14
CA LEU D 234 -14.35 19.30 -17.57
C LEU D 234 -13.31 18.42 -16.89
N ASP D 235 -12.06 18.54 -17.33
CA ASP D 235 -10.99 17.74 -16.74
C ASP D 235 -10.52 18.36 -15.43
N VAL D 236 -10.05 17.48 -14.53
CA VAL D 236 -9.51 17.86 -13.23
C VAL D 236 -8.01 17.58 -13.22
N SER D 237 -7.21 18.53 -12.76
CA SER D 237 -5.76 18.41 -12.70
C SER D 237 -5.26 18.03 -11.31
N CYS D 238 -4.02 17.52 -11.27
CA CYS D 238 -3.27 17.36 -10.02
C CYS D 238 -1.79 17.38 -10.35
N CYS D 239 -1.01 18.17 -9.62
CA CYS D 239 -1.39 19.12 -8.59
C CYS D 239 -0.51 20.39 -8.67
N ASP D 240 0.07 20.65 -9.85
CA ASP D 240 0.90 21.85 -10.08
C ASP D 240 2.07 21.95 -9.10
N ALA D 241 2.76 20.83 -8.87
CA ALA D 241 3.91 20.87 -7.98
C ALA D 241 5.04 21.73 -8.58
N THR D 242 5.97 22.15 -7.72
CA THR D 242 7.05 23.06 -8.15
C THR D 242 8.01 22.42 -9.14
N GLY D 243 8.03 21.09 -9.23
CA GLY D 243 9.03 20.37 -10.01
C GLY D 243 8.48 19.00 -10.33
N ALA D 244 9.17 18.32 -11.24
CA ALA D 244 8.72 17.01 -11.70
C ALA D 244 8.77 15.97 -10.59
N ARG D 245 9.87 15.92 -9.82
CA ARG D 245 9.98 14.92 -8.76
C ARG D 245 8.89 15.13 -7.71
N GLN D 246 8.66 16.38 -7.32
CA GLN D 246 7.58 16.69 -6.38
C GLN D 246 6.23 16.23 -6.91
N GLU D 247 5.98 16.46 -8.19
CA GLU D 247 4.74 16.00 -8.79
C GLU D 247 4.64 14.47 -8.74
N ARG D 248 5.73 13.76 -9.10
CA ARG D 248 5.71 12.30 -9.03
C ARG D 248 5.38 11.82 -7.62
N ASN D 249 5.90 12.51 -6.60
CA ASN D 249 5.64 12.09 -5.23
C ASN D 249 4.17 12.23 -4.86
N ILE D 250 3.56 13.37 -5.22
CA ILE D 250 2.14 13.59 -4.94
C ILE D 250 1.31 12.60 -5.73
N LEU D 251 1.67 12.36 -7.01
CA LEU D 251 0.93 11.38 -7.81
C LEU D 251 1.01 9.99 -7.20
N TYR D 252 2.19 9.59 -6.73
CA TYR D 252 2.33 8.31 -6.06
C TYR D 252 1.38 8.24 -4.87
N GLU D 253 1.38 9.27 -4.04
CA GLU D 253 0.58 9.24 -2.83
C GLU D 253 -0.91 9.32 -3.13
N VAL D 254 -1.30 10.11 -4.14
CA VAL D 254 -2.72 10.12 -4.55
C VAL D 254 -3.17 8.71 -4.90
N GLN D 255 -2.36 7.99 -5.69
CA GLN D 255 -2.74 6.64 -6.11
C GLN D 255 -2.69 5.66 -4.95
N GLN D 256 -1.73 5.83 -4.05
CA GLN D 256 -1.65 4.96 -2.88
C GLN D 256 -2.85 5.17 -1.98
N ALA D 257 -3.38 6.39 -1.94
CA ALA D 257 -4.54 6.72 -1.11
C ALA D 257 -5.84 6.24 -1.72
N GLY D 258 -5.82 5.73 -2.95
CA GLY D 258 -7.01 5.24 -3.61
C GLY D 258 -7.61 6.17 -4.64
N GLY D 259 -6.86 7.19 -5.08
CA GLY D 259 -7.39 8.30 -5.85
C GLY D 259 -7.02 8.31 -7.32
N GLU D 260 -6.60 7.16 -7.87
CA GLU D 260 -6.17 7.10 -9.26
C GLU D 260 -7.19 7.69 -10.21
N HIS D 261 -8.48 7.49 -9.95
CA HIS D 261 -9.51 7.92 -10.88
C HIS D 261 -10.26 9.16 -10.41
N PHE D 262 -9.62 9.97 -9.56
CA PHE D 262 -10.18 11.25 -9.13
C PHE D 262 -9.41 12.43 -9.71
N PHE D 263 -8.67 12.24 -10.81
CA PHE D 263 -8.10 13.34 -11.55
C PHE D 263 -7.82 12.86 -12.97
N ASP D 264 -7.70 13.82 -13.90
CA ASP D 264 -7.60 13.51 -15.32
C ASP D 264 -6.26 13.86 -15.94
N VAL D 265 -5.59 14.88 -15.43
CA VAL D 265 -4.40 15.46 -16.06
C VAL D 265 -3.36 15.72 -14.99
N ALA D 266 -2.14 15.28 -15.22
CA ALA D 266 -1.02 15.58 -14.31
C ALA D 266 -0.43 16.93 -14.68
N THR D 267 -0.38 17.87 -13.72
CA THR D 267 0.21 19.18 -13.99
C THR D 267 1.42 19.42 -13.08
N TRP D 268 2.40 20.13 -13.62
CA TRP D 268 3.68 20.26 -12.91
C TRP D 268 4.39 21.51 -13.43
N HIS D 269 5.25 22.07 -12.58
CA HIS D 269 6.08 23.23 -12.92
C HIS D 269 7.53 22.79 -13.08
N ASN D 270 8.32 23.61 -13.80
CA ASN D 270 9.69 23.24 -14.13
C ASN D 270 10.73 23.93 -13.24
N TYR D 271 10.34 24.48 -12.09
CA TYR D 271 11.27 25.30 -11.30
C TYR D 271 12.23 24.47 -10.46
N GLN D 272 11.76 23.36 -9.87
CA GLN D 272 12.49 22.74 -8.78
C GLN D 272 12.82 21.28 -9.04
N SER D 273 12.73 20.84 -10.30
CA SER D 273 13.16 19.52 -10.75
C SER D 273 12.65 19.38 -12.18
N SER D 274 13.54 19.04 -13.12
CA SER D 274 13.08 18.83 -14.49
C SER D 274 13.24 17.38 -14.89
N PRO D 275 12.27 16.83 -15.63
CA PRO D 275 12.30 15.40 -15.95
C PRO D 275 13.12 15.09 -17.19
N GLU D 276 13.57 13.85 -17.25
CA GLU D 276 14.04 13.21 -18.47
C GLU D 276 13.32 11.87 -18.68
N ARG D 277 12.24 11.64 -17.96
CA ARG D 277 11.50 10.39 -17.91
C ARG D 277 10.02 10.67 -17.77
N PRO D 278 9.15 9.73 -18.16
CA PRO D 278 7.71 9.98 -18.06
C PRO D 278 7.25 10.10 -16.61
N PHE D 279 5.99 10.46 -16.47
CA PHE D 279 5.38 10.54 -15.15
C PHE D 279 4.73 9.21 -14.76
N ASN D 280 4.50 9.05 -13.46
CA ASN D 280 4.06 7.78 -12.90
C ASN D 280 2.52 7.73 -12.83
N VAL D 281 1.93 7.94 -14.01
CA VAL D 281 0.51 7.80 -14.24
C VAL D 281 0.32 7.02 -15.53
N VAL D 282 -0.74 6.23 -15.60
CA VAL D 282 -1.06 5.46 -16.79
C VAL D 282 -2.35 6.01 -17.40
N GLY D 283 -2.29 6.33 -18.69
CA GLY D 283 -3.48 6.78 -19.38
C GLY D 283 -3.95 8.17 -19.03
N LYS D 284 -3.06 9.02 -18.50
CA LYS D 284 -3.35 10.42 -18.25
C LYS D 284 -2.28 11.28 -18.91
N PRO D 285 -2.68 12.37 -19.54
CA PRO D 285 -1.72 13.33 -20.07
C PRO D 285 -1.11 14.17 -18.96
N ASN D 286 -0.02 14.84 -19.30
CA ASN D 286 0.59 15.79 -18.39
C ASN D 286 0.86 17.10 -19.11
N ILE D 287 0.78 18.20 -18.36
CA ILE D 287 1.04 19.54 -18.87
C ILE D 287 2.03 20.22 -17.94
N MET D 288 3.08 20.82 -18.50
CA MET D 288 3.99 21.66 -17.73
C MET D 288 3.33 23.03 -17.71
N THR D 289 2.71 23.38 -16.58
CA THR D 289 1.77 24.48 -16.51
C THR D 289 2.38 25.81 -16.08
N GLU D 290 3.67 25.85 -15.73
CA GLU D 290 4.31 27.13 -15.40
C GLU D 290 5.82 27.04 -15.33
N TRP D 291 6.49 27.95 -16.02
CA TRP D 291 7.94 28.12 -15.87
C TRP D 291 8.31 29.47 -16.46
N ALA D 292 9.42 30.01 -15.99
CA ALA D 292 9.96 31.26 -16.50
C ALA D 292 11.33 31.47 -15.91
N ASP D 293 12.07 32.38 -16.51
CA ASP D 293 13.27 32.94 -15.89
C ASP D 293 12.83 33.90 -14.79
N GLY D 294 12.80 33.40 -13.55
CA GLY D 294 12.21 34.17 -12.47
C GLY D 294 13.05 35.30 -11.93
N SER D 295 14.35 35.32 -12.23
CA SER D 295 15.26 36.26 -11.58
C SER D 295 16.06 37.14 -12.52
N GLY D 296 16.22 36.76 -13.79
CA GLY D 296 17.04 37.51 -14.71
C GLY D 296 16.35 38.73 -15.29
N PRO D 297 17.14 39.62 -15.88
CA PRO D 297 16.56 40.77 -16.59
C PRO D 297 15.66 40.35 -17.75
N TRP D 298 14.81 41.28 -18.19
CA TRP D 298 14.08 41.10 -19.45
C TRP D 298 15.04 40.70 -20.57
N ASN D 299 14.65 39.71 -21.36
CA ASN D 299 15.51 39.13 -22.37
C ASN D 299 14.72 38.72 -23.60
N THR D 300 15.23 39.07 -24.77
CA THR D 300 14.61 38.70 -26.04
C THR D 300 15.46 37.83 -26.95
N THR D 301 16.73 37.61 -26.64
CA THR D 301 17.63 37.00 -27.63
C THR D 301 17.28 35.53 -27.87
N TRP D 302 17.64 35.06 -29.07
CA TRP D 302 17.44 33.67 -29.47
C TRP D 302 18.63 32.80 -29.08
N ASP D 303 19.83 33.15 -29.55
CA ASP D 303 21.04 32.40 -29.20
C ASP D 303 22.23 33.36 -29.28
N VAL D 304 22.39 34.17 -28.23
CA VAL D 304 23.51 35.06 -28.10
C VAL D 304 24.39 34.65 -26.92
N SER D 305 23.78 34.26 -25.82
CA SER D 305 24.51 33.94 -24.59
C SER D 305 24.54 32.45 -24.27
N GLY D 306 23.54 31.68 -24.70
CA GLY D 306 23.37 30.34 -24.21
C GLY D 306 22.69 30.24 -22.86
N GLN D 307 22.18 31.34 -22.33
CA GLN D 307 21.53 31.34 -21.03
C GLN D 307 20.11 30.79 -21.12
N LEU D 308 19.60 30.27 -20.00
CA LEU D 308 18.33 29.54 -20.02
C LEU D 308 17.15 30.41 -20.45
N ALA D 309 17.29 31.74 -20.41
CA ALA D 309 16.18 32.61 -20.81
C ALA D 309 16.00 32.68 -22.32
N GLU D 310 16.98 32.27 -23.11
CA GLU D 310 16.88 32.53 -24.55
C GLU D 310 15.95 31.57 -25.27
N GLY D 311 15.50 32.03 -26.44
CA GLY D 311 14.52 31.25 -27.21
C GLY D 311 15.02 29.89 -27.63
N LEU D 312 16.26 29.80 -28.11
CA LEU D 312 16.74 28.48 -28.52
C LEU D 312 16.73 27.51 -27.34
N GLN D 313 17.08 27.99 -26.15
CA GLN D 313 17.05 27.09 -25.00
C GLN D 313 15.62 26.63 -24.71
N TRP D 314 14.63 27.52 -24.86
CA TRP D 314 13.25 27.11 -24.61
C TRP D 314 12.77 26.09 -25.65
N ALA D 315 13.21 26.22 -26.90
CA ALA D 315 12.84 25.18 -27.87
C ALA D 315 13.40 23.83 -27.45
N LEU D 316 14.61 23.84 -26.89
CA LEU D 316 15.24 22.60 -26.44
C LEU D 316 14.56 22.06 -25.19
N TYR D 317 14.18 22.94 -24.27
CA TYR D 317 13.45 22.49 -23.07
C TYR D 317 12.12 21.84 -23.44
N MET D 318 11.43 22.43 -24.40
CA MET D 318 10.15 21.90 -24.86
C MET D 318 10.34 20.58 -25.57
N HIS D 319 11.35 20.50 -26.45
CA HIS D 319 11.68 19.22 -27.06
C HIS D 319 11.87 18.13 -26.00
N ASN D 320 12.60 18.46 -24.92
CA ASN D 320 12.83 17.45 -23.89
C ASN D 320 11.53 17.01 -23.25
N ALA D 321 10.67 17.97 -22.88
CA ALA D 321 9.39 17.59 -22.24
C ALA D 321 8.54 16.76 -23.20
N PHE D 322 8.44 17.20 -24.46
CA PHE D 322 7.52 16.52 -25.37
C PHE D 322 8.03 15.13 -25.75
N THR D 323 9.35 14.93 -25.85
CA THR D 323 9.81 13.62 -26.30
C THR D 323 10.24 12.69 -25.17
N ASN D 324 10.62 13.23 -24.01
CA ASN D 324 11.10 12.36 -22.94
C ASN D 324 10.14 12.24 -21.78
N SER D 325 9.18 13.16 -21.61
CA SER D 325 8.15 12.95 -20.60
C SER D 325 6.75 12.91 -21.22
N ASP D 326 6.65 12.81 -22.55
CA ASP D 326 5.38 12.75 -23.28
C ASP D 326 4.40 13.85 -22.84
N THR D 327 4.95 15.04 -22.61
CA THR D 327 4.18 16.20 -22.18
C THR D 327 3.35 16.76 -23.33
N SER D 328 2.08 17.10 -23.02
CA SER D 328 1.11 17.56 -24.01
C SER D 328 0.99 19.08 -24.11
N GLY D 329 1.49 19.84 -23.14
CA GLY D 329 1.37 21.28 -23.20
C GLY D 329 2.44 21.91 -22.36
N TYR D 330 2.65 23.21 -22.58
CA TYR D 330 3.80 23.92 -22.00
C TYR D 330 3.43 25.37 -21.81
N ASN D 331 3.58 25.89 -20.60
CA ASN D 331 3.17 27.26 -20.25
C ASN D 331 4.35 28.09 -19.77
N HIS D 332 4.53 29.27 -20.36
CA HIS D 332 5.27 30.32 -19.66
C HIS D 332 4.50 30.71 -18.39
N TRP D 333 5.16 31.46 -17.53
CA TRP D 333 4.45 31.98 -16.36
C TRP D 333 3.46 33.06 -16.77
N TRP D 334 3.91 34.31 -16.91
CA TRP D 334 3.01 35.38 -17.33
C TRP D 334 3.03 35.60 -18.85
N CYS D 335 1.87 36.03 -19.38
CA CYS D 335 1.77 36.39 -20.80
C CYS D 335 2.51 37.69 -21.08
N ALA D 336 2.08 38.79 -20.46
CA ALA D 336 2.57 40.09 -20.86
C ALA D 336 2.48 41.08 -19.70
N GLY D 337 3.45 41.99 -19.65
CA GLY D 337 3.41 43.05 -18.65
C GLY D 337 4.80 43.33 -18.12
N GLY D 338 4.89 43.68 -16.85
CA GLY D 338 6.16 43.89 -16.19
C GLY D 338 6.73 42.61 -15.63
N GLY D 339 7.45 42.74 -14.52
CA GLY D 339 8.04 41.57 -13.90
C GLY D 339 9.24 41.00 -14.64
N ALA D 340 10.05 41.87 -15.26
CA ALA D 340 11.30 41.52 -15.93
C ALA D 340 11.13 40.37 -16.91
N ASP D 341 11.82 39.26 -16.69
CA ASP D 341 11.81 38.14 -17.64
C ASP D 341 10.72 37.11 -17.36
N ASN D 342 9.76 37.42 -16.48
CA ASN D 342 8.68 36.48 -16.17
C ASN D 342 7.56 36.49 -17.21
N VAL D 343 7.64 37.33 -18.24
CA VAL D 343 6.60 37.45 -19.26
C VAL D 343 7.17 37.02 -20.62
N LEU D 344 6.27 36.72 -21.57
CA LEU D 344 6.67 36.54 -22.96
C LEU D 344 6.76 37.86 -23.72
N ILE D 345 5.96 38.84 -23.35
CA ILE D 345 5.94 40.16 -23.97
C ILE D 345 6.05 41.20 -22.85
N SER D 346 7.12 41.98 -22.87
CA SER D 346 7.31 43.06 -21.90
C SER D 346 6.62 44.35 -22.34
N ILE D 347 5.87 44.96 -21.43
CA ILE D 347 5.14 46.21 -21.70
C ILE D 347 5.67 47.28 -20.78
N THR D 348 6.03 48.43 -21.35
CA THR D 348 6.33 49.64 -20.58
C THR D 348 5.61 50.80 -21.22
N GLY D 349 4.66 51.39 -20.48
CA GLY D 349 3.88 52.48 -21.06
C GLY D 349 3.21 52.00 -22.33
N ASN D 350 3.29 52.81 -23.40
CA ASN D 350 2.70 52.42 -24.67
C ASN D 350 3.70 51.74 -25.60
N SER D 351 4.55 50.86 -25.08
CA SER D 351 5.49 50.14 -25.93
C SER D 351 5.56 48.70 -25.46
N TYR D 352 5.97 47.81 -26.36
CA TYR D 352 6.08 46.40 -25.99
C TYR D 352 7.22 45.75 -26.79
N GLU D 353 7.82 44.73 -26.18
CA GLU D 353 8.86 43.93 -26.79
C GLU D 353 8.50 42.46 -26.64
N VAL D 354 8.79 41.68 -27.67
CA VAL D 354 8.46 40.26 -27.70
C VAL D 354 9.74 39.46 -27.52
N SER D 355 9.74 38.53 -26.56
CA SER D 355 10.90 37.64 -26.43
C SER D 355 10.86 36.57 -27.51
N SER D 356 12.03 36.19 -28.00
CA SER D 356 12.09 35.11 -28.97
C SER D 356 11.75 33.75 -28.36
N ARG D 357 11.55 33.69 -27.04
CA ARG D 357 10.91 32.50 -26.49
C ARG D 357 9.58 32.24 -27.17
N LEU D 358 8.85 33.29 -27.56
CA LEU D 358 7.57 33.09 -28.22
C LEU D 358 7.74 32.39 -29.57
N TRP D 359 8.88 32.60 -30.23
CA TRP D 359 9.10 31.90 -31.49
C TRP D 359 9.50 30.46 -31.29
N ALA D 360 10.09 30.10 -30.13
CA ALA D 360 10.21 28.69 -29.78
C ALA D 360 8.83 28.07 -29.58
N PHE D 361 7.95 28.75 -28.83
CA PHE D 361 6.59 28.27 -28.68
C PHE D 361 5.93 28.10 -30.05
N ALA D 362 6.06 29.12 -30.90
CA ALA D 362 5.38 29.07 -32.19
C ALA D 362 5.96 27.95 -33.07
N SER D 363 7.26 27.72 -32.99
CA SER D 363 7.86 26.65 -33.80
C SER D 363 7.18 25.32 -33.52
N TYR D 364 6.69 25.12 -32.29
CA TYR D 364 5.90 23.94 -31.99
C TYR D 364 4.42 24.14 -32.34
N PHE D 365 3.81 25.20 -31.82
CA PHE D 365 2.36 25.24 -31.70
C PHE D 365 1.66 26.04 -32.79
N ARG D 366 2.39 26.81 -33.59
CA ARG D 366 1.79 27.36 -34.81
C ARG D 366 1.37 26.23 -35.76
N PHE D 367 2.05 25.10 -35.68
CA PHE D 367 1.85 23.99 -36.62
C PHE D 367 1.22 22.77 -35.98
N ALA D 368 1.61 22.41 -34.76
CA ALA D 368 1.00 21.30 -34.04
C ALA D 368 -0.17 21.86 -33.23
N ARG D 369 -1.36 21.80 -33.80
CA ARG D 369 -2.52 22.44 -33.21
C ARG D 369 -3.15 21.53 -32.16
N PRO D 370 -4.08 22.04 -31.37
CA PRO D 370 -4.77 21.17 -30.39
C PRO D 370 -5.32 19.93 -31.07
N GLY D 371 -5.11 18.78 -30.42
CA GLY D 371 -5.57 17.52 -30.97
C GLY D 371 -4.58 16.83 -31.89
N SER D 372 -3.49 17.50 -32.25
CA SER D 372 -2.44 16.81 -32.97
C SER D 372 -1.83 15.73 -32.08
N VAL D 373 -1.23 14.73 -32.71
CA VAL D 373 -0.65 13.59 -32.02
C VAL D 373 0.83 13.53 -32.34
N ARG D 374 1.66 13.44 -31.30
CA ARG D 374 3.08 13.29 -31.54
C ARG D 374 3.37 11.92 -32.16
N ILE D 375 4.21 11.90 -33.19
CA ILE D 375 4.52 10.67 -33.88
C ILE D 375 6.03 10.41 -33.84
N GLY D 376 6.39 9.20 -34.26
CA GLY D 376 7.78 8.78 -34.14
C GLY D 376 8.71 9.67 -34.96
N ALA D 377 9.85 10.03 -34.36
CA ALA D 377 10.87 10.76 -35.10
C ALA D 377 12.21 10.50 -34.45
N THR D 378 13.18 10.06 -35.25
CA THR D 378 14.51 9.79 -34.73
C THR D 378 15.56 10.53 -35.56
N SER D 379 16.66 10.83 -34.91
CA SER D 379 17.80 11.50 -35.53
C SER D 379 19.07 10.72 -35.25
N SER D 380 19.92 10.59 -36.27
CA SER D 380 21.20 9.90 -36.15
C SER D 380 22.26 10.74 -35.44
N VAL D 381 21.95 11.98 -35.07
CA VAL D 381 22.92 12.88 -34.50
C VAL D 381 22.37 13.44 -33.18
N GLU D 382 23.14 13.28 -32.10
CA GLU D 382 22.61 13.53 -30.76
C GLU D 382 22.03 14.94 -30.62
N ASN D 383 22.73 15.95 -31.13
CA ASN D 383 22.29 17.32 -30.89
C ASN D 383 21.68 17.94 -32.14
N VAL D 384 21.23 17.10 -33.07
CA VAL D 384 20.22 17.51 -34.06
C VAL D 384 18.93 16.87 -33.58
N TYR D 385 18.10 17.66 -32.93
CA TYR D 385 16.92 17.15 -32.27
C TYR D 385 15.74 17.16 -33.22
N VAL D 386 14.84 16.20 -33.05
CA VAL D 386 13.65 16.19 -33.90
C VAL D 386 12.47 15.64 -33.12
N SER D 387 11.29 16.20 -33.41
CA SER D 387 10.01 15.62 -33.03
C SER D 387 9.07 15.87 -34.18
N ALA D 388 7.89 15.25 -34.14
CA ALA D 388 6.96 15.37 -35.26
C ALA D 388 5.54 15.18 -34.73
N TYR D 389 4.61 15.87 -35.38
CA TYR D 389 3.23 15.94 -34.89
C TYR D 389 2.29 15.86 -36.09
N GLU D 390 1.25 15.07 -35.95
CA GLU D 390 0.23 14.92 -36.99
C GLU D 390 -1.06 15.55 -36.50
N ASN D 391 -1.52 16.60 -37.20
CA ASN D 391 -2.79 17.20 -36.88
C ASN D 391 -3.96 16.27 -37.21
N LYS D 392 -5.12 16.59 -36.64
CA LYS D 392 -6.34 15.84 -36.91
C LYS D 392 -6.61 15.71 -38.39
N ASN D 393 -6.32 16.74 -39.16
CA ASN D 393 -6.64 16.75 -40.58
C ASN D 393 -5.52 16.17 -41.45
N GLY D 394 -4.47 15.62 -40.83
CA GLY D 394 -3.45 14.88 -41.53
C GLY D 394 -2.20 15.67 -41.88
N THR D 395 -2.23 17.01 -41.77
CA THR D 395 -0.99 17.75 -41.98
C THR D 395 0.01 17.38 -40.88
N VAL D 396 1.30 17.51 -41.21
CA VAL D 396 2.36 17.06 -40.32
C VAL D 396 3.38 18.19 -40.12
N SER D 397 3.84 18.35 -38.88
CA SER D 397 4.91 19.29 -38.54
C SER D 397 6.12 18.53 -38.02
N ILE D 398 7.30 18.88 -38.52
CA ILE D 398 8.56 18.28 -38.09
C ILE D 398 9.53 19.37 -37.66
N PRO D 399 9.48 19.80 -36.39
CA PRO D 399 10.45 20.80 -35.91
C PRO D 399 11.80 20.16 -35.60
N VAL D 400 12.82 20.54 -36.37
CA VAL D 400 14.19 20.05 -36.21
C VAL D 400 14.99 21.15 -35.54
N ILE D 401 15.74 20.79 -34.50
CA ILE D 401 16.58 21.75 -33.78
C ILE D 401 18.03 21.39 -34.03
N ASN D 402 18.73 22.22 -34.79
CA ASN D 402 20.18 22.10 -34.93
C ASN D 402 20.81 22.84 -33.76
N ALA D 403 21.13 22.12 -32.71
CA ALA D 403 21.82 22.70 -31.56
C ALA D 403 23.34 22.78 -31.77
N ALA D 404 23.84 22.37 -32.94
CA ALA D 404 25.25 22.49 -33.23
C ALA D 404 25.57 23.90 -33.73
N HIS D 405 26.86 24.23 -33.75
CA HIS D 405 27.34 25.56 -34.13
C HIS D 405 27.84 25.61 -35.58
N PHE D 406 27.32 24.75 -36.43
CA PHE D 406 27.64 24.70 -37.85
C PHE D 406 26.46 24.02 -38.56
N PRO D 407 26.32 24.18 -39.88
CA PRO D 407 25.13 23.65 -40.56
C PRO D 407 25.13 22.14 -40.67
N TYR D 408 23.92 21.57 -40.64
CA TYR D 408 23.70 20.15 -40.85
C TYR D 408 22.85 19.94 -42.09
N GLU D 409 23.35 19.08 -42.98
CA GLU D 409 22.58 18.57 -44.11
C GLU D 409 21.75 17.39 -43.64
N VAL D 410 20.44 17.58 -43.51
CA VAL D 410 19.55 16.54 -43.01
C VAL D 410 18.88 15.84 -44.19
N THR D 411 18.68 14.54 -44.04
CA THR D 411 17.84 13.74 -44.91
C THR D 411 16.73 13.17 -44.05
N ILE D 412 15.48 13.46 -44.40
CA ILE D 412 14.33 13.03 -43.62
C ILE D 412 13.57 11.98 -44.42
N ASP D 413 13.47 10.79 -43.88
CA ASP D 413 12.70 9.71 -44.50
C ASP D 413 11.31 9.70 -43.89
N LEU D 414 10.28 9.69 -44.73
CA LEU D 414 8.91 9.77 -44.27
C LEU D 414 8.23 8.42 -44.43
N GLN D 415 7.61 7.94 -43.36
CA GLN D 415 6.92 6.65 -43.34
C GLN D 415 5.48 6.89 -42.90
N GLY D 416 4.54 6.35 -43.66
CA GLY D 416 3.13 6.54 -43.37
C GLY D 416 2.59 7.90 -43.74
N LEU D 417 3.26 8.60 -44.65
CA LEU D 417 2.88 9.95 -45.08
C LEU D 417 2.93 10.09 -46.60
N LYS D 418 2.55 9.05 -47.35
CA LYS D 418 2.59 9.19 -48.80
C LYS D 418 1.41 9.97 -49.36
N ALA D 419 0.48 10.41 -48.53
CA ALA D 419 -0.61 11.27 -48.97
C ALA D 419 -0.26 12.75 -48.87
N ARG D 420 0.93 13.09 -48.37
CA ARG D 420 1.37 14.48 -48.32
C ARG D 420 1.93 14.92 -49.68
N LYS D 421 1.53 16.11 -50.13
CA LYS D 421 1.84 16.61 -51.46
C LYS D 421 2.78 17.81 -51.49
N ARG D 422 2.93 18.53 -50.40
CA ARG D 422 3.65 19.79 -50.37
C ARG D 422 4.41 19.94 -49.07
N VAL D 423 5.53 20.65 -49.12
CA VAL D 423 6.35 20.90 -47.94
C VAL D 423 6.73 22.38 -47.89
N SER D 424 6.52 22.99 -46.73
CA SER D 424 6.94 24.37 -46.48
C SER D 424 7.96 24.34 -45.35
N THR D 425 9.04 25.11 -45.51
CA THR D 425 10.13 25.14 -44.54
C THR D 425 10.15 26.50 -43.86
N PHE D 426 10.13 26.48 -42.52
CA PHE D 426 10.17 27.68 -41.70
C PHE D 426 11.43 27.68 -40.86
N LEU D 427 11.96 28.86 -40.57
CA LEU D 427 13.26 28.97 -39.90
C LEU D 427 13.20 29.99 -38.78
N THR D 428 13.73 29.62 -37.61
CA THR D 428 13.93 30.56 -36.53
C THR D 428 15.37 30.47 -36.08
N ASP D 429 16.05 31.62 -36.05
CA ASP D 429 17.40 31.72 -35.53
C ASP D 429 17.63 33.19 -35.19
N ASN D 430 18.88 33.61 -35.03
CA ASN D 430 19.13 34.97 -34.60
C ASN D 430 18.61 36.02 -35.58
N SER D 431 18.37 35.63 -36.84
CA SER D 431 17.91 36.59 -37.84
C SER D 431 16.58 36.19 -38.49
N HIS D 432 15.86 35.22 -37.92
CA HIS D 432 14.61 34.78 -38.51
C HIS D 432 13.62 34.45 -37.41
N ASN D 433 12.38 34.92 -37.56
CA ASN D 433 11.28 34.63 -36.62
C ASN D 433 10.23 33.78 -37.33
N VAL D 434 10.40 32.45 -37.30
CA VAL D 434 9.51 31.52 -37.99
C VAL D 434 9.28 32.04 -39.40
N THR D 435 10.37 32.31 -40.12
CA THR D 435 10.30 32.86 -41.46
C THR D 435 10.08 31.74 -42.49
N LEU D 436 9.21 32.00 -43.46
CA LEU D 436 8.99 31.04 -44.54
C LEU D 436 10.17 31.09 -45.50
N MET D 437 10.92 29.98 -45.61
CA MET D 437 12.12 29.93 -46.42
C MET D 437 11.92 29.29 -47.79
N ASP D 438 11.01 28.32 -47.89
CA ASP D 438 10.85 27.55 -49.12
C ASP D 438 9.49 26.87 -49.10
N GLN D 439 8.95 26.64 -50.30
CA GLN D 439 7.78 25.79 -50.48
C GLN D 439 7.99 24.97 -51.75
N SER D 440 7.74 23.67 -51.66
CA SER D 440 8.00 22.78 -52.79
C SER D 440 7.01 21.63 -52.78
N GLU D 441 7.00 20.88 -53.88
CA GLU D 441 6.26 19.63 -53.97
C GLU D 441 7.12 18.49 -53.42
N LEU D 442 6.48 17.53 -52.78
CA LEU D 442 7.12 16.26 -52.47
C LEU D 442 7.12 15.37 -53.71
N HIS D 443 8.31 15.00 -54.18
CA HIS D 443 8.46 14.10 -55.32
C HIS D 443 8.61 12.64 -54.89
N GLY D 444 8.66 12.38 -53.59
CA GLY D 444 8.82 11.05 -53.05
C GLY D 444 8.62 11.08 -51.54
N SER D 445 9.30 10.19 -50.83
CA SER D 445 9.17 10.11 -49.37
C SER D 445 10.40 10.63 -48.64
N VAL D 446 11.26 11.38 -49.33
CA VAL D 446 12.50 11.87 -48.74
C VAL D 446 12.54 13.39 -48.85
N LEU D 447 12.84 14.07 -47.74
CA LEU D 447 13.16 15.49 -47.73
C LEU D 447 14.65 15.68 -47.48
N LYS D 448 15.24 16.65 -48.16
CA LYS D 448 16.64 17.02 -47.94
C LYS D 448 16.72 18.53 -47.76
N ALA D 449 17.43 18.98 -46.73
CA ALA D 449 17.57 20.40 -46.47
C ALA D 449 18.83 20.62 -45.66
N THR D 450 19.36 21.84 -45.73
CA THR D 450 20.44 22.27 -44.84
C THR D 450 19.84 23.12 -43.72
N VAL D 451 19.99 22.67 -42.48
CA VAL D 451 19.48 23.40 -41.32
C VAL D 451 20.61 24.28 -40.79
N PRO D 452 20.41 25.60 -40.70
CA PRO D 452 21.47 26.50 -40.24
C PRO D 452 21.82 26.23 -38.78
N PRO D 453 22.99 26.70 -38.33
CA PRO D 453 23.40 26.42 -36.95
C PRO D 453 22.48 27.09 -35.95
N ARG D 454 22.27 26.41 -34.81
CA ARG D 454 21.63 27.00 -33.62
C ARG D 454 20.24 27.51 -33.97
N ALA D 455 19.47 26.67 -34.64
CA ALA D 455 18.21 27.09 -35.25
C ALA D 455 17.15 26.03 -35.07
N VAL D 456 15.89 26.46 -35.17
CA VAL D 456 14.78 25.54 -35.29
C VAL D 456 14.21 25.70 -36.70
N GLN D 457 14.20 24.61 -37.45
CA GLN D 457 13.67 24.58 -38.80
C GLN D 457 12.47 23.64 -38.82
N VAL D 458 11.29 24.17 -39.17
CA VAL D 458 10.07 23.36 -39.16
C VAL D 458 9.74 22.97 -40.60
N PHE D 459 9.55 21.68 -40.83
CA PHE D 459 9.06 21.18 -42.11
C PHE D 459 7.55 20.94 -41.99
N TRP D 460 6.77 21.68 -42.77
CA TRP D 460 5.31 21.69 -42.68
C TRP D 460 4.77 20.96 -43.89
N LEU D 461 4.14 19.81 -43.66
CA LEU D 461 3.76 18.88 -44.72
C LEU D 461 2.25 18.94 -44.94
N GLU D 462 1.85 19.23 -46.18
CA GLU D 462 0.44 19.26 -46.52
C GLU D 462 0.16 18.30 -47.66
C1 NAG E . -10.62 -29.04 -20.57
C2 NAG E . -11.29 -28.88 -21.96
C3 NAG E . -12.38 -27.82 -21.90
C4 NAG E . -13.36 -28.13 -20.77
C5 NAG E . -12.59 -28.21 -19.45
C6 NAG E . -13.45 -28.48 -18.23
C7 NAG E . -9.61 -29.47 -23.64
C8 NAG E . -8.64 -28.94 -24.66
N2 NAG E . -10.31 -28.55 -22.97
O3 NAG E . -13.08 -27.76 -23.13
O4 NAG E . -14.36 -27.11 -20.75
O5 NAG E . -11.63 -29.26 -19.56
O6 NAG E . -14.16 -29.72 -18.36
O7 NAG E . -9.76 -30.67 -23.44
C1 NAG E . -15.68 -27.65 -20.60
C2 NAG E . -16.68 -26.51 -20.78
C3 NAG E . -18.11 -27.04 -20.67
C4 NAG E . -18.32 -28.28 -21.53
C5 NAG E . -17.21 -29.30 -21.30
C6 NAG E . -17.29 -30.53 -22.18
C7 NAG E . -16.00 -24.23 -20.12
C8 NAG E . -15.87 -23.27 -18.98
N2 NAG E . -16.46 -25.45 -19.80
O3 NAG E . -19.01 -25.99 -21.05
O4 NAG E . -19.56 -28.88 -21.14
O5 NAG E . -15.94 -28.68 -21.55
O6 NAG E . -17.36 -30.16 -23.55
O7 NAG E . -15.72 -23.92 -21.28
C1 BMA E . -20.46 -29.05 -22.24
C2 BMA E . -21.23 -30.34 -21.91
C3 BMA E . -22.31 -30.58 -22.94
C4 BMA E . -23.16 -29.34 -23.16
C5 BMA E . -22.30 -28.13 -23.49
C6 BMA E . -23.13 -26.89 -23.59
O2 BMA E . -21.91 -30.20 -20.63
O3 BMA E . -23.19 -31.60 -22.51
O4 BMA E . -24.10 -29.59 -24.22
O5 BMA E . -21.33 -27.94 -22.41
O6 BMA E . -22.29 -25.91 -24.13
C1 MAN E . -22.82 -32.88 -23.03
C2 MAN E . -24.13 -33.69 -23.11
C3 MAN E . -24.65 -33.91 -21.70
C4 MAN E . -23.57 -34.67 -20.89
C5 MAN E . -22.30 -33.82 -20.84
C6 MAN E . -21.14 -34.49 -20.08
O2 MAN E . -23.86 -34.98 -23.60
O3 MAN E . -25.86 -34.63 -21.68
O4 MAN E . -24.06 -34.93 -19.57
O5 MAN E . -21.85 -33.53 -22.21
O6 MAN E . -19.95 -33.76 -20.30
C1 MAN E . -24.11 -35.03 -25.02
C2 MAN E . -24.39 -36.50 -25.36
C3 MAN E . -23.15 -37.32 -24.99
C4 MAN E . -21.90 -36.77 -25.73
C5 MAN E . -21.73 -35.25 -25.46
C6 MAN E . -20.67 -34.60 -26.32
O2 MAN E . -24.55 -36.68 -26.78
O3 MAN E . -23.33 -38.72 -25.23
O4 MAN E . -20.75 -37.44 -25.27
O5 MAN E . -22.99 -34.54 -25.74
O6 MAN E . -21.00 -33.21 -26.44
C1 MAN E . -25.94 -36.56 -27.15
C2 MAN E . -26.15 -37.27 -28.51
C3 MAN E . -25.44 -36.47 -29.63
C4 MAN E . -25.83 -34.98 -29.60
C5 MAN E . -25.55 -34.41 -28.20
C6 MAN E . -25.94 -32.96 -28.04
O2 MAN E . -27.55 -37.33 -28.86
O3 MAN E . -25.69 -37.02 -30.92
O4 MAN E . -25.06 -34.26 -30.56
O5 MAN E . -26.31 -35.19 -27.23
O6 MAN E . -25.27 -32.45 -26.87
C1 MAN E . -23.13 -24.77 -24.37
C2 MAN E . -22.39 -23.90 -25.39
C3 MAN E . -21.11 -23.36 -24.75
C4 MAN E . -21.37 -22.68 -23.38
C5 MAN E . -22.19 -23.58 -22.47
C6 MAN E . -22.70 -22.80 -21.28
O2 MAN E . -23.17 -22.75 -25.72
O3 MAN E . -20.53 -22.40 -25.62
O4 MAN E . -20.14 -22.38 -22.72
O5 MAN E . -23.37 -24.04 -23.18
O6 MAN E . -23.35 -21.66 -21.82
C1 MAN E . -19.12 -22.63 -25.77
C2 MAN E . -18.56 -21.31 -26.35
C3 MAN E . -19.06 -21.13 -27.80
C4 MAN E . -18.74 -22.37 -28.64
C5 MAN E . -19.37 -23.59 -27.97
C6 MAN E . -19.12 -24.88 -28.73
O2 MAN E . -17.17 -21.41 -26.43
O3 MAN E . -18.53 -19.95 -28.43
O4 MAN E . -19.30 -22.24 -29.95
O5 MAN E . -18.83 -23.72 -26.61
O6 MAN E . -20.14 -25.81 -28.33
C1 MAN E . -16.57 -20.16 -25.95
C2 MAN E . -15.05 -20.41 -25.95
C3 MAN E . -14.64 -21.25 -24.72
C4 MAN E . -15.23 -20.68 -23.38
C5 MAN E . -16.74 -20.58 -23.51
C6 MAN E . -17.44 -20.01 -22.27
O2 MAN E . -14.32 -19.17 -25.90
O3 MAN E . -13.22 -21.40 -24.63
O4 MAN E . -14.91 -21.54 -22.28
O5 MAN E . -17.07 -19.73 -24.64
O6 MAN E . -18.85 -19.95 -22.57
C1 MAN E . -23.85 -20.80 -20.78
C2 MAN E . -24.88 -19.90 -21.43
C3 MAN E . -24.19 -19.05 -22.48
C4 MAN E . -23.04 -18.24 -21.82
C5 MAN E . -22.05 -19.20 -21.13
C6 MAN E . -20.96 -18.47 -20.33
O2 MAN E . -25.42 -18.94 -20.51
O3 MAN E . -25.11 -18.18 -23.12
O4 MAN E . -22.35 -17.46 -22.79
O5 MAN E . -22.77 -20.05 -20.19
O6 MAN E . -21.60 -17.61 -19.36
C1 MAN E . -26.63 -19.39 -19.86
C2 MAN E . -27.24 -18.15 -19.20
C3 MAN E . -26.32 -17.65 -18.10
C4 MAN E . -26.04 -18.77 -17.07
C5 MAN E . -25.48 -20.00 -17.78
C6 MAN E . -25.33 -21.21 -16.87
O2 MAN E . -28.46 -18.48 -18.57
O3 MAN E . -26.84 -16.51 -17.44
O4 MAN E . -25.11 -18.29 -16.08
O5 MAN E . -26.37 -20.40 -18.89
O6 MAN E . -24.66 -22.23 -17.58
C1 NAG F . -29.00 -14.93 -9.92
C2 NAG F . -30.33 -14.75 -10.62
C3 NAG F . -31.33 -14.12 -9.67
C4 NAG F . -31.43 -14.91 -8.37
C5 NAG F . -30.04 -15.17 -7.78
C6 NAG F . -30.07 -16.15 -6.63
C7 NAG F . -30.76 -14.21 -12.99
C8 NAG F . -30.48 -13.27 -14.11
N2 NAG F . -30.17 -13.93 -11.82
O3 NAG F . -32.60 -14.05 -10.30
O4 NAG F . -32.13 -14.10 -7.43
O5 NAG F . -29.18 -15.75 -8.77
O6 NAG F . -30.77 -17.32 -7.05
O7 NAG F . -31.49 -15.19 -13.13
C1 NAG F . -33.20 -14.70 -6.72
C2 NAG F . -33.59 -13.65 -5.66
C3 NAG F . -34.81 -14.09 -4.87
C4 NAG F . -35.94 -14.48 -5.82
C5 NAG F . -35.44 -15.53 -6.80
C6 NAG F . -36.49 -15.96 -7.82
C7 NAG F . -31.61 -12.40 -4.90
C8 NAG F . -30.50 -12.32 -3.88
N2 NAG F . -32.46 -13.41 -4.75
O3 NAG F . -35.22 -13.04 -4.01
O4 NAG F . -37.03 -15.00 -5.07
O5 NAG F . -34.33 -14.99 -7.52
O6 NAG F . -35.88 -16.52 -8.97
O7 NAG F . -31.71 -11.57 -5.81
C1 BMA F . -38.23 -14.29 -5.46
C2 BMA F . -39.45 -15.04 -4.89
C3 BMA F . -40.70 -14.24 -5.22
C4 BMA F . -40.53 -12.77 -4.77
C5 BMA F . -39.26 -12.17 -5.40
C6 BMA F . -38.99 -10.78 -4.95
O2 BMA F . -39.33 -15.10 -3.47
O3 BMA F . -41.90 -14.79 -4.64
O4 BMA F . -41.68 -12.02 -5.13
O5 BMA F . -38.16 -12.97 -4.96
O6 BMA F . -39.30 -10.77 -3.58
C1 MAN F . -38.94 -9.52 -2.97
C2 MAN F . -39.21 -9.70 -1.47
C3 MAN F . -40.71 -9.79 -1.17
C4 MAN F . -41.49 -8.64 -1.87
C5 MAN F . -41.11 -8.51 -3.37
C6 MAN F . -41.73 -7.27 -4.05
O2 MAN F . -38.75 -8.57 -0.70
O3 MAN F . -40.95 -9.78 0.25
O4 MAN F . -42.89 -8.87 -1.77
O5 MAN F . -39.67 -8.42 -3.52
O6 MAN F . -41.77 -7.48 -5.48
C1 MAN F . -41.72 -10.90 0.73
C2 MAN F . -42.18 -10.58 2.17
C3 MAN F . -41.00 -10.65 3.17
C4 MAN F . -40.21 -11.96 3.02
C5 MAN F . -39.78 -12.12 1.55
C6 MAN F . -39.04 -13.41 1.29
O2 MAN F . -43.15 -11.54 2.62
O3 MAN F . -41.40 -10.47 4.54
O4 MAN F . -39.04 -11.95 3.86
O5 MAN F . -40.97 -12.10 0.71
O6 MAN F . -37.77 -13.31 1.95
C1 MAN F . -42.59 -15.61 -5.63
C2 MAN F . -44.08 -15.60 -5.25
C3 MAN F . -44.22 -16.28 -3.89
C4 MAN F . -43.66 -17.71 -3.95
C5 MAN F . -42.19 -17.66 -4.40
C6 MAN F . -41.58 -19.04 -4.57
O2 MAN F . -44.85 -16.40 -6.16
O3 MAN F . -45.56 -16.27 -3.42
O4 MAN F . -43.73 -18.31 -2.68
O5 MAN F . -42.08 -16.93 -5.67
O6 MAN F . -40.16 -18.92 -4.41
C1 NAG G . -31.17 -13.99 3.12
C2 NAG G . -31.18 -12.66 3.86
C3 NAG G . -32.58 -12.06 3.89
C4 NAG G . -33.21 -12.02 2.50
C5 NAG G . -33.12 -13.40 1.85
C6 NAG G . -33.64 -13.43 0.43
C7 NAG G . -29.43 -12.52 5.57
C8 NAG G . -29.07 -12.76 7.00
N2 NAG G . -30.67 -12.83 5.22
O3 NAG G . -32.44 -10.75 4.42
O4 NAG G . -34.61 -11.76 2.55
O5 NAG G . -31.75 -13.83 1.80
O6 NAG G . -33.69 -14.77 -0.06
O7 NAG G . -28.62 -12.05 4.75
C1 NAG G . -34.99 -10.44 2.94
C2 NAG G . -35.99 -9.91 1.91
C3 NAG G . -36.56 -8.57 2.36
C4 NAG G . -37.10 -8.67 3.78
C5 NAG G . -36.05 -9.24 4.72
C6 NAG G . -36.55 -9.48 6.12
C7 NAG G . -35.77 -10.49 -0.46
C8 NAG G . -35.01 -10.24 -1.72
N2 NAG G . -35.36 -9.79 0.61
O3 NAG G . -37.63 -8.23 1.48
O4 NAG G . -37.49 -7.37 4.26
O5 NAG G . -35.60 -10.50 4.21
O6 NAG G . -35.60 -10.20 6.89
O7 NAG G . -36.70 -11.29 -0.39
C1 NAG H . -0.54 -15.19 44.20
C2 NAG H . -0.88 -15.31 45.70
C3 NAG H . -1.99 -16.32 45.91
C4 NAG H . -3.21 -15.97 45.08
C5 NAG H . -2.78 -15.91 43.61
C6 NAG H . -3.89 -15.55 42.64
C7 NAG H . 1.15 -14.82 47.00
C8 NAG H . 2.31 -15.42 47.76
N2 NAG H . 0.30 -15.70 46.46
O3 NAG H . -2.31 -16.40 47.29
O4 NAG H . -4.19 -16.98 45.26
O5 NAG H . -1.75 -14.91 43.46
O6 NAG H . -4.53 -14.32 42.97
O7 NAG H . 1.00 -13.62 46.90
C1 NAG H . -5.47 -16.39 45.54
C2 NAG H . -6.40 -17.52 45.98
C3 NAG H . -7.78 -16.94 46.34
C4 NAG H . -7.67 -15.73 47.27
C5 NAG H . -6.63 -14.74 46.74
C6 NAG H . -6.37 -13.58 47.68
C7 NAG H . -5.97 -19.72 44.99
C8 NAG H . -6.21 -20.60 43.81
N2 NAG H . -6.53 -18.51 44.93
O3 NAG H . -8.55 -17.96 46.98
O4 NAG H . -8.93 -15.08 47.26
O5 NAG H . -5.38 -15.42 46.56
O6 NAG H . -6.03 -14.04 48.98
O7 NAG H . -5.29 -20.09 45.94
C1 BMA H . -9.47 -14.88 48.57
C2 BMA H . -10.31 -13.58 48.51
C3 BMA H . -10.99 -13.35 49.86
C4 BMA H . -11.74 -14.62 50.30
C5 BMA H . -10.80 -15.82 50.30
C6 BMA H . -11.51 -17.10 50.67
O2 BMA H . -11.37 -13.70 47.55
O3 BMA H . -11.93 -12.29 49.79
O4 BMA H . -12.26 -14.44 51.61
O5 BMA H . -10.28 -15.96 48.96
O6 BMA H . -10.52 -18.09 50.85
C1 MAN H . -11.17 -19.25 51.39
C2 MAN H . -10.05 -20.15 51.97
C3 MAN H . -9.22 -20.82 50.89
C4 MAN H . -10.09 -21.39 49.74
C5 MAN H . -11.15 -20.40 49.26
C6 MAN H . -12.13 -21.06 48.29
O2 MAN H . -10.62 -21.23 52.67
O3 MAN H . -8.53 -21.90 51.46
O4 MAN H . -9.25 -21.71 48.66
O5 MAN H . -11.91 -19.95 50.40
O6 MAN H . -12.80 -22.09 49.04
C1 MAN H . -13.50 -23.01 48.16
C2 MAN H . -14.29 -23.94 49.09
C3 MAN H . -13.31 -24.80 49.86
C4 MAN H . -12.38 -25.58 48.89
C5 MAN H . -11.67 -24.62 47.92
C6 MAN H . -10.93 -25.38 46.80
O2 MAN H . -15.11 -24.84 48.36
O3 MAN H . -13.98 -25.71 50.73
O4 MAN H . -11.41 -26.32 49.63
O5 MAN H . -12.62 -23.74 47.29
O6 MAN H . -11.89 -26.21 46.12
C1 MAN H . -16.42 -24.29 48.13
C2 MAN H . -17.32 -25.45 47.68
C3 MAN H . -16.82 -26.00 46.35
C4 MAN H . -16.78 -24.88 45.29
C5 MAN H . -15.93 -23.73 45.82
C6 MAN H . -15.92 -22.50 44.92
O2 MAN H . -18.64 -24.96 47.42
O3 MAN H . -17.61 -27.10 45.90
O4 MAN H . -16.16 -25.38 44.11
O5 MAN H . -16.41 -23.30 47.12
O6 MAN H . -15.04 -21.54 45.52
C1 MAN H . -7.12 -21.73 51.56
C2 MAN H . -6.61 -23.18 51.89
C3 MAN H . -7.15 -23.55 53.27
C4 MAN H . -6.59 -22.55 54.26
C5 MAN H . -7.15 -21.17 53.91
C6 MAN H . -6.67 -20.08 54.85
O2 MAN H . -5.19 -23.27 52.00
O3 MAN H . -6.84 -24.89 53.68
O4 MAN H . -7.00 -22.92 55.58
O5 MAN H . -6.79 -20.78 52.54
O6 MAN H . -7.71 -19.11 54.92
C1 MAN H . -11.30 -11.04 50.15
C2 MAN H . -12.44 -10.14 50.63
C3 MAN H . -13.35 -9.81 49.44
C4 MAN H . -12.53 -9.16 48.32
C5 MAN H . -11.41 -10.09 47.89
C6 MAN H . -10.51 -9.46 46.85
O2 MAN H . -11.92 -8.90 51.05
O3 MAN H . -14.44 -8.97 49.82
O4 MAN H . -13.36 -8.86 47.19
O5 MAN H . -10.59 -10.45 49.04
O6 MAN H . -9.42 -10.34 46.63
C1 MAN H . -11.73 -8.87 52.48
C2 MAN H . -11.74 -7.39 52.90
C3 MAN H . -10.54 -6.69 52.25
C4 MAN H . -9.21 -7.42 52.55
C5 MAN H . -9.33 -8.94 52.25
C6 MAN H . -8.13 -9.76 52.73
O2 MAN H . -11.57 -7.24 54.31
O3 MAN H . -10.45 -5.33 52.64
O4 MAN H . -8.18 -6.87 51.74
O5 MAN H . -10.53 -9.50 52.85
O6 MAN H . -8.45 -11.16 52.55
C1 NAG I . -27.80 -29.29 27.53
C2 NAG I . -28.09 -30.61 26.82
C3 NAG I . -29.48 -31.13 27.20
C4 NAG I . -29.68 -31.14 28.71
C5 NAG I . -29.32 -29.78 29.30
C6 NAG I . -29.39 -29.74 30.81
C7 NAG I . -26.92 -30.77 24.67
C8 NAG I . -27.00 -30.50 23.19
N2 NAG I . -28.00 -30.43 25.37
O3 NAG I . -29.59 -32.45 26.66
O4 NAG I . -31.05 -31.34 29.03
O5 NAG I . -27.97 -29.44 28.93
O6 NAG I . -29.12 -28.44 31.32
O7 NAG I . -25.93 -31.25 25.20
C1 NAG I . -31.52 -32.69 28.93
C2 NAG I . -31.98 -33.23 30.28
C3 NAG I . -32.63 -34.60 30.10
C4 NAG I . -33.73 -34.54 29.07
C5 NAG I . -33.20 -33.97 27.76
C6 NAG I . -34.28 -33.77 26.73
C7 NAG I . -30.85 -32.68 32.40
C8 NAG I . -29.62 -32.90 33.24
N2 NAG I . -30.88 -33.32 31.22
O3 NAG I . -33.13 -35.02 31.36
O4 NAG I . -34.24 -35.85 28.80
O5 NAG I . -32.61 -32.69 28.00
O6 NAG I . -33.76 -33.15 25.56
O7 NAG I . -31.75 -31.94 32.76
C1 NAG J . -21.89 -28.56 39.35
C2 NAG J . -22.97 -28.68 40.40
C3 NAG J . -24.23 -29.25 39.78
C4 NAG J . -24.65 -28.48 38.53
C5 NAG J . -23.47 -28.28 37.58
C6 NAG J . -23.76 -27.30 36.46
C7 NAG J . -22.70 -29.24 42.79
C8 NAG J . -22.17 -30.24 43.77
N2 NAG J . -22.51 -29.53 41.50
O3 NAG J . -25.26 -29.24 40.76
O4 NAG J . -25.62 -29.27 37.83
O5 NAG J . -22.35 -27.73 38.28
O6 NAG J . -24.11 -26.03 37.01
O7 NAG J . -23.29 -28.23 43.16
C1 NAG J . -26.83 -28.62 37.43
C2 NAG J . -27.59 -29.62 36.54
C3 NAG J . -28.98 -29.11 36.17
C4 NAG J . -29.74 -28.68 37.42
C5 NAG J . -28.91 -27.65 38.18
C6 NAG J . -29.56 -27.19 39.46
C7 NAG J . -26.01 -30.94 35.22
C8 NAG J . -25.34 -31.10 33.90
N2 NAG J . -26.84 -29.91 35.32
O3 NAG J . -29.68 -30.14 35.50
O4 NAG J . -30.97 -28.09 37.01
O5 NAG J . -27.66 -28.24 38.53
O6 NAG J . -28.66 -26.41 40.23
O7 NAG J . -25.80 -31.71 36.16
C1 BMA J . -32.08 -28.81 37.59
C2 BMA J . -33.36 -27.98 37.36
C3 BMA J . -34.53 -28.71 38.01
C4 BMA J . -34.63 -30.15 37.51
C5 BMA J . -33.27 -30.89 37.64
C6 BMA J . -33.30 -32.25 36.96
O2 BMA J . -33.64 -27.88 35.95
O3 BMA J . -35.78 -28.05 37.79
O4 BMA J . -35.64 -30.83 38.27
O5 BMA J . -32.23 -30.09 37.01
O6 BMA J . -33.96 -32.06 35.72
C1 MAN J . -35.98 -27.06 38.82
C2 MAN J . -37.19 -27.46 39.69
C3 MAN J . -38.45 -27.49 38.84
C4 MAN J . -38.64 -26.20 38.00
C5 MAN J . -37.32 -25.74 37.31
C6 MAN J . -37.39 -24.31 36.82
O2 MAN J . -37.45 -26.48 40.71
O3 MAN J . -39.60 -27.73 39.65
O4 MAN J . -39.64 -26.42 37.01
O5 MAN J . -36.20 -25.80 38.23
O6 MAN J . -38.47 -24.21 35.88
C1 MAN J . -34.08 -33.29 34.98
C2 MAN J . -34.59 -32.92 33.57
C3 MAN J . -36.00 -32.35 33.65
C4 MAN J . -36.95 -33.27 34.43
C5 MAN J . -36.33 -33.72 35.80
C6 MAN J . -37.10 -34.84 36.46
O2 MAN J . -34.67 -34.05 32.73
O3 MAN J . -36.55 -32.04 32.36
O4 MAN J . -38.16 -32.56 34.68
O5 MAN J . -34.96 -34.20 35.62
O6 MAN J . -38.28 -35.09 35.70
C1 NAG K . 36.42 2.26 7.92
C2 NAG K . 36.95 2.32 9.35
C3 NAG K . 36.12 3.27 10.20
C4 NAG K . 36.04 4.63 9.52
C5 NAG K . 35.46 4.46 8.13
C6 NAG K . 35.30 5.74 7.34
C7 NAG K . 38.03 0.20 9.95
C8 NAG K . 37.88 -1.14 10.63
N2 NAG K . 36.96 0.99 9.96
O3 NAG K . 36.68 3.39 11.50
O4 NAG K . 35.24 5.49 10.32
O5 NAG K . 36.32 3.60 7.37
O6 NAG K . 36.54 6.44 7.25
O7 NAG K . 39.08 0.52 9.41
C1 NAG K . 35.86 6.77 10.50
C2 NAG K . 35.01 7.56 11.51
C3 NAG K . 35.67 8.89 11.84
C4 NAG K . 37.16 8.76 12.14
C5 NAG K . 37.85 7.91 11.07
C6 NAG K . 39.30 7.61 11.37
C7 NAG K . 32.57 7.18 11.43
C8 NAG K . 31.29 7.53 10.74
N2 NAG K . 33.67 7.78 10.96
O3 NAG K . 35.02 9.44 12.98
O4 NAG K . 37.74 10.07 12.11
O5 NAG K . 37.18 6.63 11.00
O6 NAG K . 39.42 6.85 12.56
O7 NAG K . 32.61 6.37 12.36
C1 BMA K . 38.54 10.37 13.25
C2 BMA K . 39.64 11.29 12.74
C3 BMA K . 40.49 11.81 13.91
C4 BMA K . 39.62 12.37 15.02
C5 BMA K . 38.54 11.35 15.42
C6 BMA K . 37.60 11.90 16.48
O2 BMA K . 39.07 12.43 12.11
O3 BMA K . 41.37 12.83 13.48
O4 BMA K . 40.41 12.63 16.15
O5 BMA K . 37.78 10.99 14.25
O6 BMA K . 36.92 10.80 17.02
C1 MAN K . 42.66 12.27 13.18
C2 MAN K . 43.68 13.37 13.45
C3 MAN K . 43.43 14.53 12.47
C4 MAN K . 43.47 14.03 11.03
C5 MAN K . 42.45 12.88 10.84
C6 MAN K . 42.49 12.26 9.44
O2 MAN K . 45.01 12.90 13.17
O3 MAN K . 44.33 15.61 12.63
O4 MAN K . 43.18 15.11 10.13
O5 MAN K . 42.72 11.83 11.82
O6 MAN K . 41.66 11.11 9.45
C1 MAN K . 45.61 12.38 14.37
C2 MAN K . 47.14 12.40 14.22
C3 MAN K . 47.47 11.50 13.05
C4 MAN K . 47.06 10.06 13.40
C5 MAN K . 45.55 10.01 13.68
C6 MAN K . 45.10 8.67 14.28
O2 MAN K . 47.76 11.74 15.33
O3 MAN K . 48.86 11.54 12.70
O4 MAN K . 47.39 9.17 12.33
O5 MAN K . 45.18 11.05 14.65
O6 MAN K . 45.46 8.65 15.67
C1 MAN K . 47.84 12.57 16.51
C2 MAN K . 49.04 12.05 17.35
C3 MAN K . 48.70 10.71 18.01
C4 MAN K . 47.34 10.74 18.74
C5 MAN K . 46.23 11.27 17.82
C6 MAN K . 44.91 11.46 18.54
O2 MAN K . 49.39 12.95 18.40
O3 MAN K . 49.71 10.27 18.93
O4 MAN K . 46.99 9.42 19.16
O5 MAN K . 46.63 12.56 17.28
O6 MAN K . 44.00 12.13 17.66
C1 MAN K . 36.05 11.29 18.07
C2 MAN K . 35.59 10.05 18.85
C3 MAN K . 34.66 9.21 17.96
C4 MAN K . 33.52 10.04 17.38
C5 MAN K . 34.06 11.30 16.66
C6 MAN K . 32.95 12.25 16.32
O2 MAN K . 34.84 10.38 20.00
O3 MAN K . 34.11 8.12 18.68
O4 MAN K . 32.74 9.24 16.48
O5 MAN K . 34.95 12.05 17.55
O6 MAN K . 32.32 12.57 17.58
C1 MAN K . 34.91 6.96 18.45
C2 MAN K . 34.01 5.73 18.70
C3 MAN K . 33.65 5.67 20.20
C4 MAN K . 34.92 5.75 21.09
C5 MAN K . 35.72 7.02 20.73
C6 MAN K . 37.03 7.18 21.49
O2 MAN K . 34.73 4.52 18.42
O3 MAN K . 32.88 4.53 20.49
O4 MAN K . 34.54 5.81 22.47
O5 MAN K . 36.05 6.96 19.32
O6 MAN K . 37.89 6.10 21.10
C1 MAN K . 34.49 4.12 17.05
C2 MAN K . 34.90 2.65 17.00
C3 MAN K . 36.41 2.54 17.23
C4 MAN K . 37.19 3.38 16.22
C5 MAN K . 36.70 4.84 16.24
C6 MAN K . 37.30 5.68 15.12
O2 MAN K . 34.64 2.10 15.72
O3 MAN K . 36.85 1.21 17.13
O4 MAN K . 38.58 3.35 16.55
O5 MAN K . 35.24 4.88 16.11
O6 MAN K . 37.17 7.05 15.45
C1 MAN K . 31.19 13.41 17.39
C2 MAN K . 30.84 13.93 18.79
C3 MAN K . 30.39 12.75 19.65
C4 MAN K . 29.19 12.01 18.97
C5 MAN K . 29.57 11.57 17.54
C6 MAN K . 28.38 11.04 16.76
O2 MAN K . 29.70 14.80 18.75
O3 MAN K . 30.01 13.20 20.94
O4 MAN K . 28.77 10.86 19.73
O5 MAN K . 30.10 12.71 16.79
O6 MAN K . 27.39 12.06 16.73
C1 MAN K . 30.10 16.18 18.64
C2 MAN K . 28.88 17.02 19.04
C3 MAN K . 27.75 16.87 18.02
C4 MAN K . 28.22 17.06 16.56
C5 MAN K . 29.48 16.23 16.28
C6 MAN K . 30.16 16.56 14.96
O2 MAN K . 29.19 18.39 19.06
O3 MAN K . 26.68 17.76 18.29
O4 MAN K . 27.16 16.63 15.69
O5 MAN K . 30.49 16.47 17.31
O6 MAN K . 31.24 15.63 14.74
C1 NAG L . 21.82 22.64 13.41
C2 NAG L . 22.16 23.52 14.59
C3 NAG L . 21.34 24.81 14.53
C4 NAG L . 21.54 25.51 13.18
C5 NAG L . 21.33 24.54 12.02
C6 NAG L . 21.73 25.12 10.69
C7 NAG L . 22.80 22.85 16.87
C8 NAG L . 22.41 22.06 18.08
N2 NAG L . 21.93 22.83 15.85
O3 NAG L . 21.73 25.67 15.60
O4 NAG L . 20.53 26.52 13.09
O5 NAG L . 22.10 23.34 12.20
O6 NAG L . 23.08 25.56 10.70
O7 NAG L . 23.84 23.48 16.82
C1 NAG L . 20.93 27.81 12.65
C2 NAG L . 19.61 28.56 12.45
C3 NAG L . 19.85 30.04 12.14
C4 NAG L . 20.79 30.65 13.17
C5 NAG L . 22.06 29.82 13.26
C6 NAG L . 23.02 30.32 14.32
C7 NAG L . 17.80 27.12 11.62
C8 NAG L . 17.09 26.61 10.40
N2 NAG L . 18.83 27.95 11.39
O3 NAG L . 18.59 30.70 12.20
O4 NAG L . 21.10 31.99 12.79
O5 NAG L . 21.72 28.48 13.61
O6 NAG L . 24.30 29.72 14.18
O7 NAG L . 17.46 26.82 12.76
C1 BMA L . 20.78 32.92 13.86
C2 BMA L . 21.38 34.29 13.54
C3 BMA L . 21.02 35.28 14.65
C4 BMA L . 19.51 35.27 14.92
C5 BMA L . 18.99 33.84 15.14
C6 BMA L . 17.48 33.79 15.21
O2 BMA L . 20.80 34.80 12.33
O3 BMA L . 21.40 36.59 14.32
O4 BMA L . 19.20 36.04 16.08
O5 BMA L . 19.39 33.04 14.02
O6 BMA L . 16.99 34.71 14.22
C1 MAN L . 15.57 34.57 14.08
C2 MAN L . 15.15 35.52 12.95
C3 MAN L . 15.41 36.97 13.33
C4 MAN L . 14.82 37.31 14.73
C5 MAN L . 15.12 36.24 15.79
C6 MAN L . 14.29 36.42 17.05
O2 MAN L . 13.74 35.46 12.70
O3 MAN L . 14.85 37.83 12.35
O4 MAN L . 15.35 38.55 15.18
O5 MAN L . 14.88 34.89 15.27
O6 MAN L . 15.15 36.29 18.19
C1 MAN L . 15.85 38.68 11.77
C2 MAN L . 15.10 39.74 10.95
C3 MAN L . 14.36 39.05 9.78
C4 MAN L . 15.34 38.23 8.90
C5 MAN L . 16.19 37.29 9.77
C6 MAN L . 17.36 36.72 9.00
O2 MAN L . 16.01 40.68 10.38
O3 MAN L . 13.62 39.97 8.98
O4 MAN L . 14.60 37.45 7.94
O5 MAN L . 16.75 37.97 10.94
O6 MAN L . 17.75 35.52 9.63
C1 MAN L . 22.64 36.97 14.96
C2 MAN L . 22.55 38.49 15.21
C3 MAN L . 22.46 39.21 13.85
C4 MAN L . 23.63 38.80 12.92
C5 MAN L . 23.72 37.26 12.81
C6 MAN L . 24.95 36.79 12.03
O2 MAN L . 23.72 39.01 15.83
O3 MAN L . 22.41 40.63 13.99
O4 MAN L . 23.41 39.35 11.63
O5 MAN L . 23.75 36.65 14.14
O6 MAN L . 24.80 35.40 11.72
C1 NAG M . 15.84 30.23 4.36
C2 NAG M . 14.35 30.49 4.37
C3 NAG M . 14.02 31.76 5.15
C4 NAG M . 14.69 31.76 6.52
C5 NAG M . 16.18 31.44 6.38
C6 NAG M . 16.90 31.30 7.71
C7 NAG M . 13.24 29.61 2.35
C8 NAG M . 12.83 29.91 0.94
N2 NAG M . 13.86 30.59 3.00
O3 NAG M . 12.61 31.81 5.30
O4 NAG M . 14.64 33.05 7.13
O5 NAG M . 16.34 30.20 5.69
O6 NAG M . 18.30 31.11 7.53
O7 NAG M . 13.01 28.51 2.88
C1 NAG M . 13.34 33.50 7.54
C2 NAG M . 13.47 33.99 8.98
C3 NAG M . 12.19 34.68 9.45
C4 NAG M . 11.77 35.75 8.45
C5 NAG M . 11.66 35.13 7.06
C6 NAG M . 11.33 36.12 5.98
C7 NAG M . 15.00 32.82 10.50
C8 NAG M . 15.22 31.60 11.34
N2 NAG M . 13.82 32.89 9.86
O3 NAG M . 12.43 35.27 10.71
O4 NAG M . 10.52 36.33 8.82
O5 NAG M . 12.94 34.56 6.71
O6 NAG M . 11.40 35.53 4.69
O7 NAG M . 15.85 33.69 10.39
C1 NAG N . -5.10 21.39 -41.48
C2 NAG N . -5.55 22.37 -42.59
C3 NAG N . -4.57 23.53 -42.72
C4 NAG N . -4.36 24.19 -41.37
C5 NAG N . -3.87 23.14 -40.37
C6 NAG N . -3.59 23.67 -38.98
C7 NAG N . -6.83 21.20 -44.33
C8 NAG N . -6.78 20.55 -45.68
N2 NAG N . -5.67 21.68 -43.86
O3 NAG N . -5.06 24.48 -43.65
O4 NAG N . -3.42 25.25 -41.56
O5 NAG N . -4.87 22.13 -40.25
O6 NAG N . -4.72 24.30 -38.40
O7 NAG N . -7.87 21.28 -43.69
C1 NAG N . -3.92 26.44 -40.94
C2 NAG N . -2.95 27.53 -41.36
C3 NAG N . -3.42 28.88 -40.83
C4 NAG N . -4.90 29.13 -41.09
C5 NAG N . -5.74 27.92 -40.71
C6 NAG N . -7.20 28.04 -41.08
C7 NAG N . -0.61 26.90 -41.69
C8 NAG N . 0.71 26.62 -41.02
N2 NAG N . -1.61 27.23 -40.90
O3 NAG N . -2.64 29.91 -41.45
O4 NAG N . -5.31 30.22 -40.28
O5 NAG N . -5.23 26.77 -41.37
O6 NAG N . -7.32 28.43 -42.44
O7 NAG N . -0.74 26.81 -42.91
C1 BMA N . -5.92 31.26 -41.05
C2 BMA N . -6.93 31.89 -40.11
C3 BMA N . -7.59 33.11 -40.75
C4 BMA N . -6.52 34.05 -41.31
C5 BMA N . -5.59 33.28 -42.25
C6 BMA N . -4.52 34.16 -42.82
O2 BMA N . -6.24 32.36 -38.95
O3 BMA N . -8.36 33.83 -39.83
O4 BMA N . -7.11 35.12 -42.02
O5 BMA N . -4.97 32.19 -41.51
O6 BMA N . -3.82 33.41 -43.78
C1 MAN N . -2.90 34.30 -44.45
C2 MAN N . -2.52 33.58 -45.75
C3 MAN N . -1.67 32.33 -45.44
C4 MAN N . -0.51 32.62 -44.50
C5 MAN N . -0.99 33.38 -43.23
C6 MAN N . 0.16 33.91 -42.42
O2 MAN N . -1.71 34.44 -46.57
O3 MAN N . -1.11 31.77 -46.62
O4 MAN N . 0.16 31.39 -44.16
O5 MAN N . -1.75 34.56 -43.64
O6 MAN N . 0.86 34.80 -43.28
C1 MAN N . -1.92 30.67 -47.09
C2 MAN N . -0.97 29.74 -47.88
C3 MAN N . -0.42 30.50 -49.11
C4 MAN N . -1.55 31.11 -49.96
C5 MAN N . -2.60 31.88 -49.09
C6 MAN N . -3.88 32.20 -49.86
O2 MAN N . -1.63 28.61 -48.42
O3 MAN N . 0.34 29.65 -49.95
O4 MAN N . -0.96 31.98 -50.93
O5 MAN N . -2.99 31.12 -47.89
O6 MAN N . -4.73 33.01 -49.04
C1 MAN N . -2.14 27.69 -47.42
C2 MAN N . -2.11 26.31 -48.03
C3 MAN N . -3.02 26.30 -49.27
C4 MAN N . -4.43 26.79 -48.91
C5 MAN N . -4.35 28.15 -48.19
C6 MAN N . -5.69 28.69 -47.70
O2 MAN N . -2.69 25.34 -47.15
O3 MAN N . -3.09 25.02 -49.85
O4 MAN N . -5.20 26.94 -50.10
O5 MAN N . -3.46 28.02 -47.04
O6 MAN N . -6.31 27.69 -46.87
C1 MAN N . 2.11 35.25 -42.72
C2 MAN N . 2.59 36.45 -43.56
C3 MAN N . 2.95 35.97 -44.97
C4 MAN N . 4.01 34.86 -44.90
C5 MAN N . 3.52 33.70 -44.01
C6 MAN N . 4.59 32.65 -43.76
O2 MAN N . 3.79 36.98 -43.05
O3 MAN N . 3.40 37.06 -45.79
O4 MAN N . 4.29 34.36 -46.21
O5 MAN N . 3.10 34.24 -42.71
O6 MAN N . 5.71 33.28 -43.11
C1 MAN N . 3.55 38.06 -42.13
C2 MAN N . 4.88 38.79 -41.98
C3 MAN N . 5.90 37.87 -41.32
C4 MAN N . 5.38 37.29 -40.00
C5 MAN N . 4.01 36.65 -40.21
C6 MAN N . 3.34 36.21 -38.92
O2 MAN N . 4.74 39.89 -41.10
O3 MAN N . 7.12 38.55 -41.07
O4 MAN N . 6.29 36.29 -39.57
O5 MAN N . 3.13 37.60 -40.85
O6 MAN N . 2.20 35.46 -39.29
C1 MAN N . -9.75 33.44 -39.83
C2 MAN N . -10.54 34.67 -39.33
C3 MAN N . -10.24 34.89 -37.85
C4 MAN N . -10.44 33.62 -37.01
C5 MAN N . -9.63 32.47 -37.60
C6 MAN N . -9.87 31.14 -36.87
O2 MAN N . -11.96 34.44 -39.42
O3 MAN N . -11.01 35.95 -37.29
O4 MAN N . -10.03 33.85 -35.65
O5 MAN N . -9.97 32.30 -39.02
O6 MAN N . -9.20 30.08 -37.57
C1 NAG O . 18.68 39.01 -23.11
C2 NAG O . 20.21 39.03 -23.02
C3 NAG O . 20.73 40.48 -22.95
C4 NAG O . 20.12 41.34 -24.05
C5 NAG O . 18.59 41.19 -24.06
C6 NAG O . 17.93 41.95 -25.19
C7 NAG O . 21.07 37.02 -21.90
C8 NAG O . 21.46 36.40 -20.60
N2 NAG O . 20.65 38.29 -21.84
O3 NAG O . 22.14 40.42 -23.09
O4 NAG O . 20.35 42.72 -23.82
O5 NAG O . 18.25 39.82 -24.21
O6 NAG O . 16.51 41.89 -25.09
O7 NAG O . 21.13 36.41 -22.96
C1 NAG O . 21.69 43.21 -23.96
C2 NAG O . 21.69 44.44 -24.86
C3 NAG O . 23.08 45.07 -24.89
C4 NAG O . 23.57 45.34 -23.47
C5 NAG O . 23.49 44.07 -22.63
C6 NAG O . 23.82 44.29 -21.18
C7 NAG O . 20.14 44.58 -26.76
C8 NAG O . 19.84 44.12 -28.16
N2 NAG O . 21.25 44.09 -26.20
O3 NAG O . 23.02 46.30 -25.61
O4 NAG O . 24.92 45.81 -23.49
O5 NAG O . 22.15 43.55 -22.67
O6 NAG O . 23.43 43.18 -20.38
O7 NAG O . 19.40 45.36 -26.16
C1 NAG P . 12.15 39.06 -34.61
C2 NAG P . 12.00 40.51 -35.03
C3 NAG P . 12.97 41.37 -34.24
C4 NAG P . 12.83 41.15 -32.74
C5 NAG P . 12.87 39.65 -32.41
C6 NAG P . 12.54 39.34 -30.96
C7 NAG P . 11.32 41.32 -37.24
C8 NAG P . 11.68 41.41 -38.69
N2 NAG P . 12.19 40.68 -36.46
O3 NAG P . 12.75 42.74 -34.56
O4 NAG P . 13.97 41.74 -32.12
O5 NAG P . 11.92 38.93 -33.20
O6 NAG P . 11.27 39.86 -30.61
O7 NAG P . 10.28 41.79 -36.80
C1 NAG P . 13.70 42.64 -31.05
C2 NAG P . 15.09 42.93 -30.47
C3 NAG P . 15.01 43.98 -29.35
C4 NAG P . 14.24 45.20 -29.83
C5 NAG P . 12.87 44.76 -30.33
C6 NAG P . 12.00 45.89 -30.82
C7 NAG P . 16.56 40.98 -30.69
C8 NAG P . 17.11 39.75 -30.01
N2 NAG P . 15.72 41.71 -29.97
O3 NAG P . 16.33 44.35 -28.96
O4 NAG P . 14.10 46.12 -28.76
O5 NAG P . 13.06 43.86 -31.44
O6 NAG P . 12.57 46.56 -31.93
O7 NAG P . 16.86 41.27 -31.85
C1 BMA P . 14.62 47.41 -29.15
C2 BMA P . 14.17 48.41 -28.10
C3 BMA P . 14.73 49.80 -28.44
C4 BMA P . 16.25 49.76 -28.73
C5 BMA P . 16.62 48.62 -29.70
C6 BMA P . 18.14 48.41 -29.79
O2 BMA P . 14.71 48.04 -26.81
O3 BMA P . 14.48 50.72 -27.41
O4 BMA P . 16.69 51.00 -29.27
O5 BMA P . 16.04 47.38 -29.24
O6 BMA P . 18.63 48.37 -28.46
C1 MAN P . 13.34 51.56 -27.72
C2 MAN P . 13.62 52.95 -27.11
C3 MAN P . 13.77 52.80 -25.57
C4 MAN P . 12.60 52.00 -24.95
C5 MAN P . 12.28 50.71 -25.75
C6 MAN P . 10.98 50.07 -25.30
O2 MAN P . 12.54 53.86 -27.34
O3 MAN P . 13.91 54.05 -24.91
O4 MAN P . 12.95 51.63 -23.59
O5 MAN P . 12.18 51.03 -27.17
O6 MAN P . 10.87 48.80 -25.95
C1 MAN P . 20.06 48.24 -28.41
C2 MAN P . 20.50 48.19 -26.92
C3 MAN P . 20.26 49.56 -26.28
C4 MAN P . 21.04 50.64 -27.04
C5 MAN P . 20.67 50.63 -28.54
C6 MAN P . 21.57 51.53 -29.36
O2 MAN P . 21.91 47.94 -26.80
O3 MAN P . 20.59 49.60 -24.89
O4 MAN P . 20.73 51.90 -26.50
O5 MAN P . 20.76 49.29 -29.11
O6 MAN P . 21.28 51.31 -30.74
C1 NAG Q . -37.33 -43.45 -8.66
C2 NAG Q . -38.68 -42.79 -8.96
C3 NAG Q . -39.62 -43.78 -9.64
C4 NAG Q . -38.97 -44.30 -10.91
C5 NAG Q . -37.67 -45.00 -10.54
C6 NAG Q . -36.90 -45.50 -11.74
C7 NAG Q . -39.59 -40.96 -7.61
C8 NAG Q . -40.20 -40.57 -6.29
N2 NAG Q . -39.28 -42.25 -7.75
O3 NAG Q . -40.86 -43.16 -9.95
O4 NAG Q . -39.84 -45.20 -11.58
O5 NAG Q . -36.80 -44.06 -9.87
O6 NAG Q . -36.22 -44.44 -12.40
O7 NAG Q . -39.40 -40.14 -8.51
C1 GOL R . -23.35 -28.89 15.54
C1 GOL R . -25.37 -30.09 15.96
O1 GOL R . -23.88 -28.06 16.53
O1 GOL R . -25.86 -29.18 16.90
C2 GOL R . -23.98 -30.27 15.68
C2 GOL R . -24.24 -29.35 15.18
O2 GOL R . -25.37 -30.21 15.71
O2 GOL R . -23.39 -28.67 16.05
C3 GOL R . -23.50 -31.01 14.43
C3 GOL R . -23.49 -30.46 14.40
O3 GOL R . -24.65 -31.38 13.73
O3 GOL R . -24.42 -31.48 14.23
C1 GOL S . -33.49 -48.72 1.37
O1 GOL S . -34.35 -47.85 2.08
C2 GOL S . -33.89 -50.14 1.82
O2 GOL S . -35.05 -50.10 2.61
C3 GOL S . -34.14 -50.91 0.53
O3 GOL S . -33.24 -50.48 -0.41
C1 GOL T . -18.93 -22.34 11.79
O1 GOL T . -18.98 -23.00 13.03
C2 GOL T . -19.55 -20.95 12.03
O2 GOL T . -20.94 -20.96 11.89
C3 GOL T . -18.83 -20.03 11.02
O3 GOL T . -17.47 -20.17 11.29
O1 PG4 U . -35.27 -32.89 10.00
C1 PG4 U . -35.11 -34.30 9.94
C2 PG4 U . -33.67 -34.68 9.76
O2 PG4 U . -33.29 -35.66 10.73
C3 PG4 U . -32.01 -35.42 11.31
C4 PG4 U . -31.12 -34.69 10.36
O3 PG4 U . -29.97 -34.16 11.02
C5 PG4 U . -29.61 -32.99 10.32
C6 PG4 U . -30.44 -31.83 10.77
O4 PG4 U . -30.38 -30.76 9.83
C7 PG4 U . -30.13 -29.55 10.54
C8 PG4 U . -31.29 -29.26 11.45
O5 PG4 U . -32.50 -29.32 10.73
C1 GOL V . -23.11 -12.74 14.05
C1 GOL V . -23.38 -12.43 14.32
O1 GOL V . -23.82 -11.98 15.00
O1 GOL V . -22.04 -12.81 14.38
C2 GOL V . -24.01 -13.97 13.78
C2 GOL V . -24.23 -13.73 14.18
O2 GOL V . -23.48 -14.84 12.81
O2 GOL V . -23.84 -14.49 13.07
C3 GOL V . -25.37 -13.36 13.37
C3 GOL V . -25.70 -13.24 14.11
O3 GOL V . -26.10 -14.37 12.74
O3 GOL V . -26.28 -13.87 12.99
C1 NAG W . -29.09 -0.02 40.45
C2 NAG W . -30.26 -0.38 41.36
C3 NAG W . -30.96 0.87 41.89
C4 NAG W . -29.96 1.86 42.47
C5 NAG W . -28.88 2.15 41.45
C6 NAG W . -27.80 3.08 41.96
C7 NAG W . -31.36 -2.53 40.88
C8 NAG W . -32.38 -3.23 40.04
N2 NAG W . -31.21 -1.22 40.65
O3 NAG W . -31.89 0.48 42.91
O4 NAG W . -30.62 3.07 42.81
O5 NAG W . -28.24 0.92 41.10
O6 NAG W . -26.50 2.61 41.61
O7 NAG W . -30.72 -3.11 41.75
C1 NAG X . -22.92 15.46 -1.37
C2 NAG X . -22.64 15.61 -2.88
C3 NAG X . -22.99 17.02 -3.36
C4 NAG X . -24.41 17.40 -2.93
C5 NAG X . -24.56 17.22 -1.43
C6 NAG X . -25.95 17.50 -0.92
C7 NAG X . -20.85 14.47 -4.11
C8 NAG X . -19.36 14.33 -4.28
N2 NAG X . -21.25 15.32 -3.17
O3 NAG X . -22.88 17.06 -4.77
O4 NAG X . -24.65 18.76 -3.28
O5 NAG X . -24.26 15.85 -1.09
O6 NAG X . -26.87 16.56 -1.45
O7 NAG X . -21.64 13.83 -4.80
C1 GOL Y . -18.63 15.80 5.36
O1 GOL Y . -17.69 15.30 6.24
C2 GOL Y . -18.57 14.87 4.11
O2 GOL Y . -17.48 14.02 4.11
C3 GOL Y . -19.85 14.13 4.18
O3 GOL Y . -19.66 12.86 4.80
C1 GOL Z . -29.04 7.76 30.48
O1 GOL Z . -27.77 7.31 30.92
C2 GOL Z . -29.72 6.53 29.91
O2 GOL Z . -30.44 6.81 28.76
C3 GOL Z . -28.57 5.54 29.66
O3 GOL Z . -29.13 4.29 29.83
C1 GOL AA . -6.61 -24.40 48.47
O1 GOL AA . -7.99 -24.36 48.17
C2 GOL AA . -5.83 -23.74 47.29
O2 GOL AA . -6.38 -22.54 46.87
C3 GOL AA . -4.41 -23.53 47.82
O3 GOL AA . -3.87 -22.53 47.02
C1 GOL BA . -27.26 12.29 8.55
O1 GOL BA . -27.32 12.10 9.96
C2 GOL BA . -26.89 13.79 8.29
O2 GOL BA . -26.37 13.97 7.02
C3 GOL BA . -25.94 14.24 9.46
O3 GOL BA . -25.11 15.36 9.03
C1 GOL CA . -25.54 -9.65 18.09
O1 GOL CA . -25.56 -8.48 18.91
C2 GOL CA . -24.87 -10.76 18.91
O2 GOL CA . -25.55 -11.12 20.05
C3 GOL CA . -24.52 -11.93 17.97
O3 GOL CA . -25.68 -12.32 17.28
O1 PG4 DA . -30.92 -13.63 20.40
C1 PG4 DA . -29.62 -13.50 20.96
C2 PG4 DA . -28.58 -13.36 19.90
O2 PG4 DA . -27.78 -12.20 20.16
C3 PG4 DA . -28.54 -11.09 20.61
C4 PG4 DA . -28.34 -9.92 19.69
O3 PG4 DA . -28.60 -8.69 20.36
C5 PG4 DA . -29.76 -8.18 19.70
C6 PG4 DA . -30.39 -7.10 20.51
O4 PG4 DA . -31.72 -7.48 20.80
C7 PG4 DA . -31.66 -8.60 21.67
C8 PG4 DA . -33.03 -9.19 21.83
O5 PG4 DA . -32.95 -10.60 21.67
C1 NAG EA . 42.75 35.07 -41.50
C2 NAG EA . 42.21 34.96 -42.91
C3 NAG EA . 43.19 35.57 -43.92
C4 NAG EA . 43.52 37.00 -43.51
C5 NAG EA . 44.00 37.06 -42.07
C6 NAG EA . 44.18 38.48 -41.58
C7 NAG EA . 40.72 33.19 -43.70
C8 NAG EA . 40.57 31.73 -44.03
N2 NAG EA . 41.92 33.57 -43.27
O3 NAG EA . 42.55 35.59 -45.19
O4 NAG EA . 44.52 37.51 -44.39
O5 NAG EA . 43.04 36.46 -41.20
O6 NAG EA . 44.99 38.53 -40.42
O7 NAG EA . 39.79 33.99 -43.84
C1 GOL FA . 27.88 17.13 10.93
O1 GOL FA . 27.96 15.84 10.34
C2 GOL FA . 26.73 17.20 11.95
O2 GOL FA . 26.90 16.32 12.99
C3 GOL FA . 26.60 18.67 12.40
O3 GOL FA . 27.25 18.84 13.63
C1 GOL GA . 23.90 31.73 -15.18
C1 GOL GA . 23.86 31.61 -15.12
O1 GOL GA . 22.70 32.38 -15.41
O1 GOL GA . 22.88 32.46 -15.60
C2 GOL GA . 23.79 30.35 -15.87
C2 GOL GA . 23.65 30.29 -15.85
O2 GOL GA . 22.62 29.68 -15.52
O2 GOL GA . 22.33 29.81 -15.69
C3 GOL GA . 25.08 29.60 -15.48
C3 GOL GA . 24.75 29.34 -15.32
O3 GOL GA . 24.84 28.24 -15.63
O3 GOL GA . 25.82 30.14 -14.86
C1 NAG HA . 48.17 32.32 2.45
C2 NAG HA . 48.34 33.49 3.41
C3 NAG HA . 49.63 34.25 3.12
C4 NAG HA . 50.83 33.31 3.05
C5 NAG HA . 50.56 32.17 2.09
C6 NAG HA . 51.66 31.13 2.10
C7 NAG HA . 46.23 34.42 4.27
C8 NAG HA . 45.13 35.41 4.02
N2 NAG HA . 47.20 34.38 3.34
O3 NAG HA . 49.82 35.23 4.13
O4 NAG HA . 51.96 34.03 2.58
O5 NAG HA . 49.35 31.49 2.48
O6 NAG HA . 51.75 30.46 0.85
O7 NAG HA . 46.24 33.68 5.25
C1 PEG IA . 28.55 34.20 -10.68
O1 PEG IA . 28.13 33.20 -9.75
C2 PEG IA . 29.88 33.87 -11.29
O2 PEG IA . 30.92 34.51 -10.56
C3 PEG IA . 31.55 35.56 -11.28
C4 PEG IA . 32.31 36.44 -10.33
O4 PEG IA . 31.88 37.79 -10.41
C1 NAG JA . -9.86 19.00 17.56
C2 NAG JA . -9.42 18.07 18.71
C3 NAG JA . -10.43 18.11 19.86
C4 NAG JA . -10.70 19.54 20.29
C5 NAG JA . -11.19 20.34 19.09
C6 NAG JA . -11.49 21.78 19.41
C7 NAG JA . -8.14 15.99 18.36
C8 NAG JA . -8.18 14.60 17.77
N2 NAG JA . -9.26 16.71 18.22
O3 NAG JA . -9.92 17.36 20.95
O4 NAG JA . -11.70 19.58 21.32
O5 NAG JA . -10.16 20.32 18.09
O6 NAG JA . -10.41 22.39 20.11
O7 NAG JA . -7.14 16.43 18.94
C1 GOL KA . 6.71 35.84 -35.92
O1 GOL KA . 6.39 36.95 -36.73
C2 GOL KA . 5.98 34.64 -36.54
O2 GOL KA . 6.65 34.18 -37.65
C3 GOL KA . 5.91 33.58 -35.40
O3 GOL KA . 5.10 32.53 -35.82
C1 NAG LA . -12.87 44.10 -18.79
C2 NAG LA . -12.81 45.61 -18.95
C3 NAG LA . -14.00 46.26 -18.26
C4 NAG LA . -15.31 45.68 -18.77
C5 NAG LA . -15.29 44.16 -18.61
C6 NAG LA . -16.50 43.49 -19.21
C7 NAG LA . -10.50 46.43 -19.21
C8 NAG LA . -9.30 47.00 -18.50
N2 NAG LA . -11.56 46.15 -18.44
O3 NAG LA . -13.97 47.67 -18.46
O4 NAG LA . -16.40 46.23 -18.05
O5 NAG LA . -14.15 43.61 -19.26
O6 NAG LA . -16.75 42.22 -18.61
O7 NAG LA . -10.51 46.22 -20.42
C1 GOL MA . 8.43 28.49 -6.87
O1 GOL MA . 8.43 27.25 -7.52
C2 GOL MA . 9.87 29.01 -6.97
O2 GOL MA . 10.24 29.78 -5.86
C3 GOL MA . 10.69 27.73 -7.06
O3 GOL MA . 11.98 28.02 -6.73
C1 GOL NA . -13.36 37.89 -9.17
O1 GOL NA . -12.43 38.93 -8.92
C2 GOL NA . -14.63 38.20 -8.34
O2 GOL NA . -15.80 38.31 -9.10
C3 GOL NA . -14.32 39.49 -7.57
O3 GOL NA . -15.55 39.91 -7.04
C1 GOL OA . 2.40 29.46 -45.37
O1 GOL OA . 2.31 29.69 -46.75
C2 GOL OA . 2.16 27.93 -45.11
O2 GOL OA . 1.70 27.66 -43.82
C3 GOL OA . 1.17 27.42 -46.16
O3 GOL OA . 0.70 26.18 -45.69
O1 PG4 PA . 7.08 40.70 -8.93
C1 PG4 PA . 7.07 39.28 -8.85
C2 PG4 PA . 8.21 38.67 -9.62
O2 PG4 PA . 8.35 37.30 -9.25
C3 PG4 PA . 7.87 36.40 -10.24
C4 PG4 PA . 7.31 35.17 -9.60
O3 PG4 PA . 5.90 35.30 -9.45
C5 PG4 PA . 5.51 34.52 -8.32
C6 PG4 PA . 4.08 34.77 -7.96
O4 PG4 PA . 4.02 35.91 -7.10
C7 PG4 PA . 2.66 36.28 -6.94
C8 PG4 PA . 2.62 37.72 -6.55
O5 PG4 PA . 3.33 38.48 -7.53
#